data_1DGN
#
_entry.id   1DGN
#
_cell.length_a   1.000
_cell.length_b   1.000
_cell.length_c   1.000
_cell.angle_alpha   90.00
_cell.angle_beta   90.00
_cell.angle_gamma   90.00
#
_symmetry.space_group_name_H-M   'P 1'
#
_entity_poly.entity_id   1
_entity_poly.type   'polypeptide(L)'
_entity_poly.pdbx_seq_one_letter_code
;ADQLLRKKRRIFIHSVGAGTINALLDCLLEDEVISQEDMNKVRDENDTVMDKARVLIDLVTGKGPKSCCKFIKHLCEEDP
QLASKMGLH
;
_entity_poly.pdbx_strand_id   A
#
# COMPACT_ATOMS: atom_id res chain seq x y z
N ALA A 1 0.21 -18.24 -7.34
CA ALA A 1 -0.32 -17.36 -8.39
C ALA A 1 -0.94 -16.11 -7.79
N ASP A 2 -0.30 -15.56 -6.76
CA ASP A 2 -0.80 -14.35 -6.11
C ASP A 2 0.29 -13.71 -5.27
N GLN A 3 1.13 -12.90 -5.91
CA GLN A 3 2.22 -12.20 -5.23
C GLN A 3 2.60 -10.95 -6.00
N LEU A 4 1.59 -10.20 -6.42
CA LEU A 4 1.81 -8.96 -7.17
C LEU A 4 2.74 -8.03 -6.40
N LEU A 5 2.32 -7.63 -5.20
CA LEU A 5 3.12 -6.74 -4.36
C LEU A 5 4.57 -7.20 -4.29
N ARG A 6 4.77 -8.43 -3.85
CA ARG A 6 6.11 -9.01 -3.72
C ARG A 6 7.02 -8.57 -4.86
N LYS A 7 6.74 -9.05 -6.06
CA LYS A 7 7.54 -8.70 -7.23
C LYS A 7 7.56 -7.18 -7.43
N LYS A 8 6.39 -6.56 -7.27
CA LYS A 8 6.25 -5.11 -7.42
C LYS A 8 6.54 -4.38 -6.11
N ARG A 9 7.33 -5.02 -5.25
CA ARG A 9 7.70 -4.42 -3.97
C ARG A 9 8.75 -3.33 -4.16
N ARG A 10 9.60 -3.51 -5.16
CA ARG A 10 10.67 -2.56 -5.44
C ARG A 10 10.13 -1.32 -6.15
N ILE A 11 9.04 -1.49 -6.89
CA ILE A 11 8.42 -0.38 -7.62
C ILE A 11 7.65 0.54 -6.66
N PHE A 12 6.54 0.05 -6.15
CA PHE A 12 5.70 0.83 -5.24
C PHE A 12 6.54 1.50 -4.14
N ILE A 13 7.44 0.74 -3.54
CA ILE A 13 8.28 1.28 -2.46
C ILE A 13 9.16 2.43 -2.95
N HIS A 14 9.89 2.20 -4.04
CA HIS A 14 10.80 3.22 -4.61
C HIS A 14 10.06 4.11 -5.61
N SER A 15 8.94 4.68 -5.19
CA SER A 15 8.16 5.54 -6.07
C SER A 15 7.04 6.24 -5.30
N VAL A 16 6.22 5.46 -4.60
CA VAL A 16 5.11 6.01 -3.84
C VAL A 16 5.51 7.29 -3.10
N GLY A 17 4.77 8.37 -3.36
CA GLY A 17 5.05 9.64 -2.71
C GLY A 17 4.50 9.70 -1.30
N ALA A 18 5.23 10.37 -0.41
CA ALA A 18 4.82 10.50 0.98
C ALA A 18 3.35 10.92 1.07
N GLY A 19 2.84 11.52 0.01
CA GLY A 19 1.46 11.96 0.00
C GLY A 19 0.49 10.82 -0.18
N THR A 20 0.58 10.14 -1.32
CA THR A 20 -0.30 9.01 -1.63
C THR A 20 -0.40 8.08 -0.43
N ILE A 21 0.70 7.89 0.28
CA ILE A 21 0.72 7.01 1.44
C ILE A 21 -0.37 7.39 2.46
N ASN A 22 -0.42 8.66 2.82
CA ASN A 22 -1.42 9.14 3.76
C ASN A 22 -2.83 8.87 3.27
N ALA A 23 -3.05 9.07 1.98
CA ALA A 23 -4.35 8.86 1.37
C ALA A 23 -4.64 7.37 1.18
N LEU A 24 -3.58 6.58 1.05
CA LEU A 24 -3.72 5.14 0.85
C LEU A 24 -4.09 4.43 2.15
N LEU A 25 -3.26 4.59 3.17
CA LEU A 25 -3.52 3.95 4.46
C LEU A 25 -4.88 4.37 5.01
N ASP A 26 -5.27 5.59 4.70
CA ASP A 26 -6.55 6.12 5.16
C ASP A 26 -7.70 5.32 4.56
N CYS A 27 -7.60 5.02 3.27
CA CYS A 27 -8.62 4.25 2.57
C CYS A 27 -8.74 2.84 3.15
N LEU A 28 -7.60 2.22 3.43
CA LEU A 28 -7.58 0.88 3.99
C LEU A 28 -8.48 0.79 5.22
N LEU A 29 -8.35 1.76 6.12
CA LEU A 29 -9.15 1.79 7.33
C LEU A 29 -10.64 1.78 6.98
N GLU A 30 -11.01 2.57 5.98
CA GLU A 30 -12.41 2.64 5.54
C GLU A 30 -12.97 1.24 5.32
N ASP A 31 -12.18 0.38 4.67
CA ASP A 31 -12.59 -0.99 4.40
C ASP A 31 -12.48 -1.84 5.67
N GLU A 32 -11.69 -1.36 6.62
CA GLU A 32 -11.49 -2.07 7.89
C GLU A 32 -10.73 -3.38 7.66
N VAL A 33 -9.89 -3.41 6.63
CA VAL A 33 -9.11 -4.59 6.33
C VAL A 33 -8.03 -4.83 7.38
N ILE A 34 -7.40 -3.74 7.84
CA ILE A 34 -6.36 -3.82 8.87
C ILE A 34 -6.98 -3.74 10.27
N SER A 35 -6.14 -3.58 11.30
CA SER A 35 -6.60 -3.50 12.69
C SER A 35 -5.83 -2.43 13.45
N GLN A 36 -6.43 -1.93 14.53
CA GLN A 36 -5.79 -0.90 15.34
C GLN A 36 -4.33 -1.25 15.61
N GLU A 37 -4.03 -2.54 15.59
CA GLU A 37 -2.67 -3.00 15.83
C GLU A 37 -1.76 -2.64 14.66
N ASP A 38 -2.19 -3.00 13.46
CA ASP A 38 -1.42 -2.69 12.25
C ASP A 38 -1.40 -1.19 12.00
N MET A 39 -2.57 -0.57 12.06
CA MET A 39 -2.69 0.87 11.85
C MET A 39 -1.64 1.61 12.66
N ASN A 40 -1.34 1.06 13.84
CA ASN A 40 -0.35 1.66 14.72
C ASN A 40 1.06 1.45 14.18
N LYS A 41 1.30 0.30 13.55
CA LYS A 41 2.60 -0.01 13.00
C LYS A 41 3.09 1.13 12.09
N VAL A 42 2.25 1.51 11.13
CA VAL A 42 2.60 2.57 10.19
C VAL A 42 2.64 3.93 10.87
N ARG A 43 1.63 4.21 11.69
CA ARG A 43 1.54 5.49 12.39
C ARG A 43 2.83 5.76 13.16
N ASP A 44 3.46 4.68 13.62
CA ASP A 44 4.71 4.81 14.37
C ASP A 44 5.71 5.67 13.61
N GLU A 45 5.58 5.70 12.28
CA GLU A 45 6.46 6.49 11.44
C GLU A 45 7.92 6.19 11.76
N ASN A 46 8.53 5.32 10.95
CA ASN A 46 9.93 4.94 11.14
C ASN A 46 10.86 6.04 10.66
N ASP A 47 10.94 6.23 9.34
CA ASP A 47 11.80 7.25 8.76
C ASP A 47 11.36 7.57 7.33
N THR A 48 12.34 7.79 6.47
CA THR A 48 12.07 8.11 5.07
C THR A 48 10.96 7.23 4.51
N VAL A 49 10.34 7.70 3.43
CA VAL A 49 9.26 6.98 2.78
C VAL A 49 9.64 5.51 2.59
N MET A 50 10.88 5.27 2.18
CA MET A 50 11.36 3.91 1.97
C MET A 50 10.95 2.98 3.11
N ASP A 51 10.91 3.54 4.32
CA ASP A 51 10.54 2.78 5.51
C ASP A 51 9.02 2.72 5.70
N LYS A 52 8.38 3.87 5.64
CA LYS A 52 6.93 3.95 5.82
C LYS A 52 6.19 3.15 4.74
N ALA A 53 6.84 2.95 3.60
CA ALA A 53 6.25 2.21 2.49
C ALA A 53 6.40 0.70 2.71
N ARG A 54 7.62 0.25 2.91
CA ARG A 54 7.90 -1.17 3.13
C ARG A 54 6.90 -1.79 4.10
N VAL A 55 6.56 -1.06 5.15
CA VAL A 55 5.62 -1.55 6.15
C VAL A 55 4.18 -1.51 5.65
N LEU A 56 3.82 -0.43 4.96
CA LEU A 56 2.47 -0.28 4.42
C LEU A 56 2.16 -1.36 3.38
N ILE A 57 3.06 -1.53 2.42
CA ILE A 57 2.88 -2.53 1.37
C ILE A 57 2.84 -3.94 1.95
N ASP A 58 3.64 -4.17 2.99
CA ASP A 58 3.70 -5.48 3.62
C ASP A 58 2.43 -5.77 4.41
N LEU A 59 2.13 -4.92 5.39
CA LEU A 59 0.94 -5.08 6.23
C LEU A 59 -0.27 -5.50 5.39
N VAL A 60 -0.41 -4.89 4.22
CA VAL A 60 -1.52 -5.20 3.33
C VAL A 60 -1.49 -6.67 2.92
N THR A 61 -0.48 -7.02 2.11
CA THR A 61 -0.33 -8.39 1.65
C THR A 61 -0.55 -9.39 2.77
N GLY A 62 -0.13 -9.03 3.98
CA GLY A 62 -0.30 -9.89 5.13
C GLY A 62 -1.74 -10.33 5.32
N LYS A 63 -2.66 -9.41 5.09
CA LYS A 63 -4.09 -9.70 5.24
C LYS A 63 -4.60 -10.52 4.07
N GLY A 64 -3.71 -11.30 3.46
CA GLY A 64 -4.08 -12.12 2.32
C GLY A 64 -4.19 -11.32 1.04
N PRO A 65 -4.39 -12.00 -0.10
CA PRO A 65 -4.50 -11.34 -1.41
C PRO A 65 -5.86 -10.64 -1.57
N LYS A 66 -6.77 -10.91 -0.64
CA LYS A 66 -8.10 -10.30 -0.68
C LYS A 66 -7.98 -8.78 -0.59
N SER A 67 -6.94 -8.32 0.10
CA SER A 67 -6.71 -6.89 0.28
C SER A 67 -6.08 -6.28 -0.96
N CYS A 68 -5.13 -6.99 -1.56
CA CYS A 68 -4.45 -6.51 -2.76
C CYS A 68 -5.42 -5.87 -3.74
N CYS A 69 -6.64 -6.43 -3.81
CA CYS A 69 -7.66 -5.92 -4.71
C CYS A 69 -7.95 -4.45 -4.43
N LYS A 70 -8.49 -4.17 -3.26
CA LYS A 70 -8.83 -2.80 -2.87
C LYS A 70 -7.61 -1.90 -2.95
N PHE A 71 -6.44 -2.46 -2.68
CA PHE A 71 -5.19 -1.71 -2.71
C PHE A 71 -4.92 -1.15 -4.09
N ILE A 72 -4.73 -2.03 -5.07
CA ILE A 72 -4.47 -1.62 -6.44
C ILE A 72 -5.53 -0.66 -6.95
N LYS A 73 -6.77 -0.87 -6.51
CA LYS A 73 -7.89 -0.02 -6.93
C LYS A 73 -7.76 1.38 -6.35
N HIS A 74 -7.71 1.48 -5.02
CA HIS A 74 -7.60 2.77 -4.37
C HIS A 74 -6.37 3.54 -4.85
N LEU A 75 -5.28 2.81 -5.09
CA LEU A 75 -4.04 3.42 -5.56
C LEU A 75 -4.22 4.05 -6.94
N CYS A 76 -4.99 3.39 -7.80
CA CYS A 76 -5.24 3.89 -9.15
C CYS A 76 -5.84 5.28 -9.14
N GLU A 77 -6.83 5.49 -8.27
CA GLU A 77 -7.50 6.78 -8.18
C GLU A 77 -6.65 7.80 -7.42
N GLU A 78 -5.77 7.32 -6.54
CA GLU A 78 -4.91 8.20 -5.75
C GLU A 78 -3.69 8.66 -6.56
N ASP A 79 -3.20 7.78 -7.45
CA ASP A 79 -2.03 8.07 -8.28
C ASP A 79 -2.11 7.33 -9.62
N PRO A 80 -2.44 8.01 -10.76
CA PRO A 80 -2.54 7.33 -12.05
C PRO A 80 -1.16 7.17 -12.70
N GLN A 81 -0.17 7.90 -12.19
CA GLN A 81 1.18 7.83 -12.71
C GLN A 81 1.85 6.53 -12.29
N LEU A 82 2.07 6.38 -10.98
CA LEU A 82 2.68 5.18 -10.45
C LEU A 82 1.82 3.96 -10.76
N ALA A 83 0.51 4.12 -10.58
CA ALA A 83 -0.43 3.03 -10.84
C ALA A 83 -0.29 2.54 -12.27
N SER A 84 0.54 3.23 -13.06
CA SER A 84 0.76 2.84 -14.44
C SER A 84 1.47 1.49 -14.51
N LYS A 85 2.49 1.33 -13.68
CA LYS A 85 3.25 0.08 -13.62
C LYS A 85 2.50 -0.96 -12.80
N MET A 86 1.29 -0.59 -12.36
CA MET A 86 0.43 -1.47 -11.54
C MET A 86 -1.01 -1.42 -12.06
N GLY A 87 -1.19 -0.79 -13.22
CA GLY A 87 -2.51 -0.67 -13.83
C GLY A 87 -2.78 -1.79 -14.81
N LEU A 88 -2.34 -3.00 -14.44
CA LEU A 88 -2.50 -4.19 -15.29
C LEU A 88 -3.79 -4.14 -16.11
N HIS A 89 -4.82 -3.54 -15.54
CA HIS A 89 -6.11 -3.42 -16.23
C HIS A 89 -7.05 -2.50 -15.46
N ALA A 1 -0.08 -17.67 -7.78
CA ALA A 1 -0.65 -16.83 -8.81
C ALA A 1 -1.29 -15.58 -8.21
N ASP A 2 -0.71 -15.11 -7.11
CA ASP A 2 -1.22 -13.92 -6.43
C ASP A 2 -0.15 -13.32 -5.51
N GLN A 3 0.77 -12.56 -6.10
CA GLN A 3 1.86 -11.92 -5.35
C GLN A 3 2.29 -10.64 -6.04
N LEU A 4 1.33 -9.97 -6.69
CA LEU A 4 1.61 -8.73 -7.39
C LEU A 4 2.50 -7.82 -6.56
N LEU A 5 2.16 -7.67 -5.28
CA LEU A 5 2.94 -6.82 -4.38
C LEU A 5 4.41 -7.25 -4.37
N ARG A 6 4.67 -8.46 -3.91
CA ARG A 6 6.02 -8.99 -3.83
C ARG A 6 6.85 -8.58 -5.05
N LYS A 7 6.33 -8.86 -6.24
CA LYS A 7 7.03 -8.52 -7.47
C LYS A 7 7.16 -7.00 -7.63
N LYS A 8 6.04 -6.31 -7.48
CA LYS A 8 6.01 -4.85 -7.60
C LYS A 8 6.42 -4.17 -6.29
N ARG A 9 7.05 -4.94 -5.41
CA ARG A 9 7.49 -4.43 -4.12
C ARG A 9 8.60 -3.40 -4.30
N ARG A 10 9.47 -3.62 -5.27
CA ARG A 10 10.57 -2.70 -5.54
C ARG A 10 10.08 -1.45 -6.29
N ILE A 11 9.02 -1.61 -7.07
CA ILE A 11 8.46 -0.50 -7.82
C ILE A 11 7.65 0.43 -6.92
N PHE A 12 6.65 -0.12 -6.25
CA PHE A 12 5.80 0.66 -5.36
C PHE A 12 6.63 1.33 -4.26
N ILE A 13 7.38 0.53 -3.51
CA ILE A 13 8.21 1.06 -2.44
C ILE A 13 9.03 2.26 -2.90
N HIS A 14 9.73 2.10 -4.03
CA HIS A 14 10.56 3.17 -4.60
C HIS A 14 9.77 4.01 -5.60
N SER A 15 8.65 4.55 -5.16
CA SER A 15 7.81 5.37 -6.03
C SER A 15 6.75 6.14 -5.23
N VAL A 16 5.97 5.40 -4.44
CA VAL A 16 4.92 6.01 -3.63
C VAL A 16 5.41 7.30 -2.97
N GLY A 17 4.71 8.40 -3.25
CA GLY A 17 5.07 9.69 -2.68
C GLY A 17 4.54 9.87 -1.27
N ALA A 18 5.33 10.52 -0.42
CA ALA A 18 4.95 10.77 0.97
C ALA A 18 3.49 11.14 1.09
N GLY A 19 2.93 11.73 0.04
CA GLY A 19 1.54 12.12 0.05
C GLY A 19 0.59 10.95 -0.13
N THR A 20 0.69 10.28 -1.27
CA THR A 20 -0.16 9.14 -1.57
C THR A 20 -0.25 8.19 -0.37
N ILE A 21 0.85 8.07 0.36
CA ILE A 21 0.91 7.19 1.51
C ILE A 21 -0.22 7.48 2.50
N ASN A 22 -0.35 8.74 2.90
CA ASN A 22 -1.39 9.14 3.84
C ASN A 22 -2.78 8.85 3.29
N ALA A 23 -2.97 9.12 2.00
CA ALA A 23 -4.26 8.91 1.36
C ALA A 23 -4.54 7.44 1.12
N LEU A 24 -3.47 6.65 0.99
CA LEU A 24 -3.59 5.22 0.75
C LEU A 24 -4.02 4.49 2.02
N LEU A 25 -3.23 4.60 3.07
CA LEU A 25 -3.53 3.93 4.33
C LEU A 25 -4.91 4.34 4.84
N ASP A 26 -5.31 5.57 4.54
CA ASP A 26 -6.60 6.08 4.96
C ASP A 26 -7.73 5.24 4.35
N CYS A 27 -7.65 5.02 3.05
CA CYS A 27 -8.66 4.23 2.35
C CYS A 27 -8.77 2.82 2.93
N LEU A 28 -7.61 2.21 3.20
CA LEU A 28 -7.57 0.87 3.75
C LEU A 28 -8.51 0.76 4.96
N LEU A 29 -8.47 1.76 5.84
CA LEU A 29 -9.32 1.78 7.02
C LEU A 29 -10.78 1.75 6.62
N GLU A 30 -11.13 2.53 5.59
CA GLU A 30 -12.50 2.59 5.12
C GLU A 30 -13.07 1.19 4.96
N ASP A 31 -12.25 0.28 4.43
CA ASP A 31 -12.65 -1.12 4.23
C ASP A 31 -12.47 -1.90 5.53
N GLU A 32 -11.68 -1.35 6.44
CA GLU A 32 -11.42 -1.98 7.72
C GLU A 32 -10.65 -3.29 7.55
N VAL A 33 -9.71 -3.30 6.60
CA VAL A 33 -8.92 -4.49 6.33
C VAL A 33 -7.80 -4.66 7.37
N ILE A 34 -7.18 -3.55 7.77
CA ILE A 34 -6.11 -3.58 8.77
C ILE A 34 -6.67 -3.43 10.18
N SER A 35 -5.93 -3.93 11.17
CA SER A 35 -6.34 -3.86 12.58
C SER A 35 -5.72 -2.65 13.26
N GLN A 36 -6.45 -2.07 14.20
CA GLN A 36 -5.97 -0.89 14.93
C GLN A 36 -4.50 -1.04 15.30
N GLU A 37 -4.09 -2.28 15.56
CA GLU A 37 -2.70 -2.55 15.91
C GLU A 37 -1.79 -2.33 14.70
N ASP A 38 -2.25 -2.77 13.54
CA ASP A 38 -1.48 -2.61 12.31
C ASP A 38 -1.38 -1.13 11.94
N MET A 39 -2.52 -0.44 11.94
CA MET A 39 -2.54 0.98 11.62
C MET A 39 -1.45 1.70 12.42
N ASN A 40 -1.20 1.22 13.63
CA ASN A 40 -0.19 1.81 14.49
C ASN A 40 1.21 1.53 13.94
N LYS A 41 1.39 0.35 13.36
CA LYS A 41 2.68 -0.02 12.79
C LYS A 41 3.16 1.05 11.81
N VAL A 42 2.26 1.49 10.94
CA VAL A 42 2.58 2.53 9.96
C VAL A 42 2.68 3.90 10.63
N ARG A 43 1.63 4.27 11.35
CA ARG A 43 1.59 5.56 12.04
C ARG A 43 2.75 5.68 13.01
N ASP A 44 3.45 4.59 13.24
CA ASP A 44 4.58 4.57 14.16
C ASP A 44 5.67 5.55 13.69
N GLU A 45 5.60 5.91 12.41
CA GLU A 45 6.57 6.83 11.83
C GLU A 45 8.00 6.37 12.11
N ASN A 46 8.46 5.41 11.31
CA ASN A 46 9.81 4.88 11.47
C ASN A 46 10.85 5.86 10.96
N ASP A 47 10.80 6.16 9.65
CA ASP A 47 11.74 7.08 9.03
C ASP A 47 11.20 7.60 7.71
N THR A 48 12.09 7.74 6.74
CA THR A 48 11.71 8.23 5.42
C THR A 48 10.67 7.33 4.76
N VAL A 49 10.19 7.75 3.59
CA VAL A 49 9.19 6.99 2.86
C VAL A 49 9.63 5.54 2.66
N MET A 50 10.93 5.32 2.53
CA MET A 50 11.45 3.97 2.33
C MET A 50 10.89 3.01 3.38
N ASP A 51 10.85 3.45 4.63
CA ASP A 51 10.34 2.62 5.72
C ASP A 51 8.81 2.63 5.78
N LYS A 52 8.22 3.82 5.60
CA LYS A 52 6.77 3.95 5.63
C LYS A 52 6.11 3.09 4.58
N ALA A 53 6.75 2.97 3.42
CA ALA A 53 6.22 2.17 2.32
C ALA A 53 6.49 0.69 2.53
N ARG A 54 7.72 0.36 2.94
CA ARG A 54 8.09 -1.03 3.18
C ARG A 54 7.09 -1.71 4.09
N VAL A 55 6.68 -1.02 5.15
CA VAL A 55 5.72 -1.57 6.11
C VAL A 55 4.29 -1.51 5.56
N LEU A 56 3.92 -0.36 5.01
CA LEU A 56 2.58 -0.19 4.46
C LEU A 56 2.24 -1.29 3.46
N ILE A 57 3.12 -1.50 2.49
CA ILE A 57 2.92 -2.52 1.48
C ILE A 57 2.94 -3.92 2.09
N ASP A 58 3.73 -4.09 3.15
CA ASP A 58 3.85 -5.38 3.81
C ASP A 58 2.56 -5.76 4.54
N LEU A 59 2.05 -4.84 5.36
CA LEU A 59 0.82 -5.08 6.11
C LEU A 59 -0.29 -5.59 5.19
N VAL A 60 -0.50 -4.89 4.08
CA VAL A 60 -1.54 -5.26 3.12
C VAL A 60 -1.43 -6.74 2.76
N THR A 61 -0.27 -7.12 2.22
CA THR A 61 -0.05 -8.51 1.82
C THR A 61 -0.25 -9.46 3.00
N GLY A 62 -0.02 -8.96 4.21
CA GLY A 62 -0.18 -9.78 5.39
C GLY A 62 -1.62 -10.21 5.61
N LYS A 63 -2.55 -9.29 5.35
CA LYS A 63 -3.97 -9.57 5.51
C LYS A 63 -4.50 -10.40 4.34
N GLY A 64 -3.61 -11.20 3.76
CA GLY A 64 -4.00 -12.04 2.63
C GLY A 64 -4.07 -11.27 1.32
N PRO A 65 -4.24 -11.98 0.20
CA PRO A 65 -4.31 -11.35 -1.13
C PRO A 65 -5.67 -10.67 -1.35
N LYS A 66 -6.61 -10.93 -0.46
CA LYS A 66 -7.94 -10.35 -0.56
C LYS A 66 -7.85 -8.82 -0.53
N SER A 67 -6.83 -8.32 0.14
CA SER A 67 -6.60 -6.88 0.26
C SER A 67 -6.01 -6.31 -1.02
N CYS A 68 -5.14 -7.08 -1.66
CA CYS A 68 -4.48 -6.64 -2.89
C CYS A 68 -5.48 -5.99 -3.85
N CYS A 69 -6.64 -6.62 -4.02
CA CYS A 69 -7.67 -6.11 -4.91
C CYS A 69 -8.03 -4.66 -4.57
N LYS A 70 -8.40 -4.42 -3.31
CA LYS A 70 -8.77 -3.09 -2.87
C LYS A 70 -7.57 -2.15 -2.83
N PHE A 71 -6.37 -2.73 -2.82
CA PHE A 71 -5.14 -1.95 -2.79
C PHE A 71 -4.84 -1.33 -4.14
N ILE A 72 -4.81 -2.16 -5.17
CA ILE A 72 -4.54 -1.70 -6.54
C ILE A 72 -5.58 -0.70 -7.00
N LYS A 73 -6.84 -0.93 -6.62
CA LYS A 73 -7.93 -0.04 -7.01
C LYS A 73 -7.79 1.34 -6.36
N HIS A 74 -7.56 1.34 -5.05
CA HIS A 74 -7.41 2.59 -4.31
C HIS A 74 -6.18 3.36 -4.77
N LEU A 75 -5.05 2.66 -4.89
CA LEU A 75 -3.81 3.28 -5.33
C LEU A 75 -3.97 3.95 -6.69
N CYS A 76 -4.79 3.36 -7.54
CA CYS A 76 -5.02 3.90 -8.88
C CYS A 76 -5.62 5.30 -8.83
N GLU A 77 -6.70 5.45 -8.09
CA GLU A 77 -7.38 6.74 -7.97
C GLU A 77 -6.55 7.73 -7.14
N GLU A 78 -5.61 7.21 -6.36
CA GLU A 78 -4.75 8.05 -5.51
C GLU A 78 -3.47 8.46 -6.25
N ASP A 79 -3.01 7.60 -7.16
CA ASP A 79 -1.80 7.85 -7.94
C ASP A 79 -1.89 7.17 -9.32
N PRO A 80 -2.24 7.90 -10.40
CA PRO A 80 -2.34 7.29 -11.74
C PRO A 80 -0.98 7.17 -12.42
N GLN A 81 0.01 7.90 -11.89
CA GLN A 81 1.36 7.86 -12.45
C GLN A 81 2.02 6.52 -12.14
N LEU A 82 2.21 6.24 -10.87
CA LEU A 82 2.82 5.00 -10.44
C LEU A 82 1.92 3.82 -10.80
N ALA A 83 0.64 3.95 -10.46
CA ALA A 83 -0.33 2.89 -10.75
C ALA A 83 -0.30 2.51 -12.23
N SER A 84 0.35 3.36 -13.03
CA SER A 84 0.46 3.11 -14.45
C SER A 84 1.06 1.73 -14.69
N LYS A 85 1.98 1.35 -13.80
CA LYS A 85 2.65 0.05 -13.87
C LYS A 85 1.82 -1.00 -13.14
N MET A 86 1.18 -0.59 -12.03
CA MET A 86 0.35 -1.46 -11.21
C MET A 86 -1.12 -1.39 -11.66
N GLY A 87 -1.34 -0.88 -12.87
CA GLY A 87 -2.68 -0.73 -13.44
C GLY A 87 -2.91 -1.66 -14.61
N LEU A 88 -2.56 -2.94 -14.42
CA LEU A 88 -2.70 -3.97 -15.46
C LEU A 88 -3.93 -3.71 -16.34
N HIS A 89 -5.00 -3.19 -15.73
CA HIS A 89 -6.23 -2.91 -16.46
C HIS A 89 -6.11 -1.61 -17.25
N ALA A 1 0.76 -17.70 -8.90
CA ALA A 1 0.72 -16.61 -9.85
C ALA A 1 -0.15 -15.46 -9.33
N ASP A 2 0.17 -14.98 -8.14
CA ASP A 2 -0.57 -13.88 -7.53
C ASP A 2 0.21 -13.25 -6.39
N GLN A 3 1.17 -12.41 -6.73
CA GLN A 3 2.01 -11.71 -5.75
C GLN A 3 2.47 -10.37 -6.31
N LEU A 4 1.55 -9.67 -6.96
CA LEU A 4 1.85 -8.36 -7.56
C LEU A 4 2.72 -7.52 -6.64
N LEU A 5 2.25 -7.29 -5.42
CA LEU A 5 3.00 -6.47 -4.47
C LEU A 5 4.45 -6.98 -4.32
N ARG A 6 4.59 -8.22 -3.87
CA ARG A 6 5.91 -8.83 -3.67
C ARG A 6 6.88 -8.44 -4.79
N LYS A 7 6.58 -8.87 -6.01
CA LYS A 7 7.43 -8.59 -7.15
C LYS A 7 7.54 -7.08 -7.41
N LYS A 8 6.42 -6.39 -7.28
CA LYS A 8 6.36 -4.93 -7.50
C LYS A 8 6.75 -4.18 -6.23
N ARG A 9 7.31 -4.90 -5.26
CA ARG A 9 7.73 -4.29 -4.00
C ARG A 9 8.77 -3.19 -4.24
N ARG A 10 9.78 -3.52 -5.04
CA ARG A 10 10.85 -2.57 -5.34
C ARG A 10 10.30 -1.32 -6.02
N ILE A 11 9.18 -1.47 -6.70
CA ILE A 11 8.55 -0.36 -7.41
C ILE A 11 7.87 0.60 -6.44
N PHE A 12 6.72 0.16 -5.90
CA PHE A 12 5.96 0.98 -4.97
C PHE A 12 6.86 1.63 -3.93
N ILE A 13 7.65 0.81 -3.25
CA ILE A 13 8.54 1.30 -2.20
C ILE A 13 9.40 2.47 -2.70
N HIS A 14 10.05 2.27 -3.86
CA HIS A 14 10.91 3.31 -4.46
C HIS A 14 10.16 4.10 -5.53
N SER A 15 9.00 4.63 -5.16
CA SER A 15 8.18 5.41 -6.08
C SER A 15 7.08 6.16 -5.36
N VAL A 16 6.25 5.42 -4.62
CA VAL A 16 5.15 6.01 -3.88
C VAL A 16 5.57 7.31 -3.19
N GLY A 17 4.81 8.37 -3.43
CA GLY A 17 5.11 9.66 -2.83
C GLY A 17 4.59 9.78 -1.41
N ALA A 18 5.37 10.40 -0.54
CA ALA A 18 4.99 10.58 0.86
C ALA A 18 3.52 10.97 0.98
N GLY A 19 2.99 11.61 -0.05
CA GLY A 19 1.60 12.04 -0.03
C GLY A 19 0.64 10.87 -0.21
N THR A 20 0.72 10.22 -1.37
CA THR A 20 -0.15 9.08 -1.66
C THR A 20 -0.25 8.14 -0.47
N ILE A 21 0.84 7.98 0.27
CA ILE A 21 0.86 7.10 1.42
C ILE A 21 -0.24 7.48 2.42
N ASN A 22 -0.35 8.77 2.74
CA ASN A 22 -1.36 9.24 3.68
C ASN A 22 -2.76 8.96 3.16
N ALA A 23 -2.96 9.15 1.86
CA ALA A 23 -4.26 8.92 1.24
C ALA A 23 -4.54 7.44 1.06
N LEU A 24 -3.49 6.65 0.94
CA LEU A 24 -3.61 5.21 0.74
C LEU A 24 -4.01 4.50 2.03
N LEU A 25 -3.20 4.66 3.08
CA LEU A 25 -3.49 4.02 4.36
C LEU A 25 -4.86 4.44 4.88
N ASP A 26 -5.23 5.69 4.63
CA ASP A 26 -6.53 6.19 5.05
C ASP A 26 -7.65 5.39 4.44
N CYS A 27 -7.53 5.09 3.14
CA CYS A 27 -8.54 4.32 2.43
C CYS A 27 -8.65 2.91 3.02
N LEU A 28 -7.50 2.30 3.31
CA LEU A 28 -7.48 0.96 3.88
C LEU A 28 -8.42 0.87 5.08
N LEU A 29 -8.34 1.84 5.97
CA LEU A 29 -9.20 1.85 7.15
C LEU A 29 -10.66 1.83 6.75
N GLU A 30 -11.00 2.62 5.74
CA GLU A 30 -12.38 2.68 5.25
C GLU A 30 -12.95 1.28 5.09
N ASP A 31 -12.16 0.38 4.51
CA ASP A 31 -12.58 -1.00 4.30
C ASP A 31 -12.42 -1.80 5.59
N GLU A 32 -11.61 -1.27 6.51
CA GLU A 32 -11.37 -1.92 7.79
C GLU A 32 -10.63 -3.24 7.60
N VAL A 33 -9.75 -3.28 6.60
CA VAL A 33 -8.98 -4.49 6.31
C VAL A 33 -7.86 -4.67 7.34
N ILE A 34 -7.20 -3.57 7.70
CA ILE A 34 -6.11 -3.60 8.68
C ILE A 34 -6.66 -3.42 10.10
N SER A 35 -5.90 -3.90 11.09
CA SER A 35 -6.29 -3.81 12.51
C SER A 35 -5.59 -2.65 13.20
N GLN A 36 -6.22 -2.14 14.26
CA GLN A 36 -5.65 -1.02 15.02
C GLN A 36 -4.18 -1.31 15.32
N GLU A 37 -3.82 -2.59 15.38
CA GLU A 37 -2.45 -2.98 15.65
C GLU A 37 -1.57 -2.66 14.46
N ASP A 38 -2.11 -2.88 13.26
CA ASP A 38 -1.39 -2.60 12.03
C ASP A 38 -1.32 -1.10 11.79
N MET A 39 -2.48 -0.45 11.77
CA MET A 39 -2.54 0.99 11.56
C MET A 39 -1.54 1.68 12.48
N ASN A 40 -1.29 1.07 13.62
CA ASN A 40 -0.35 1.61 14.59
C ASN A 40 1.10 1.47 14.09
N LYS A 41 1.39 0.34 13.44
CA LYS A 41 2.74 0.11 12.93
C LYS A 41 3.17 1.24 12.00
N VAL A 42 2.30 1.56 11.03
CA VAL A 42 2.59 2.62 10.08
C VAL A 42 2.54 3.99 10.74
N ARG A 43 1.50 4.23 11.53
CA ARG A 43 1.34 5.50 12.22
C ARG A 43 2.53 5.76 13.15
N ASP A 44 3.22 4.69 13.52
CA ASP A 44 4.39 4.80 14.39
C ASP A 44 5.50 5.60 13.72
N GLU A 45 5.40 5.73 12.40
CA GLU A 45 6.41 6.45 11.63
C GLU A 45 7.81 5.94 11.92
N ASN A 46 8.27 4.99 11.09
CA ASN A 46 9.59 4.41 11.26
C ASN A 46 10.67 5.39 10.81
N ASP A 47 10.61 5.79 9.53
CA ASP A 47 11.57 6.72 8.98
C ASP A 47 11.05 7.35 7.69
N THR A 48 11.93 7.51 6.72
CA THR A 48 11.57 8.10 5.44
C THR A 48 10.52 7.26 4.72
N VAL A 49 10.19 7.65 3.49
CA VAL A 49 9.20 6.95 2.69
C VAL A 49 9.61 5.49 2.47
N MET A 50 10.92 5.25 2.36
CA MET A 50 11.42 3.90 2.13
C MET A 50 10.95 2.94 3.22
N ASP A 51 10.94 3.43 4.46
CA ASP A 51 10.51 2.63 5.61
C ASP A 51 9.00 2.64 5.79
N LYS A 52 8.37 3.77 5.50
CA LYS A 52 6.92 3.89 5.64
C LYS A 52 6.19 3.07 4.58
N ALA A 53 6.77 3.01 3.39
CA ALA A 53 6.17 2.25 2.29
C ALA A 53 6.40 0.76 2.46
N ARG A 54 7.59 0.39 2.93
CA ARG A 54 7.94 -1.00 3.14
C ARG A 54 6.92 -1.68 4.06
N VAL A 55 6.51 -0.97 5.11
CA VAL A 55 5.54 -1.51 6.06
C VAL A 55 4.12 -1.46 5.51
N LEU A 56 3.77 -0.36 4.87
CA LEU A 56 2.44 -0.19 4.31
C LEU A 56 2.15 -1.25 3.25
N ILE A 57 3.08 -1.44 2.32
CA ILE A 57 2.92 -2.42 1.26
C ILE A 57 2.92 -3.85 1.82
N ASP A 58 3.69 -4.08 2.86
CA ASP A 58 3.78 -5.40 3.48
C ASP A 58 2.50 -5.73 4.24
N LEU A 59 2.14 -4.87 5.18
CA LEU A 59 0.93 -5.06 5.98
C LEU A 59 -0.23 -5.52 5.11
N VAL A 60 -0.48 -4.79 4.03
CA VAL A 60 -1.57 -5.13 3.12
C VAL A 60 -1.49 -6.58 2.69
N THR A 61 -0.37 -6.95 2.06
CA THR A 61 -0.18 -8.32 1.60
C THR A 61 -0.31 -9.32 2.75
N GLY A 62 -0.20 -8.82 3.97
CA GLY A 62 -0.32 -9.68 5.13
C GLY A 62 -1.73 -10.17 5.36
N LYS A 63 -2.71 -9.30 5.11
CA LYS A 63 -4.11 -9.66 5.28
C LYS A 63 -4.60 -10.51 4.12
N GLY A 64 -3.69 -11.28 3.53
CA GLY A 64 -4.05 -12.14 2.41
C GLY A 64 -4.14 -11.36 1.10
N PRO A 65 -4.29 -12.08 -0.03
CA PRO A 65 -4.39 -11.46 -1.36
C PRO A 65 -5.75 -10.79 -1.57
N LYS A 66 -6.63 -10.91 -0.57
CA LYS A 66 -7.95 -10.31 -0.67
C LYS A 66 -7.85 -8.79 -0.60
N SER A 67 -6.81 -8.30 0.07
CA SER A 67 -6.58 -6.87 0.21
C SER A 67 -5.90 -6.31 -1.03
N CYS A 68 -5.06 -7.12 -1.67
CA CYS A 68 -4.34 -6.70 -2.87
C CYS A 68 -5.28 -6.03 -3.86
N CYS A 69 -6.51 -6.52 -3.94
CA CYS A 69 -7.49 -5.96 -4.87
C CYS A 69 -7.79 -4.50 -4.54
N LYS A 70 -8.50 -4.29 -3.43
CA LYS A 70 -8.86 -2.95 -3.01
C LYS A 70 -7.65 -2.02 -3.04
N PHE A 71 -6.47 -2.59 -2.89
CA PHE A 71 -5.23 -1.81 -2.90
C PHE A 71 -4.92 -1.27 -4.29
N ILE A 72 -5.10 -2.11 -5.31
CA ILE A 72 -4.83 -1.71 -6.68
C ILE A 72 -5.83 -0.65 -7.16
N LYS A 73 -7.07 -0.77 -6.71
CA LYS A 73 -8.12 0.17 -7.09
C LYS A 73 -7.94 1.51 -6.35
N HIS A 74 -7.63 1.43 -5.06
CA HIS A 74 -7.44 2.63 -4.26
C HIS A 74 -6.23 3.42 -4.74
N LEU A 75 -5.17 2.71 -5.10
CA LEU A 75 -3.95 3.33 -5.57
C LEU A 75 -4.16 4.01 -6.93
N CYS A 76 -5.06 3.45 -7.72
CA CYS A 76 -5.36 3.99 -9.05
C CYS A 76 -5.89 5.42 -8.97
N GLU A 77 -6.93 5.62 -8.15
CA GLU A 77 -7.53 6.93 -8.00
C GLU A 77 -6.63 7.89 -7.23
N GLU A 78 -5.67 7.35 -6.48
CA GLU A 78 -4.75 8.16 -5.69
C GLU A 78 -3.52 8.59 -6.50
N ASP A 79 -3.03 7.70 -7.37
CA ASP A 79 -1.85 7.99 -8.19
C ASP A 79 -1.90 7.22 -9.52
N PRO A 80 -2.71 7.70 -10.48
CA PRO A 80 -2.84 7.06 -11.80
C PRO A 80 -1.48 6.82 -12.45
N GLN A 81 -0.48 7.59 -12.05
CA GLN A 81 0.85 7.46 -12.60
C GLN A 81 1.50 6.14 -12.17
N LEU A 82 1.92 6.08 -10.91
CA LEU A 82 2.53 4.87 -10.37
C LEU A 82 1.63 3.66 -10.61
N ALA A 83 0.33 3.90 -10.53
CA ALA A 83 -0.65 2.85 -10.73
C ALA A 83 -0.50 2.20 -12.09
N SER A 84 0.31 2.80 -12.95
CA SER A 84 0.55 2.26 -14.28
C SER A 84 1.23 0.91 -14.19
N LYS A 85 2.30 0.86 -13.39
CA LYS A 85 3.06 -0.37 -13.17
C LYS A 85 2.40 -1.19 -12.06
N MET A 86 1.23 -0.72 -11.62
CA MET A 86 0.47 -1.39 -10.55
C MET A 86 -1.03 -1.23 -10.79
N GLY A 87 -1.44 -1.24 -12.07
CA GLY A 87 -2.85 -1.11 -12.43
C GLY A 87 -3.14 -1.74 -13.78
N LEU A 88 -2.91 -3.04 -13.87
CA LEU A 88 -3.12 -3.80 -15.11
C LEU A 88 -4.35 -3.28 -15.87
N HIS A 89 -5.38 -2.89 -15.14
CA HIS A 89 -6.60 -2.38 -15.75
C HIS A 89 -6.37 -1.00 -16.34
N ALA A 1 -0.79 -18.01 -7.77
CA ALA A 1 -1.25 -17.03 -8.74
C ALA A 1 -1.73 -15.75 -8.05
N ASP A 2 -0.99 -15.31 -7.04
CA ASP A 2 -1.34 -14.11 -6.31
C ASP A 2 -0.16 -13.60 -5.49
N GLN A 3 0.73 -12.86 -6.14
CA GLN A 3 1.91 -12.30 -5.49
C GLN A 3 2.36 -11.02 -6.20
N LEU A 4 1.39 -10.20 -6.58
CA LEU A 4 1.68 -8.95 -7.28
C LEU A 4 2.64 -8.08 -6.47
N LEU A 5 2.20 -7.62 -5.30
CA LEU A 5 3.04 -6.79 -4.45
C LEU A 5 4.45 -7.35 -4.36
N ARG A 6 4.55 -8.60 -3.93
CA ARG A 6 5.85 -9.27 -3.77
C ARG A 6 6.84 -8.86 -4.87
N LYS A 7 6.52 -9.18 -6.11
CA LYS A 7 7.38 -8.85 -7.24
C LYS A 7 7.42 -7.35 -7.49
N LYS A 8 6.26 -6.70 -7.38
CA LYS A 8 6.15 -5.24 -7.61
C LYS A 8 6.41 -4.48 -6.32
N ARG A 9 7.13 -5.11 -5.40
CA ARG A 9 7.45 -4.49 -4.12
C ARG A 9 8.54 -3.43 -4.26
N ARG A 10 9.43 -3.63 -5.24
CA ARG A 10 10.53 -2.70 -5.48
C ARG A 10 10.02 -1.44 -6.17
N ILE A 11 8.94 -1.56 -6.94
CA ILE A 11 8.38 -0.43 -7.65
C ILE A 11 7.63 0.51 -6.71
N PHE A 12 6.54 0.02 -6.13
CA PHE A 12 5.73 0.82 -5.21
C PHE A 12 6.60 1.48 -4.14
N ILE A 13 7.34 0.67 -3.39
CA ILE A 13 8.19 1.17 -2.34
C ILE A 13 9.03 2.35 -2.82
N HIS A 14 9.73 2.17 -3.94
CA HIS A 14 10.58 3.22 -4.53
C HIS A 14 9.80 4.03 -5.56
N SER A 15 8.64 4.53 -5.15
CA SER A 15 7.80 5.33 -6.05
C SER A 15 6.73 6.08 -5.27
N VAL A 16 5.94 5.36 -4.49
CA VAL A 16 4.87 5.97 -3.70
C VAL A 16 5.35 7.25 -3.03
N GLY A 17 4.63 8.35 -3.29
CA GLY A 17 4.98 9.63 -2.71
C GLY A 17 4.45 9.81 -1.30
N ALA A 18 5.25 10.44 -0.44
CA ALA A 18 4.85 10.67 0.95
C ALA A 18 3.37 11.05 1.07
N GLY A 19 2.87 11.76 0.07
CA GLY A 19 1.48 12.17 0.08
C GLY A 19 0.52 11.01 -0.07
N THR A 20 0.58 10.33 -1.22
CA THR A 20 -0.28 9.19 -1.49
C THR A 20 -0.37 8.26 -0.29
N ILE A 21 0.78 8.01 0.34
CA ILE A 21 0.83 7.12 1.50
C ILE A 21 -0.28 7.41 2.50
N ASN A 22 -0.40 8.67 2.89
CA ASN A 22 -1.43 9.09 3.85
C ASN A 22 -2.83 8.79 3.33
N ALA A 23 -3.05 9.07 2.05
CA ALA A 23 -4.35 8.85 1.43
C ALA A 23 -4.61 7.37 1.18
N LEU A 24 -3.54 6.59 1.08
CA LEU A 24 -3.63 5.16 0.83
C LEU A 24 -4.03 4.41 2.09
N LEU A 25 -3.21 4.53 3.14
CA LEU A 25 -3.49 3.84 4.39
C LEU A 25 -4.87 4.21 4.91
N ASP A 26 -5.29 5.44 4.62
CA ASP A 26 -6.60 5.91 5.05
C ASP A 26 -7.71 5.06 4.42
N CYS A 27 -7.62 4.89 3.10
CA CYS A 27 -8.62 4.10 2.38
C CYS A 27 -8.70 2.68 2.95
N LEU A 28 -7.55 2.11 3.30
CA LEU A 28 -7.51 0.77 3.86
C LEU A 28 -8.46 0.63 5.03
N LEU A 29 -8.43 1.60 5.95
CA LEU A 29 -9.32 1.57 7.11
C LEU A 29 -10.77 1.46 6.64
N GLU A 30 -11.12 2.24 5.62
CA GLU A 30 -12.47 2.22 5.08
C GLU A 30 -12.95 0.79 4.85
N ASP A 31 -12.05 -0.04 4.31
CA ASP A 31 -12.38 -1.44 4.05
C ASP A 31 -12.35 -2.26 5.34
N GLU A 32 -11.69 -1.71 6.36
CA GLU A 32 -11.58 -2.37 7.65
C GLU A 32 -10.78 -3.66 7.53
N VAL A 33 -9.80 -3.65 6.62
CA VAL A 33 -8.95 -4.82 6.40
C VAL A 33 -7.93 -4.97 7.53
N ILE A 34 -7.31 -3.85 7.93
CA ILE A 34 -6.31 -3.85 9.00
C ILE A 34 -6.97 -3.62 10.36
N SER A 35 -6.17 -3.37 11.39
CA SER A 35 -6.66 -3.13 12.75
C SER A 35 -5.81 -2.09 13.46
N GLN A 36 -6.42 -1.36 14.38
CA GLN A 36 -5.72 -0.31 15.14
C GLN A 36 -4.28 -0.72 15.47
N GLU A 37 -4.05 -2.02 15.58
CA GLU A 37 -2.71 -2.53 15.88
C GLU A 37 -1.77 -2.31 14.70
N ASP A 38 -2.18 -2.81 13.54
CA ASP A 38 -1.37 -2.67 12.33
C ASP A 38 -1.29 -1.20 11.92
N MET A 39 -2.44 -0.53 11.93
CA MET A 39 -2.49 0.88 11.57
C MET A 39 -1.40 1.66 12.31
N ASN A 40 -1.12 1.22 13.54
CA ASN A 40 -0.10 1.86 14.36
C ASN A 40 1.30 1.58 13.80
N LYS A 41 1.51 0.36 13.32
CA LYS A 41 2.81 0.00 12.76
C LYS A 41 3.28 1.07 11.78
N VAL A 42 2.39 1.45 10.86
CA VAL A 42 2.70 2.48 9.88
C VAL A 42 2.70 3.86 10.50
N ARG A 43 1.64 4.18 11.24
CA ARG A 43 1.51 5.47 11.90
C ARG A 43 2.59 5.67 12.96
N ASP A 44 3.40 4.63 13.16
CA ASP A 44 4.48 4.69 14.14
C ASP A 44 5.56 5.67 13.70
N GLU A 45 5.49 6.09 12.44
CA GLU A 45 6.46 7.02 11.89
C GLU A 45 7.87 6.47 12.00
N ASN A 46 8.20 5.52 11.12
CA ASN A 46 9.53 4.90 11.12
C ASN A 46 10.59 5.89 10.67
N ASP A 47 10.68 6.11 9.37
CA ASP A 47 11.65 7.04 8.80
C ASP A 47 11.23 7.47 7.41
N THR A 48 12.21 7.59 6.51
CA THR A 48 11.95 7.99 5.14
C THR A 48 10.89 7.11 4.50
N VAL A 49 10.28 7.61 3.43
CA VAL A 49 9.24 6.87 2.72
C VAL A 49 9.66 5.42 2.49
N MET A 50 10.97 5.18 2.44
CA MET A 50 11.51 3.84 2.22
C MET A 50 11.07 2.90 3.34
N ASP A 51 11.07 3.41 4.58
CA ASP A 51 10.69 2.61 5.74
C ASP A 51 9.17 2.61 5.95
N LYS A 52 8.53 3.73 5.68
CA LYS A 52 7.08 3.84 5.84
C LYS A 52 6.33 3.07 4.77
N ALA A 53 6.89 3.04 3.56
CA ALA A 53 6.28 2.34 2.44
C ALA A 53 6.52 0.84 2.54
N ARG A 54 7.69 0.47 3.06
CA ARG A 54 8.05 -0.94 3.21
C ARG A 54 7.08 -1.65 4.15
N VAL A 55 6.67 -0.96 5.21
CA VAL A 55 5.75 -1.53 6.19
C VAL A 55 4.31 -1.51 5.68
N LEU A 56 3.92 -0.40 5.06
CA LEU A 56 2.57 -0.25 4.54
C LEU A 56 2.23 -1.38 3.58
N ILE A 57 3.10 -1.60 2.60
CA ILE A 57 2.88 -2.64 1.60
C ILE A 57 2.91 -4.03 2.23
N ASP A 58 3.75 -4.21 3.23
CA ASP A 58 3.88 -5.49 3.92
C ASP A 58 2.57 -5.88 4.61
N LEU A 59 2.11 -5.01 5.51
CA LEU A 59 0.88 -5.26 6.25
C LEU A 59 -0.25 -5.71 5.32
N VAL A 60 -0.45 -4.98 4.23
CA VAL A 60 -1.51 -5.30 3.27
C VAL A 60 -1.42 -6.76 2.83
N THR A 61 -0.28 -7.14 2.26
CA THR A 61 -0.08 -8.50 1.79
C THR A 61 -0.24 -9.51 2.93
N GLY A 62 -0.15 -9.02 4.16
CA GLY A 62 -0.29 -9.90 5.31
C GLY A 62 -1.73 -10.27 5.59
N LYS A 63 -2.65 -9.33 5.36
CA LYS A 63 -4.07 -9.58 5.59
C LYS A 63 -4.68 -10.34 4.42
N GLY A 64 -3.88 -11.19 3.80
CA GLY A 64 -4.34 -11.99 2.67
C GLY A 64 -4.30 -11.23 1.36
N PRO A 65 -4.47 -11.93 0.22
CA PRO A 65 -4.45 -11.32 -1.11
C PRO A 65 -5.76 -10.57 -1.41
N LYS A 66 -6.79 -10.83 -0.63
CA LYS A 66 -8.08 -10.17 -0.83
C LYS A 66 -7.92 -8.66 -0.71
N SER A 67 -6.86 -8.24 -0.01
CA SER A 67 -6.58 -6.83 0.19
C SER A 67 -5.91 -6.23 -1.04
N CYS A 68 -5.04 -7.02 -1.68
CA CYS A 68 -4.32 -6.57 -2.86
C CYS A 68 -5.27 -5.90 -3.85
N CYS A 69 -6.41 -6.54 -4.09
CA CYS A 69 -7.39 -6.00 -5.03
C CYS A 69 -7.74 -4.55 -4.70
N LYS A 70 -8.26 -4.34 -3.49
CA LYS A 70 -8.64 -2.99 -3.06
C LYS A 70 -7.44 -2.05 -3.06
N PHE A 71 -6.27 -2.59 -2.74
CA PHE A 71 -5.04 -1.80 -2.70
C PHE A 71 -4.72 -1.22 -4.07
N ILE A 72 -4.66 -2.08 -5.08
CA ILE A 72 -4.37 -1.64 -6.44
C ILE A 72 -5.37 -0.60 -6.93
N LYS A 73 -6.60 -0.70 -6.43
CA LYS A 73 -7.66 0.23 -6.80
C LYS A 73 -7.45 1.60 -6.17
N HIS A 74 -7.59 1.65 -4.84
CA HIS A 74 -7.42 2.90 -4.10
C HIS A 74 -6.20 3.67 -4.60
N LEU A 75 -5.19 2.94 -5.05
CA LEU A 75 -3.96 3.56 -5.55
C LEU A 75 -4.18 4.18 -6.92
N CYS A 76 -5.02 3.55 -7.73
CA CYS A 76 -5.31 4.03 -9.08
C CYS A 76 -5.86 5.47 -9.05
N GLU A 77 -6.81 5.71 -8.15
CA GLU A 77 -7.44 7.03 -8.04
C GLU A 77 -6.55 8.01 -7.26
N GLU A 78 -5.68 7.50 -6.40
CA GLU A 78 -4.79 8.35 -5.60
C GLU A 78 -3.54 8.75 -6.38
N ASP A 79 -3.11 7.87 -7.28
CA ASP A 79 -1.91 8.11 -8.11
C ASP A 79 -2.04 7.42 -9.47
N PRO A 80 -2.38 8.14 -10.57
CA PRO A 80 -2.51 7.52 -11.89
C PRO A 80 -1.15 7.36 -12.57
N GLN A 81 -0.13 7.99 -12.01
CA GLN A 81 1.22 7.91 -12.56
C GLN A 81 1.85 6.57 -12.21
N LEU A 82 2.06 6.34 -10.92
CA LEU A 82 2.65 5.08 -10.45
C LEU A 82 1.71 3.92 -10.80
N ALA A 83 0.44 4.10 -10.50
CA ALA A 83 -0.56 3.07 -10.78
C ALA A 83 -0.43 2.59 -12.22
N SER A 84 0.34 3.33 -13.02
CA SER A 84 0.55 2.96 -14.41
C SER A 84 1.30 1.64 -14.50
N LYS A 85 2.36 1.51 -13.68
CA LYS A 85 3.15 0.30 -13.65
C LYS A 85 2.46 -0.76 -12.79
N MET A 86 1.19 -0.51 -12.48
CA MET A 86 0.38 -1.42 -11.66
C MET A 86 -1.09 -1.37 -12.11
N GLY A 87 -1.32 -0.74 -13.26
CA GLY A 87 -2.68 -0.61 -13.81
C GLY A 87 -3.00 -1.73 -14.77
N LEU A 88 -2.53 -2.94 -14.44
CA LEU A 88 -2.75 -4.12 -15.27
C LEU A 88 -4.12 -4.10 -15.96
N HIS A 89 -5.11 -3.55 -15.27
CA HIS A 89 -6.46 -3.46 -15.82
C HIS A 89 -6.43 -2.93 -17.25
N ALA A 1 -0.89 -17.94 -8.64
CA ALA A 1 -1.00 -16.74 -9.46
C ALA A 1 -1.54 -15.56 -8.65
N ASP A 2 -0.81 -15.20 -7.60
CA ASP A 2 -1.20 -14.09 -6.75
C ASP A 2 -0.04 -13.62 -5.88
N GLN A 3 0.83 -12.79 -6.47
CA GLN A 3 1.99 -12.26 -5.76
C GLN A 3 2.42 -10.94 -6.39
N LEU A 4 1.42 -10.13 -6.76
CA LEU A 4 1.69 -8.84 -7.38
C LEU A 4 2.64 -8.01 -6.54
N LEU A 5 2.19 -7.56 -5.38
CA LEU A 5 3.01 -6.76 -4.48
C LEU A 5 4.44 -7.30 -4.41
N ARG A 6 4.56 -8.58 -4.09
CA ARG A 6 5.86 -9.24 -3.99
C ARG A 6 6.83 -8.76 -5.08
N LYS A 7 6.42 -8.94 -6.34
CA LYS A 7 7.25 -8.53 -7.47
C LYS A 7 7.29 -7.01 -7.61
N LYS A 8 6.14 -6.36 -7.39
CA LYS A 8 6.04 -4.91 -7.50
C LYS A 8 6.47 -4.24 -6.20
N ARG A 9 7.14 -5.00 -5.34
CA ARG A 9 7.61 -4.48 -4.06
C ARG A 9 8.68 -3.40 -4.27
N ARG A 10 9.56 -3.63 -5.24
CA ARG A 10 10.63 -2.68 -5.53
C ARG A 10 10.09 -1.45 -6.28
N ILE A 11 8.98 -1.64 -6.99
CA ILE A 11 8.38 -0.54 -7.74
C ILE A 11 7.63 0.42 -6.83
N PHE A 12 6.52 -0.05 -6.26
CA PHE A 12 5.71 0.77 -5.36
C PHE A 12 6.57 1.46 -4.31
N ILE A 13 7.36 0.67 -3.58
CA ILE A 13 8.22 1.22 -2.54
C ILE A 13 9.07 2.38 -3.06
N HIS A 14 9.74 2.17 -4.19
CA HIS A 14 10.60 3.19 -4.80
C HIS A 14 9.82 4.03 -5.80
N SER A 15 8.69 4.59 -5.36
CA SER A 15 7.86 5.42 -6.23
C SER A 15 6.76 6.13 -5.44
N VAL A 16 6.17 5.41 -4.48
CA VAL A 16 5.10 5.98 -3.67
C VAL A 16 5.55 7.25 -2.96
N GLY A 17 4.81 8.34 -3.18
CA GLY A 17 5.14 9.62 -2.56
C GLY A 17 4.62 9.73 -1.14
N ALA A 18 5.36 10.42 -0.28
CA ALA A 18 4.96 10.61 1.11
C ALA A 18 3.47 10.95 1.21
N GLY A 19 2.96 11.64 0.19
CA GLY A 19 1.56 12.02 0.19
C GLY A 19 0.62 10.85 -0.02
N THR A 20 0.72 10.23 -1.20
CA THR A 20 -0.13 9.10 -1.53
C THR A 20 -0.27 8.13 -0.36
N ILE A 21 0.81 7.97 0.40
CA ILE A 21 0.80 7.07 1.55
C ILE A 21 -0.36 7.40 2.50
N ASN A 22 -0.40 8.65 2.97
CA ASN A 22 -1.45 9.08 3.88
C ASN A 22 -2.83 8.81 3.31
N ALA A 23 -2.99 9.06 2.01
CA ALA A 23 -4.26 8.86 1.33
C ALA A 23 -4.56 7.38 1.09
N LEU A 24 -3.49 6.59 0.97
CA LEU A 24 -3.61 5.16 0.73
C LEU A 24 -4.01 4.42 2.00
N LEU A 25 -3.20 4.54 3.04
CA LEU A 25 -3.49 3.87 4.31
C LEU A 25 -4.85 4.28 4.84
N ASP A 26 -5.25 5.50 4.50
CA ASP A 26 -6.54 6.03 4.94
C ASP A 26 -7.68 5.20 4.35
N CYS A 27 -7.61 4.96 3.05
CA CYS A 27 -8.62 4.18 2.36
C CYS A 27 -8.71 2.78 2.93
N LEU A 28 -7.56 2.17 3.17
CA LEU A 28 -7.51 0.81 3.74
C LEU A 28 -8.44 0.72 4.93
N LEU A 29 -8.34 1.68 5.84
CA LEU A 29 -9.18 1.71 7.03
C LEU A 29 -10.65 1.61 6.64
N GLU A 30 -11.03 2.38 5.64
CA GLU A 30 -12.41 2.39 5.15
C GLU A 30 -12.89 0.96 4.91
N ASP A 31 -12.01 0.12 4.39
CA ASP A 31 -12.35 -1.28 4.11
C ASP A 31 -12.34 -2.10 5.40
N GLU A 32 -11.66 -1.58 6.42
CA GLU A 32 -11.56 -2.25 7.70
C GLU A 32 -10.77 -3.55 7.57
N VAL A 33 -9.82 -3.57 6.66
CA VAL A 33 -8.98 -4.75 6.43
C VAL A 33 -7.94 -4.89 7.53
N ILE A 34 -7.33 -3.76 7.93
CA ILE A 34 -6.31 -3.74 8.98
C ILE A 34 -6.96 -3.55 10.35
N SER A 35 -6.15 -3.27 11.38
CA SER A 35 -6.65 -3.06 12.74
C SER A 35 -5.80 -2.02 13.48
N GLN A 36 -6.39 -1.45 14.52
CA GLN A 36 -5.71 -0.43 15.32
C GLN A 36 -4.26 -0.83 15.59
N GLU A 37 -4.01 -2.14 15.61
CA GLU A 37 -2.67 -2.65 15.86
C GLU A 37 -1.75 -2.33 14.68
N ASP A 38 -2.19 -2.70 13.48
CA ASP A 38 -1.43 -2.44 12.27
C ASP A 38 -1.38 -0.95 11.97
N MET A 39 -2.55 -0.33 11.95
CA MET A 39 -2.66 1.10 11.68
C MET A 39 -1.63 1.87 12.50
N ASN A 40 -1.31 1.33 13.67
CA ASN A 40 -0.35 1.96 14.57
C ASN A 40 1.08 1.76 14.07
N LYS A 41 1.39 0.57 13.56
CA LYS A 41 2.73 0.29 13.07
C LYS A 41 3.20 1.37 12.10
N VAL A 42 2.36 1.70 11.13
CA VAL A 42 2.69 2.71 10.14
C VAL A 42 2.68 4.11 10.74
N ARG A 43 1.61 4.44 11.44
CA ARG A 43 1.47 5.76 12.06
C ARG A 43 2.60 6.00 13.07
N ASP A 44 3.27 4.92 13.46
CA ASP A 44 4.38 5.01 14.42
C ASP A 44 5.51 5.85 13.84
N GLU A 45 5.49 6.02 12.52
CA GLU A 45 6.52 6.80 11.83
C GLU A 45 7.91 6.25 12.13
N ASN A 46 8.34 5.29 11.31
CA ASN A 46 9.65 4.68 11.48
C ASN A 46 10.76 5.60 10.99
N ASP A 47 10.71 5.94 9.70
CA ASP A 47 11.72 6.81 9.10
C ASP A 47 11.19 7.42 7.80
N THR A 48 12.08 7.53 6.83
CA THR A 48 11.71 8.09 5.53
C THR A 48 10.72 7.18 4.79
N VAL A 49 10.13 7.71 3.73
CA VAL A 49 9.16 6.95 2.95
C VAL A 49 9.61 5.51 2.75
N MET A 50 10.87 5.33 2.36
CA MET A 50 11.42 4.01 2.13
C MET A 50 11.00 3.04 3.23
N ASP A 51 10.96 3.53 4.47
CA ASP A 51 10.59 2.71 5.63
C ASP A 51 9.08 2.63 5.79
N LYS A 52 8.41 3.77 5.69
CA LYS A 52 6.95 3.82 5.85
C LYS A 52 6.25 3.02 4.76
N ALA A 53 6.93 2.83 3.63
CA ALA A 53 6.36 2.07 2.51
C ALA A 53 6.54 0.57 2.71
N ARG A 54 7.79 0.15 2.93
CA ARG A 54 8.11 -1.25 3.13
C ARG A 54 7.12 -1.90 4.09
N VAL A 55 6.75 -1.18 5.14
CA VAL A 55 5.83 -1.70 6.14
C VAL A 55 4.39 -1.65 5.63
N LEU A 56 4.03 -0.57 4.94
CA LEU A 56 2.67 -0.42 4.42
C LEU A 56 2.35 -1.52 3.41
N ILE A 57 3.27 -1.77 2.49
CA ILE A 57 3.07 -2.81 1.48
C ILE A 57 3.09 -4.20 2.10
N ASP A 58 3.81 -4.35 3.21
CA ASP A 58 3.91 -5.63 3.91
C ASP A 58 2.65 -5.91 4.72
N LEU A 59 2.16 -4.90 5.42
CA LEU A 59 0.96 -5.04 6.24
C LEU A 59 -0.23 -5.48 5.40
N VAL A 60 -0.37 -4.91 4.22
CA VAL A 60 -1.46 -5.26 3.31
C VAL A 60 -1.40 -6.73 2.92
N THR A 61 -0.27 -7.13 2.34
CA THR A 61 -0.07 -8.51 1.92
C THR A 61 -0.29 -9.49 3.08
N GLY A 62 -0.35 -8.95 4.29
CA GLY A 62 -0.56 -9.78 5.47
C GLY A 62 -1.93 -10.43 5.48
N LYS A 63 -2.97 -9.64 5.23
CA LYS A 63 -4.33 -10.14 5.22
C LYS A 63 -4.61 -10.91 3.94
N GLY A 64 -3.57 -11.50 3.36
CA GLY A 64 -3.72 -12.27 2.13
C GLY A 64 -3.82 -11.39 0.91
N PRO A 65 -3.92 -12.00 -0.29
CA PRO A 65 -4.03 -11.26 -1.55
C PRO A 65 -5.43 -10.64 -1.73
N LYS A 66 -6.33 -10.94 -0.80
CA LYS A 66 -7.68 -10.41 -0.87
C LYS A 66 -7.63 -8.89 -0.79
N SER A 67 -6.79 -8.39 0.12
CA SER A 67 -6.61 -6.96 0.31
C SER A 67 -6.02 -6.29 -0.92
N CYS A 68 -5.12 -7.00 -1.61
CA CYS A 68 -4.49 -6.46 -2.81
C CYS A 68 -5.48 -5.73 -3.70
N CYS A 69 -6.70 -6.26 -3.78
CA CYS A 69 -7.75 -5.68 -4.60
C CYS A 69 -7.97 -4.21 -4.23
N LYS A 70 -8.40 -3.98 -3.00
CA LYS A 70 -8.65 -2.62 -2.52
C LYS A 70 -7.41 -1.75 -2.62
N PHE A 71 -6.24 -2.38 -2.55
CA PHE A 71 -4.97 -1.66 -2.63
C PHE A 71 -4.72 -1.13 -4.04
N ILE A 72 -4.77 -2.02 -5.02
CA ILE A 72 -4.55 -1.65 -6.41
C ILE A 72 -5.57 -0.62 -6.89
N LYS A 73 -6.82 -0.82 -6.51
CA LYS A 73 -7.88 0.09 -6.90
C LYS A 73 -7.73 1.46 -6.24
N HIS A 74 -7.67 1.46 -4.91
CA HIS A 74 -7.51 2.69 -4.16
C HIS A 74 -6.30 3.48 -4.64
N LEU A 75 -5.30 2.75 -5.12
CA LEU A 75 -4.08 3.39 -5.62
C LEU A 75 -4.31 4.05 -6.97
N CYS A 76 -5.19 3.46 -7.76
CA CYS A 76 -5.51 3.99 -9.08
C CYS A 76 -6.03 5.41 -9.02
N GLU A 77 -6.98 5.65 -8.12
CA GLU A 77 -7.58 6.98 -7.96
C GLU A 77 -6.65 7.94 -7.20
N GLU A 78 -5.75 7.39 -6.39
CA GLU A 78 -4.82 8.20 -5.60
C GLU A 78 -3.60 8.62 -6.42
N ASP A 79 -3.15 7.75 -7.32
CA ASP A 79 -1.98 8.02 -8.17
C ASP A 79 -2.14 7.39 -9.56
N PRO A 80 -2.42 8.16 -10.64
CA PRO A 80 -2.58 7.59 -11.98
C PRO A 80 -1.23 7.33 -12.65
N GLN A 81 -0.19 7.96 -12.13
CA GLN A 81 1.15 7.79 -12.68
C GLN A 81 1.71 6.42 -12.31
N LEU A 82 2.06 6.25 -11.04
CA LEU A 82 2.59 4.99 -10.54
C LEU A 82 1.65 3.85 -10.91
N ALA A 83 0.35 4.10 -10.76
CA ALA A 83 -0.66 3.09 -11.08
C ALA A 83 -0.45 2.54 -12.48
N SER A 84 0.45 3.18 -13.22
CA SER A 84 0.77 2.74 -14.58
C SER A 84 1.43 1.37 -14.56
N LYS A 85 2.42 1.23 -13.68
CA LYS A 85 3.15 -0.03 -13.52
C LYS A 85 2.37 -0.96 -12.61
N MET A 86 1.10 -0.61 -12.37
CA MET A 86 0.20 -1.41 -11.52
C MET A 86 -1.23 -1.33 -12.06
N GLY A 87 -1.37 -0.80 -13.28
CA GLY A 87 -2.68 -0.67 -13.92
C GLY A 87 -2.93 -1.78 -14.92
N LEU A 88 -2.57 -3.00 -14.53
CA LEU A 88 -2.73 -4.19 -15.38
C LEU A 88 -3.97 -4.09 -16.28
N HIS A 89 -5.01 -3.46 -15.77
CA HIS A 89 -6.25 -3.30 -16.52
C HIS A 89 -5.96 -2.89 -17.96
N ALA A 1 -1.05 -17.42 -7.68
CA ALA A 1 -1.73 -16.53 -8.60
C ALA A 1 -2.11 -15.22 -7.90
N ASP A 2 -1.33 -14.84 -6.90
CA ASP A 2 -1.57 -13.62 -6.14
C ASP A 2 -0.32 -13.19 -5.38
N GLN A 3 0.55 -12.45 -6.05
CA GLN A 3 1.79 -11.95 -5.45
C GLN A 3 2.27 -10.71 -6.17
N LEU A 4 1.33 -9.89 -6.63
CA LEU A 4 1.65 -8.66 -7.34
C LEU A 4 2.59 -7.79 -6.52
N LEU A 5 2.11 -7.30 -5.38
CA LEU A 5 2.92 -6.45 -4.50
C LEU A 5 4.34 -6.98 -4.38
N ARG A 6 4.48 -8.30 -4.42
CA ARG A 6 5.80 -8.93 -4.31
C ARG A 6 6.68 -8.57 -5.51
N LYS A 7 6.25 -8.98 -6.70
CA LYS A 7 7.02 -8.72 -7.92
C LYS A 7 6.94 -7.24 -8.30
N LYS A 8 6.41 -6.43 -7.40
CA LYS A 8 6.27 -4.97 -7.60
C LYS A 8 6.61 -4.23 -6.32
N ARG A 9 7.19 -4.96 -5.37
CA ARG A 9 7.57 -4.38 -4.09
C ARG A 9 8.73 -3.40 -4.28
N ARG A 10 9.55 -3.66 -5.30
CA ARG A 10 10.68 -2.80 -5.61
C ARG A 10 10.23 -1.51 -6.29
N ILE A 11 9.16 -1.61 -7.08
CA ILE A 11 8.63 -0.46 -7.80
C ILE A 11 7.84 0.47 -6.87
N PHE A 12 6.78 -0.07 -6.27
CA PHE A 12 5.94 0.71 -5.36
C PHE A 12 6.79 1.44 -4.33
N ILE A 13 7.57 0.68 -3.58
CA ILE A 13 8.43 1.25 -2.54
C ILE A 13 9.26 2.42 -3.09
N HIS A 14 9.93 2.20 -4.22
CA HIS A 14 10.77 3.23 -4.84
C HIS A 14 9.94 4.06 -5.82
N SER A 15 8.85 4.64 -5.34
CA SER A 15 7.99 5.46 -6.18
C SER A 15 6.94 6.20 -5.35
N VAL A 16 6.15 5.44 -4.59
CA VAL A 16 5.10 6.02 -3.75
C VAL A 16 5.58 7.30 -3.07
N GLY A 17 4.83 8.39 -3.29
CA GLY A 17 5.17 9.66 -2.69
C GLY A 17 4.67 9.80 -1.26
N ALA A 18 5.43 10.51 -0.43
CA ALA A 18 5.05 10.71 0.96
C ALA A 18 3.58 11.07 1.09
N GLY A 19 3.03 11.67 0.04
CA GLY A 19 1.62 12.06 0.06
C GLY A 19 0.69 10.89 -0.16
N THR A 20 0.83 10.23 -1.31
CA THR A 20 -0.01 9.09 -1.64
C THR A 20 -0.17 8.14 -0.45
N ILE A 21 0.90 8.01 0.33
CA ILE A 21 0.87 7.12 1.50
C ILE A 21 -0.31 7.47 2.41
N ASN A 22 -0.33 8.69 2.92
CA ASN A 22 -1.39 9.14 3.82
C ASN A 22 -2.77 8.89 3.22
N ALA A 23 -2.89 9.10 1.92
CA ALA A 23 -4.17 8.90 1.22
C ALA A 23 -4.46 7.42 0.99
N LEU A 24 -3.40 6.63 0.88
CA LEU A 24 -3.55 5.20 0.66
C LEU A 24 -3.98 4.48 1.92
N LEU A 25 -3.18 4.60 2.98
CA LEU A 25 -3.49 3.94 4.24
C LEU A 25 -4.83 4.42 4.79
N ASP A 26 -5.19 5.64 4.43
CA ASP A 26 -6.46 6.22 4.87
C ASP A 26 -7.62 5.42 4.30
N CYS A 27 -7.54 5.12 3.00
CA CYS A 27 -8.59 4.36 2.33
C CYS A 27 -8.70 2.95 2.91
N LEU A 28 -7.55 2.33 3.16
CA LEU A 28 -7.53 0.97 3.72
C LEU A 28 -8.44 0.88 4.94
N LEU A 29 -8.30 1.84 5.86
CA LEU A 29 -9.12 1.86 7.06
C LEU A 29 -10.59 1.86 6.69
N GLU A 30 -10.95 2.67 5.70
CA GLU A 30 -12.34 2.75 5.26
C GLU A 30 -12.93 1.36 5.08
N ASP A 31 -12.14 0.45 4.49
CA ASP A 31 -12.56 -0.92 4.28
C ASP A 31 -12.42 -1.74 5.56
N GLU A 32 -11.62 -1.23 6.49
CA GLU A 32 -11.39 -1.90 7.76
C GLU A 32 -10.66 -3.22 7.57
N VAL A 33 -9.75 -3.26 6.59
CA VAL A 33 -8.99 -4.47 6.30
C VAL A 33 -7.89 -4.67 7.34
N ILE A 34 -7.21 -3.59 7.72
CA ILE A 34 -6.13 -3.66 8.71
C ILE A 34 -6.70 -3.47 10.12
N SER A 35 -5.97 -3.97 11.13
CA SER A 35 -6.40 -3.86 12.53
C SER A 35 -5.74 -2.66 13.21
N GLN A 36 -6.43 -2.10 14.20
CA GLN A 36 -5.92 -0.96 14.94
C GLN A 36 -4.47 -1.20 15.34
N GLU A 37 -4.09 -2.48 15.41
CA GLU A 37 -2.72 -2.85 15.76
C GLU A 37 -1.80 -2.60 14.58
N ASP A 38 -2.25 -2.95 13.39
CA ASP A 38 -1.47 -2.75 12.19
C ASP A 38 -1.41 -1.28 11.84
N MET A 39 -2.56 -0.61 11.89
CA MET A 39 -2.63 0.81 11.61
C MET A 39 -1.59 1.55 12.44
N ASN A 40 -1.36 1.06 13.65
CA ASN A 40 -0.38 1.66 14.55
C ASN A 40 1.04 1.44 14.02
N LYS A 41 1.27 0.27 13.43
CA LYS A 41 2.58 -0.05 12.89
C LYS A 41 3.07 1.07 11.96
N VAL A 42 2.21 1.49 11.03
CA VAL A 42 2.57 2.55 10.08
C VAL A 42 2.52 3.93 10.73
N ARG A 43 1.53 4.15 11.59
CA ARG A 43 1.38 5.46 12.25
C ARG A 43 2.47 5.67 13.30
N ASP A 44 3.20 4.62 13.60
CA ASP A 44 4.28 4.70 14.58
C ASP A 44 5.41 5.59 14.07
N GLU A 45 5.34 5.93 12.78
CA GLU A 45 6.35 6.78 12.16
C GLU A 45 7.74 6.21 12.36
N ASN A 46 8.17 5.36 11.43
CA ASN A 46 9.49 4.75 11.49
C ASN A 46 10.56 5.72 11.02
N ASP A 47 10.49 6.10 9.75
CA ASP A 47 11.45 7.03 9.16
C ASP A 47 10.90 7.64 7.87
N THR A 48 11.78 7.79 6.89
CA THR A 48 11.39 8.37 5.60
C THR A 48 10.36 7.48 4.89
N VAL A 49 10.10 7.79 3.63
CA VAL A 49 9.14 7.03 2.83
C VAL A 49 9.62 5.59 2.63
N MET A 50 10.92 5.43 2.43
CA MET A 50 11.48 4.09 2.22
C MET A 50 11.08 3.15 3.34
N ASP A 51 10.95 3.68 4.56
CA ASP A 51 10.58 2.89 5.74
C ASP A 51 9.06 2.80 5.89
N LYS A 52 8.38 3.92 5.67
CA LYS A 52 6.92 3.96 5.81
C LYS A 52 6.24 3.10 4.74
N ALA A 53 6.90 2.98 3.60
CA ALA A 53 6.37 2.20 2.48
C ALA A 53 6.60 0.71 2.70
N ARG A 54 7.86 0.35 2.96
CA ARG A 54 8.23 -1.04 3.19
C ARG A 54 7.22 -1.75 4.09
N VAL A 55 6.82 -1.07 5.17
CA VAL A 55 5.87 -1.63 6.12
C VAL A 55 4.44 -1.58 5.58
N LEU A 56 4.10 -0.47 4.91
CA LEU A 56 2.75 -0.31 4.35
C LEU A 56 2.42 -1.43 3.38
N ILE A 57 3.25 -1.58 2.34
CA ILE A 57 3.02 -2.62 1.34
C ILE A 57 3.05 -4.01 1.96
N ASP A 58 3.88 -4.20 2.98
CA ASP A 58 4.00 -5.48 3.65
C ASP A 58 2.73 -5.84 4.41
N LEU A 59 2.29 -4.94 5.29
CA LEU A 59 1.09 -5.16 6.09
C LEU A 59 -0.07 -5.63 5.21
N VAL A 60 -0.39 -4.85 4.18
CA VAL A 60 -1.47 -5.20 3.27
C VAL A 60 -1.41 -6.67 2.87
N THR A 61 -0.26 -7.08 2.35
CA THR A 61 -0.06 -8.46 1.93
C THR A 61 -0.28 -9.43 3.08
N GLY A 62 -0.04 -8.96 4.30
CA GLY A 62 -0.24 -9.80 5.47
C GLY A 62 -1.69 -10.11 5.73
N LYS A 63 -2.56 -9.15 5.45
CA LYS A 63 -3.99 -9.31 5.66
C LYS A 63 -4.61 -10.15 4.54
N GLY A 64 -3.81 -11.06 3.98
CA GLY A 64 -4.28 -11.92 2.91
C GLY A 64 -4.26 -11.22 1.56
N PRO A 65 -4.41 -11.99 0.46
CA PRO A 65 -4.41 -11.44 -0.90
C PRO A 65 -5.72 -10.72 -1.21
N LYS A 66 -6.74 -10.95 -0.39
CA LYS A 66 -8.03 -10.32 -0.59
C LYS A 66 -7.88 -8.79 -0.55
N SER A 67 -6.86 -8.33 0.17
CA SER A 67 -6.60 -6.90 0.29
C SER A 67 -5.93 -6.37 -0.98
N CYS A 68 -5.02 -7.14 -1.54
CA CYS A 68 -4.31 -6.74 -2.76
C CYS A 68 -5.27 -6.12 -3.78
N CYS A 69 -6.47 -6.70 -3.87
CA CYS A 69 -7.48 -6.21 -4.81
C CYS A 69 -7.80 -4.75 -4.54
N LYS A 70 -8.39 -4.49 -3.37
CA LYS A 70 -8.76 -3.13 -2.98
C LYS A 70 -7.59 -2.16 -3.14
N PHE A 71 -6.39 -2.64 -2.81
CA PHE A 71 -5.19 -1.81 -2.91
C PHE A 71 -4.99 -1.31 -4.35
N ILE A 72 -4.94 -2.23 -5.30
CA ILE A 72 -4.76 -1.88 -6.70
C ILE A 72 -5.80 -0.87 -7.16
N LYS A 73 -7.00 -0.97 -6.60
CA LYS A 73 -8.10 -0.07 -6.96
C LYS A 73 -7.90 1.31 -6.34
N HIS A 74 -7.64 1.35 -5.04
CA HIS A 74 -7.44 2.61 -4.34
C HIS A 74 -6.23 3.36 -4.89
N LEU A 75 -5.11 2.64 -5.06
CA LEU A 75 -3.89 3.24 -5.57
C LEU A 75 -4.13 3.89 -6.93
N CYS A 76 -4.95 3.26 -7.75
CA CYS A 76 -5.26 3.78 -9.08
C CYS A 76 -5.91 5.16 -8.99
N GLU A 77 -6.78 5.33 -8.00
CA GLU A 77 -7.48 6.60 -7.80
C GLU A 77 -6.60 7.64 -7.11
N GLU A 78 -5.64 7.15 -6.32
CA GLU A 78 -4.74 8.05 -5.59
C GLU A 78 -3.61 8.55 -6.49
N ASP A 79 -2.88 7.63 -7.11
CA ASP A 79 -1.75 7.95 -8.01
C ASP A 79 -1.95 7.28 -9.38
N PRO A 80 -2.30 8.02 -10.47
CA PRO A 80 -2.49 7.40 -11.78
C PRO A 80 -1.18 7.16 -12.51
N GLN A 81 -0.13 7.89 -12.10
CA GLN A 81 1.18 7.75 -12.71
C GLN A 81 1.80 6.39 -12.35
N LEU A 82 2.11 6.22 -11.06
CA LEU A 82 2.70 4.98 -10.58
C LEU A 82 1.76 3.81 -10.87
N ALA A 83 0.47 4.01 -10.62
CA ALA A 83 -0.52 2.97 -10.85
C ALA A 83 -0.45 2.45 -12.28
N SER A 84 0.32 3.14 -13.12
CA SER A 84 0.48 2.74 -14.50
C SER A 84 1.09 1.34 -14.58
N LYS A 85 2.10 1.11 -13.74
CA LYS A 85 2.78 -0.18 -13.67
C LYS A 85 2.04 -1.14 -12.74
N MET A 86 1.18 -0.57 -11.88
CA MET A 86 0.39 -1.34 -10.91
C MET A 86 -1.11 -1.20 -11.19
N GLY A 87 -1.44 -0.95 -12.47
CA GLY A 87 -2.85 -0.80 -12.89
C GLY A 87 -3.12 -1.53 -14.19
N LEU A 88 -2.88 -2.84 -14.17
CA LEU A 88 -3.09 -3.70 -15.35
C LEU A 88 -4.30 -3.24 -16.17
N HIS A 89 -5.34 -2.78 -15.47
CA HIS A 89 -6.55 -2.31 -16.13
C HIS A 89 -7.50 -1.65 -15.14
N ALA A 1 -0.66 -17.52 -7.96
CA ALA A 1 -1.44 -16.79 -8.96
C ALA A 1 -1.93 -15.46 -8.40
N ASP A 2 -1.23 -14.95 -7.38
CA ASP A 2 -1.59 -13.69 -6.75
C ASP A 2 -0.45 -13.17 -5.88
N GLN A 3 0.53 -12.53 -6.52
CA GLN A 3 1.69 -11.98 -5.82
C GLN A 3 2.19 -10.72 -6.52
N LEU A 4 1.27 -9.80 -6.81
CA LEU A 4 1.62 -8.56 -7.48
C LEU A 4 2.55 -7.72 -6.61
N LEU A 5 2.15 -7.49 -5.37
CA LEU A 5 2.95 -6.70 -4.44
C LEU A 5 4.39 -7.20 -4.38
N ARG A 6 4.54 -8.47 -3.99
CA ARG A 6 5.86 -9.09 -3.89
C ARG A 6 6.80 -8.63 -5.02
N LYS A 7 6.37 -8.85 -6.25
CA LYS A 7 7.17 -8.46 -7.42
C LYS A 7 7.28 -6.95 -7.53
N LYS A 8 6.15 -6.26 -7.37
CA LYS A 8 6.10 -4.80 -7.46
C LYS A 8 6.53 -4.16 -6.15
N ARG A 9 7.14 -4.95 -5.27
CA ARG A 9 7.60 -4.47 -3.98
C ARG A 9 8.70 -3.42 -4.15
N ARG A 10 9.57 -3.64 -5.14
CA ARG A 10 10.68 -2.73 -5.40
C ARG A 10 10.20 -1.48 -6.14
N ILE A 11 9.17 -1.64 -6.96
CA ILE A 11 8.62 -0.53 -7.73
C ILE A 11 7.80 0.40 -6.85
N PHE A 12 6.78 -0.13 -6.20
CA PHE A 12 5.91 0.67 -5.33
C PHE A 12 6.73 1.40 -4.26
N ILE A 13 7.47 0.63 -3.46
CA ILE A 13 8.28 1.19 -2.39
C ILE A 13 9.10 2.38 -2.88
N HIS A 14 9.83 2.18 -3.99
CA HIS A 14 10.67 3.23 -4.57
C HIS A 14 9.89 4.07 -5.58
N SER A 15 8.76 4.60 -5.14
CA SER A 15 7.92 5.43 -6.01
C SER A 15 6.85 6.17 -5.22
N VAL A 16 6.07 5.42 -4.45
CA VAL A 16 5.00 6.00 -3.65
C VAL A 16 5.44 7.30 -2.98
N GLY A 17 4.73 8.39 -3.27
CA GLY A 17 5.05 9.69 -2.69
C GLY A 17 4.51 9.86 -1.29
N ALA A 18 5.27 10.54 -0.44
CA ALA A 18 4.87 10.79 0.93
C ALA A 18 3.38 11.16 1.02
N GLY A 19 2.85 11.70 -0.07
CA GLY A 19 1.45 12.09 -0.10
C GLY A 19 0.51 10.92 -0.28
N THR A 20 0.64 10.23 -1.41
CA THR A 20 -0.21 9.08 -1.70
C THR A 20 -0.32 8.14 -0.51
N ILE A 21 0.75 8.04 0.27
CA ILE A 21 0.77 7.17 1.44
C ILE A 21 -0.40 7.47 2.38
N ASN A 22 -0.46 8.71 2.86
CA ASN A 22 -1.52 9.12 3.77
C ASN A 22 -2.90 8.85 3.20
N ALA A 23 -3.04 9.05 1.89
CA ALA A 23 -4.32 8.84 1.21
C ALA A 23 -4.59 7.35 0.99
N LEU A 24 -3.52 6.58 0.87
CA LEU A 24 -3.62 5.15 0.64
C LEU A 24 -4.07 4.42 1.92
N LEU A 25 -3.28 4.55 2.97
CA LEU A 25 -3.60 3.89 4.24
C LEU A 25 -4.94 4.35 4.76
N ASP A 26 -5.30 5.59 4.43
CA ASP A 26 -6.57 6.16 4.87
C ASP A 26 -7.73 5.37 4.28
N CYS A 27 -7.63 5.03 3.00
CA CYS A 27 -8.68 4.28 2.32
C CYS A 27 -8.79 2.87 2.91
N LEU A 28 -7.65 2.25 3.18
CA LEU A 28 -7.62 0.90 3.75
C LEU A 28 -8.51 0.84 4.99
N LEU A 29 -8.36 1.82 5.88
CA LEU A 29 -9.16 1.87 7.09
C LEU A 29 -10.64 1.85 6.77
N GLU A 30 -11.04 2.65 5.78
CA GLU A 30 -12.43 2.72 5.36
C GLU A 30 -13.02 1.31 5.24
N ASP A 31 -12.27 0.42 4.59
CA ASP A 31 -12.71 -0.96 4.41
C ASP A 31 -12.51 -1.76 5.70
N GLU A 32 -11.67 -1.24 6.58
CA GLU A 32 -11.38 -1.89 7.85
C GLU A 32 -10.63 -3.21 7.63
N VAL A 33 -9.77 -3.23 6.61
CA VAL A 33 -9.01 -4.43 6.30
C VAL A 33 -7.86 -4.62 7.28
N ILE A 34 -7.18 -3.52 7.65
CA ILE A 34 -6.06 -3.56 8.59
C ILE A 34 -6.57 -3.38 10.03
N SER A 35 -5.80 -3.88 10.99
CA SER A 35 -6.16 -3.78 12.41
C SER A 35 -5.47 -2.59 13.07
N GLN A 36 -6.09 -2.03 14.10
CA GLN A 36 -5.53 -0.89 14.82
C GLN A 36 -4.05 -1.13 15.11
N GLU A 37 -3.70 -2.39 15.33
CA GLU A 37 -2.32 -2.76 15.61
C GLU A 37 -1.44 -2.51 14.39
N ASP A 38 -2.00 -2.80 13.22
CA ASP A 38 -1.29 -2.60 11.96
C ASP A 38 -1.21 -1.12 11.62
N MET A 39 -2.35 -0.45 11.63
CA MET A 39 -2.40 0.98 11.35
C MET A 39 -1.34 1.71 12.16
N ASN A 40 -1.07 1.16 13.34
CA ASN A 40 -0.08 1.74 14.24
C ASN A 40 1.33 1.50 13.69
N LYS A 41 1.57 0.32 13.13
CA LYS A 41 2.88 0.01 12.57
C LYS A 41 3.35 1.14 11.67
N VAL A 42 2.46 1.58 10.78
CA VAL A 42 2.79 2.67 9.87
C VAL A 42 2.88 4.01 10.60
N ARG A 43 1.91 4.27 11.47
CA ARG A 43 1.88 5.51 12.25
C ARG A 43 2.88 5.47 13.39
N ASP A 44 3.59 4.35 13.53
CA ASP A 44 4.58 4.19 14.58
C ASP A 44 5.72 5.16 14.39
N GLU A 45 5.69 5.87 13.26
CA GLU A 45 6.72 6.84 12.94
C GLU A 45 8.10 6.18 12.86
N ASN A 46 8.30 5.41 11.80
CA ASN A 46 9.57 4.72 11.58
C ASN A 46 10.64 5.68 11.08
N ASP A 47 10.55 6.04 9.80
CA ASP A 47 11.52 6.95 9.19
C ASP A 47 10.93 7.58 7.93
N THR A 48 11.78 7.74 6.92
CA THR A 48 11.36 8.34 5.66
C THR A 48 10.33 7.46 4.95
N VAL A 49 10.05 7.77 3.69
CA VAL A 49 9.09 7.01 2.91
C VAL A 49 9.58 5.58 2.68
N MET A 50 10.89 5.41 2.53
CA MET A 50 11.46 4.09 2.30
C MET A 50 11.06 3.11 3.40
N ASP A 51 10.96 3.61 4.63
CA ASP A 51 10.59 2.79 5.79
C ASP A 51 9.08 2.71 5.96
N LYS A 52 8.39 3.84 5.75
CA LYS A 52 6.95 3.89 5.90
C LYS A 52 6.25 3.09 4.81
N ALA A 53 6.88 3.00 3.65
CA ALA A 53 6.31 2.26 2.52
C ALA A 53 6.53 0.76 2.69
N ARG A 54 7.79 0.37 2.88
CA ARG A 54 8.14 -1.03 3.05
C ARG A 54 7.15 -1.74 3.97
N VAL A 55 6.81 -1.10 5.07
CA VAL A 55 5.86 -1.67 6.03
C VAL A 55 4.44 -1.64 5.49
N LEU A 56 4.02 -0.47 5.01
CA LEU A 56 2.67 -0.31 4.48
C LEU A 56 2.32 -1.45 3.53
N ILE A 57 3.15 -1.64 2.51
CA ILE A 57 2.92 -2.69 1.53
C ILE A 57 2.96 -4.07 2.18
N ASP A 58 3.74 -4.19 3.26
CA ASP A 58 3.87 -5.45 3.97
C ASP A 58 2.56 -5.81 4.68
N LEU A 59 1.96 -4.83 5.33
CA LEU A 59 0.71 -5.04 6.06
C LEU A 59 -0.39 -5.55 5.12
N VAL A 60 -0.65 -4.80 4.06
CA VAL A 60 -1.67 -5.16 3.08
C VAL A 60 -1.58 -6.65 2.73
N THR A 61 -0.40 -7.08 2.33
CA THR A 61 -0.17 -8.48 1.96
C THR A 61 -0.44 -9.41 3.13
N GLY A 62 -0.11 -8.96 4.34
CA GLY A 62 -0.32 -9.77 5.52
C GLY A 62 -1.78 -10.14 5.72
N LYS A 63 -2.67 -9.19 5.43
CA LYS A 63 -4.10 -9.42 5.58
C LYS A 63 -4.64 -10.24 4.42
N GLY A 64 -3.78 -11.09 3.86
CA GLY A 64 -4.19 -11.94 2.74
C GLY A 64 -4.20 -11.19 1.42
N PRO A 65 -4.33 -11.91 0.30
CA PRO A 65 -4.37 -11.31 -1.04
C PRO A 65 -5.70 -10.60 -1.33
N LYS A 66 -6.68 -10.86 -0.48
CA LYS A 66 -8.01 -10.25 -0.64
C LYS A 66 -7.90 -8.73 -0.59
N SER A 67 -6.86 -8.24 0.07
CA SER A 67 -6.62 -6.81 0.21
C SER A 67 -5.95 -6.25 -1.05
N CYS A 68 -5.19 -7.10 -1.73
CA CYS A 68 -4.49 -6.69 -2.93
C CYS A 68 -5.45 -6.07 -3.95
N CYS A 69 -6.64 -6.66 -4.06
CA CYS A 69 -7.64 -6.17 -5.00
C CYS A 69 -7.97 -4.70 -4.74
N LYS A 70 -8.55 -4.43 -3.58
CA LYS A 70 -8.92 -3.08 -3.20
C LYS A 70 -7.71 -2.15 -3.23
N PHE A 71 -6.54 -2.70 -2.93
CA PHE A 71 -5.31 -1.91 -2.91
C PHE A 71 -5.00 -1.33 -4.30
N ILE A 72 -5.02 -2.20 -5.31
CA ILE A 72 -4.75 -1.77 -6.68
C ILE A 72 -5.79 -0.77 -7.17
N LYS A 73 -7.03 -0.95 -6.73
CA LYS A 73 -8.11 -0.05 -7.13
C LYS A 73 -7.96 1.32 -6.48
N HIS A 74 -7.62 1.32 -5.20
CA HIS A 74 -7.44 2.57 -4.47
C HIS A 74 -6.21 3.31 -4.96
N LEU A 75 -5.08 2.62 -4.98
CA LEU A 75 -3.83 3.21 -5.43
C LEU A 75 -4.01 3.92 -6.77
N CYS A 76 -4.88 3.38 -7.61
CA CYS A 76 -5.15 3.95 -8.92
C CYS A 76 -5.74 5.35 -8.81
N GLU A 77 -6.91 5.44 -8.18
CA GLU A 77 -7.58 6.73 -8.02
C GLU A 77 -6.78 7.68 -7.14
N GLU A 78 -5.64 7.20 -6.62
CA GLU A 78 -4.76 8.00 -5.74
C GLU A 78 -3.51 8.48 -6.47
N ASP A 79 -2.95 7.63 -7.36
CA ASP A 79 -1.75 7.97 -8.12
C ASP A 79 -1.72 7.27 -9.47
N PRO A 80 -2.49 7.79 -10.44
CA PRO A 80 -2.55 7.21 -11.80
C PRO A 80 -1.16 7.02 -12.42
N GLN A 81 -0.21 7.84 -11.97
CA GLN A 81 1.16 7.78 -12.48
C GLN A 81 1.80 6.43 -12.18
N LEU A 82 2.07 6.19 -10.89
CA LEU A 82 2.68 4.94 -10.46
C LEU A 82 1.76 3.77 -10.77
N ALA A 83 0.47 3.99 -10.63
CA ALA A 83 -0.52 2.95 -10.87
C ALA A 83 -0.45 2.46 -12.31
N SER A 84 0.17 3.24 -13.18
CA SER A 84 0.31 2.87 -14.58
C SER A 84 1.00 1.52 -14.70
N LYS A 85 1.98 1.30 -13.82
CA LYS A 85 2.74 0.06 -13.79
C LYS A 85 2.00 -0.98 -12.95
N MET A 86 1.27 -0.51 -11.94
CA MET A 86 0.49 -1.37 -11.04
C MET A 86 -1.00 -1.32 -11.41
N GLY A 87 -1.28 -1.02 -12.68
CA GLY A 87 -2.66 -0.94 -13.20
C GLY A 87 -2.84 -1.81 -14.42
N LEU A 88 -2.54 -3.09 -14.27
CA LEU A 88 -2.65 -4.05 -15.37
C LEU A 88 -3.92 -3.80 -16.19
N HIS A 89 -5.05 -3.72 -15.50
CA HIS A 89 -6.33 -3.49 -16.16
C HIS A 89 -6.50 -2.03 -16.54
N ALA A 1 -0.37 -18.92 -7.60
CA ALA A 1 0.32 -17.96 -8.46
C ALA A 1 -0.36 -16.59 -8.39
N ASP A 2 -0.04 -15.84 -7.35
CA ASP A 2 -0.62 -14.51 -7.16
C ASP A 2 0.18 -13.71 -6.13
N GLN A 3 1.12 -12.90 -6.61
CA GLN A 3 1.96 -12.07 -5.74
C GLN A 3 2.37 -10.79 -6.45
N LEU A 4 1.39 -9.93 -6.73
CA LEU A 4 1.66 -8.67 -7.41
C LEU A 4 2.56 -7.79 -6.58
N LEU A 5 2.16 -7.51 -5.34
CA LEU A 5 2.95 -6.67 -4.45
C LEU A 5 4.41 -7.13 -4.42
N ARG A 6 4.61 -8.39 -4.01
CA ARG A 6 5.94 -8.97 -3.93
C ARG A 6 6.81 -8.54 -5.11
N LYS A 7 6.32 -8.80 -6.33
CA LYS A 7 7.05 -8.43 -7.53
C LYS A 7 7.22 -6.92 -7.65
N LYS A 8 6.12 -6.20 -7.46
CA LYS A 8 6.13 -4.73 -7.55
C LYS A 8 6.62 -4.11 -6.24
N ARG A 9 7.17 -4.94 -5.36
CA ARG A 9 7.67 -4.46 -4.08
C ARG A 9 8.79 -3.44 -4.29
N ARG A 10 9.63 -3.69 -5.29
CA ARG A 10 10.74 -2.79 -5.60
C ARG A 10 10.26 -1.53 -6.31
N ILE A 11 9.16 -1.65 -7.05
CA ILE A 11 8.59 -0.51 -7.78
C ILE A 11 7.82 0.42 -6.82
N PHE A 12 6.70 -0.08 -6.32
CA PHE A 12 5.86 0.71 -5.41
C PHE A 12 6.70 1.38 -4.33
N ILE A 13 7.55 0.61 -3.66
CA ILE A 13 8.39 1.16 -2.60
C ILE A 13 9.25 2.32 -3.10
N HIS A 14 9.94 2.11 -4.22
CA HIS A 14 10.81 3.14 -4.82
C HIS A 14 10.06 3.96 -5.86
N SER A 15 8.95 4.58 -5.45
CA SER A 15 8.15 5.39 -6.37
C SER A 15 7.06 6.13 -5.63
N VAL A 16 6.52 5.51 -4.58
CA VAL A 16 5.46 6.12 -3.79
C VAL A 16 5.94 7.35 -3.04
N GLY A 17 5.15 8.43 -3.12
CA GLY A 17 5.49 9.68 -2.43
C GLY A 17 4.89 9.74 -1.04
N ALA A 18 5.55 10.48 -0.15
CA ALA A 18 5.08 10.63 1.22
C ALA A 18 3.61 11.05 1.25
N GLY A 19 3.13 11.58 0.13
CA GLY A 19 1.74 12.02 0.03
C GLY A 19 0.79 10.86 -0.16
N THR A 20 0.92 10.17 -1.27
CA THR A 20 0.06 9.03 -1.58
C THR A 20 -0.08 8.10 -0.39
N ILE A 21 1.01 7.93 0.35
CA ILE A 21 1.00 7.05 1.53
C ILE A 21 -0.13 7.44 2.48
N ASN A 22 -0.15 8.68 2.92
CA ASN A 22 -1.17 9.15 3.84
C ASN A 22 -2.57 8.90 3.28
N ALA A 23 -2.75 9.12 1.99
CA ALA A 23 -4.04 8.91 1.33
C ALA A 23 -4.35 7.44 1.13
N LEU A 24 -3.30 6.63 1.03
CA LEU A 24 -3.45 5.20 0.82
C LEU A 24 -3.86 4.49 2.10
N LEU A 25 -3.05 4.63 3.15
CA LEU A 25 -3.35 3.98 4.42
C LEU A 25 -4.72 4.41 4.94
N ASP A 26 -5.11 5.64 4.61
CA ASP A 26 -6.40 6.17 5.03
C ASP A 26 -7.53 5.36 4.39
N CYS A 27 -7.37 5.08 3.11
CA CYS A 27 -8.37 4.30 2.37
C CYS A 27 -8.51 2.90 2.96
N LEU A 28 -7.37 2.29 3.27
CA LEU A 28 -7.37 0.96 3.85
C LEU A 28 -8.35 0.86 5.01
N LEU A 29 -8.33 1.86 5.88
CA LEU A 29 -9.23 1.89 7.03
C LEU A 29 -10.67 1.89 6.56
N GLU A 30 -10.95 2.64 5.51
CA GLU A 30 -12.31 2.72 4.96
C GLU A 30 -12.89 1.33 4.81
N ASP A 31 -12.11 0.40 4.27
CA ASP A 31 -12.54 -0.98 4.08
C ASP A 31 -12.40 -1.76 5.40
N GLU A 32 -11.63 -1.21 6.31
CA GLU A 32 -11.40 -1.84 7.61
C GLU A 32 -10.67 -3.16 7.46
N VAL A 33 -9.71 -3.20 6.54
CA VAL A 33 -8.93 -4.42 6.29
C VAL A 33 -7.86 -4.60 7.37
N ILE A 34 -7.23 -3.50 7.78
CA ILE A 34 -6.18 -3.53 8.81
C ILE A 34 -6.80 -3.37 10.20
N SER A 35 -6.09 -3.90 11.21
CA SER A 35 -6.55 -3.82 12.61
C SER A 35 -5.86 -2.68 13.33
N GLN A 36 -6.55 -2.09 14.31
CA GLN A 36 -5.99 -0.97 15.08
C GLN A 36 -4.53 -1.22 15.40
N GLU A 37 -4.17 -2.48 15.58
CA GLU A 37 -2.79 -2.84 15.89
C GLU A 37 -1.89 -2.59 14.70
N ASP A 38 -2.38 -2.91 13.51
CA ASP A 38 -1.62 -2.70 12.28
C ASP A 38 -1.57 -1.22 11.95
N MET A 39 -2.70 -0.54 12.09
CA MET A 39 -2.76 0.89 11.82
C MET A 39 -1.71 1.61 12.66
N ASN A 40 -1.34 1.01 13.78
CA ASN A 40 -0.35 1.58 14.67
C ASN A 40 1.06 1.39 14.13
N LYS A 41 1.32 0.21 13.56
CA LYS A 41 2.63 -0.08 12.99
C LYS A 41 3.07 1.06 12.07
N VAL A 42 2.19 1.41 11.13
CA VAL A 42 2.50 2.48 10.17
C VAL A 42 2.40 3.86 10.83
N ARG A 43 1.26 4.13 11.47
CA ARG A 43 1.04 5.41 12.11
C ARG A 43 2.15 5.73 13.10
N ASP A 44 2.97 4.73 13.39
CA ASP A 44 4.08 4.90 14.32
C ASP A 44 5.09 5.92 13.79
N GLU A 45 4.99 6.20 12.49
CA GLU A 45 5.89 7.16 11.86
C GLU A 45 7.35 6.79 12.12
N ASN A 46 7.88 5.91 11.27
CA ASN A 46 9.27 5.47 11.41
C ASN A 46 10.23 6.56 10.95
N ASP A 47 10.43 6.67 9.64
CA ASP A 47 11.33 7.67 9.08
C ASP A 47 11.06 7.88 7.60
N THR A 48 12.12 8.00 6.83
CA THR A 48 12.00 8.22 5.39
C THR A 48 10.88 7.36 4.77
N VAL A 49 10.50 7.70 3.55
CA VAL A 49 9.44 6.98 2.85
C VAL A 49 9.83 5.51 2.65
N MET A 50 11.09 5.26 2.33
CA MET A 50 11.57 3.90 2.10
C MET A 50 11.05 2.95 3.19
N ASP A 51 11.01 3.44 4.43
CA ASP A 51 10.55 2.64 5.55
C ASP A 51 9.03 2.61 5.64
N LYS A 52 8.41 3.79 5.58
CA LYS A 52 6.96 3.91 5.66
C LYS A 52 6.27 3.08 4.59
N ALA A 53 6.93 2.93 3.44
CA ALA A 53 6.38 2.17 2.32
C ALA A 53 6.54 0.67 2.54
N ARG A 54 7.79 0.23 2.63
CA ARG A 54 8.10 -1.19 2.84
C ARG A 54 7.14 -1.82 3.85
N VAL A 55 6.94 -1.13 4.96
CA VAL A 55 6.05 -1.62 6.02
C VAL A 55 4.59 -1.57 5.60
N LEU A 56 4.22 -0.51 4.88
CA LEU A 56 2.85 -0.34 4.42
C LEU A 56 2.44 -1.43 3.44
N ILE A 57 3.30 -1.71 2.47
CA ILE A 57 3.03 -2.72 1.46
C ILE A 57 3.06 -4.12 2.06
N ASP A 58 3.85 -4.30 3.12
CA ASP A 58 3.97 -5.60 3.77
C ASP A 58 2.70 -5.96 4.54
N LEU A 59 2.16 -4.99 5.26
CA LEU A 59 0.94 -5.19 6.05
C LEU A 59 -0.21 -5.63 5.16
N VAL A 60 -0.42 -4.92 4.05
CA VAL A 60 -1.49 -5.25 3.12
C VAL A 60 -1.45 -6.72 2.73
N THR A 61 -0.34 -7.13 2.12
CA THR A 61 -0.17 -8.52 1.70
C THR A 61 -0.44 -9.48 2.84
N GLY A 62 0.07 -9.15 4.02
CA GLY A 62 -0.13 -10.01 5.18
C GLY A 62 -1.58 -10.35 5.41
N LYS A 63 -2.47 -9.38 5.17
CA LYS A 63 -3.90 -9.59 5.35
C LYS A 63 -4.48 -10.40 4.20
N GLY A 64 -3.65 -11.25 3.61
CA GLY A 64 -4.09 -12.08 2.50
C GLY A 64 -4.16 -11.33 1.20
N PRO A 65 -4.37 -12.03 0.08
CA PRO A 65 -4.45 -11.40 -1.25
C PRO A 65 -5.79 -10.68 -1.45
N LYS A 66 -6.73 -10.89 -0.54
CA LYS A 66 -8.03 -10.26 -0.63
C LYS A 66 -7.90 -8.75 -0.57
N SER A 67 -6.84 -8.28 0.09
CA SER A 67 -6.58 -6.85 0.23
C SER A 67 -5.93 -6.28 -1.03
N CYS A 68 -5.12 -7.11 -1.69
CA CYS A 68 -4.42 -6.69 -2.90
C CYS A 68 -5.39 -6.06 -3.90
N CYS A 69 -6.53 -6.70 -4.11
CA CYS A 69 -7.53 -6.20 -5.04
C CYS A 69 -7.91 -4.76 -4.73
N LYS A 70 -8.46 -4.54 -3.54
CA LYS A 70 -8.88 -3.21 -3.11
C LYS A 70 -7.69 -2.24 -3.11
N PHE A 71 -6.52 -2.75 -2.74
CA PHE A 71 -5.32 -1.93 -2.69
C PHE A 71 -5.02 -1.32 -4.06
N ILE A 72 -4.99 -2.15 -5.09
CA ILE A 72 -4.72 -1.69 -6.44
C ILE A 72 -5.76 -0.69 -6.91
N LYS A 73 -6.99 -0.84 -6.42
CA LYS A 73 -8.08 0.05 -6.79
C LYS A 73 -7.91 1.43 -6.15
N HIS A 74 -7.61 1.44 -4.86
CA HIS A 74 -7.42 2.69 -4.13
C HIS A 74 -6.19 3.43 -4.65
N LEU A 75 -5.13 2.69 -4.92
CA LEU A 75 -3.89 3.27 -5.41
C LEU A 75 -4.12 3.98 -6.74
N CYS A 76 -5.04 3.45 -7.54
CA CYS A 76 -5.34 4.02 -8.85
C CYS A 76 -5.90 5.43 -8.72
N GLU A 77 -6.96 5.58 -7.93
CA GLU A 77 -7.59 6.88 -7.73
C GLU A 77 -6.70 7.83 -6.94
N GLU A 78 -5.63 7.30 -6.33
CA GLU A 78 -4.70 8.10 -5.52
C GLU A 78 -3.51 8.58 -6.35
N ASP A 79 -3.01 7.72 -7.25
CA ASP A 79 -1.85 8.06 -8.09
C ASP A 79 -1.91 7.33 -9.43
N PRO A 80 -2.76 7.80 -10.36
CA PRO A 80 -2.91 7.20 -11.68
C PRO A 80 -1.56 7.00 -12.37
N GLN A 81 -0.55 7.75 -11.92
CA GLN A 81 0.79 7.67 -12.50
C GLN A 81 1.43 6.33 -12.16
N LEU A 82 1.89 6.18 -10.92
CA LEU A 82 2.51 4.94 -10.49
C LEU A 82 1.58 3.78 -10.78
N ALA A 83 0.29 4.00 -10.56
CA ALA A 83 -0.71 2.97 -10.80
C ALA A 83 -0.57 2.40 -12.21
N SER A 84 0.27 3.03 -13.02
CA SER A 84 0.50 2.59 -14.38
C SER A 84 1.18 1.23 -14.38
N LYS A 85 2.24 1.12 -13.58
CA LYS A 85 2.99 -0.13 -13.47
C LYS A 85 2.32 -1.05 -12.45
N MET A 86 1.10 -0.68 -12.05
CA MET A 86 0.32 -1.45 -11.07
C MET A 86 -1.18 -1.37 -11.40
N GLY A 87 -1.49 -1.00 -12.65
CA GLY A 87 -2.88 -0.87 -13.12
C GLY A 87 -3.15 -1.73 -14.34
N LEU A 88 -2.83 -3.02 -14.21
CA LEU A 88 -3.03 -3.98 -15.30
C LEU A 88 -4.29 -3.67 -16.11
N HIS A 89 -5.33 -3.19 -15.43
CA HIS A 89 -6.58 -2.85 -16.09
C HIS A 89 -6.45 -1.58 -16.92
N ALA A 1 1.36 -19.05 -7.51
CA ALA A 1 0.69 -18.34 -8.60
C ALA A 1 -0.10 -17.15 -8.07
N ASP A 2 0.44 -16.51 -7.04
CA ASP A 2 -0.21 -15.35 -6.43
C ASP A 2 0.78 -14.53 -5.61
N GLN A 3 1.53 -13.66 -6.29
CA GLN A 3 2.52 -12.79 -5.64
C GLN A 3 2.58 -11.45 -6.36
N LEU A 4 1.47 -10.73 -6.35
CA LEU A 4 1.38 -9.43 -7.01
C LEU A 4 2.30 -8.39 -6.36
N LEU A 5 1.88 -7.86 -5.21
CA LEU A 5 2.67 -6.86 -4.51
C LEU A 5 4.15 -7.29 -4.44
N ARG A 6 4.38 -8.44 -3.81
CA ARG A 6 5.74 -8.97 -3.64
C ARG A 6 6.61 -8.68 -4.87
N LYS A 7 6.16 -9.11 -6.04
CA LYS A 7 6.91 -8.91 -7.26
C LYS A 7 6.97 -7.43 -7.64
N LYS A 8 5.82 -6.77 -7.63
CA LYS A 8 5.73 -5.34 -7.97
C LYS A 8 5.97 -4.47 -6.74
N ARG A 9 6.68 -5.01 -5.75
CA ARG A 9 6.97 -4.29 -4.52
C ARG A 9 8.09 -3.28 -4.74
N ARG A 10 9.21 -3.75 -5.28
CA ARG A 10 10.36 -2.89 -5.54
C ARG A 10 9.94 -1.57 -6.19
N ILE A 11 8.84 -1.61 -6.95
CA ILE A 11 8.33 -0.42 -7.63
C ILE A 11 7.57 0.49 -6.68
N PHE A 12 6.45 -0.01 -6.16
CA PHE A 12 5.62 0.76 -5.23
C PHE A 12 6.48 1.46 -4.19
N ILE A 13 7.32 0.70 -3.50
CA ILE A 13 8.18 1.24 -2.47
C ILE A 13 9.06 2.36 -3.01
N HIS A 14 9.73 2.10 -4.13
CA HIS A 14 10.62 3.08 -4.76
C HIS A 14 9.86 3.97 -5.75
N SER A 15 8.76 4.56 -5.28
CA SER A 15 7.94 5.43 -6.14
C SER A 15 6.89 6.17 -5.33
N VAL A 16 6.04 5.43 -4.63
CA VAL A 16 4.98 6.02 -3.82
C VAL A 16 5.43 7.31 -3.14
N GLY A 17 4.60 8.36 -3.27
CA GLY A 17 4.91 9.65 -2.68
C GLY A 17 4.42 9.77 -1.25
N ALA A 18 5.14 10.56 -0.45
CA ALA A 18 4.78 10.76 0.94
C ALA A 18 3.30 11.14 1.09
N GLY A 19 2.77 11.80 0.07
CA GLY A 19 1.38 12.21 0.11
C GLY A 19 0.41 11.06 -0.12
N THR A 20 0.69 10.24 -1.12
CA THR A 20 -0.16 9.11 -1.44
C THR A 20 -0.32 8.17 -0.24
N ILE A 21 0.75 8.02 0.53
CA ILE A 21 0.74 7.14 1.69
C ILE A 21 -0.43 7.48 2.61
N ASN A 22 -0.44 8.71 3.13
CA ASN A 22 -1.50 9.14 4.03
C ASN A 22 -2.87 8.86 3.45
N ALA A 23 -3.03 9.08 2.15
CA ALA A 23 -4.30 8.86 1.47
C ALA A 23 -4.56 7.37 1.26
N LEU A 24 -3.49 6.59 1.15
CA LEU A 24 -3.60 5.15 0.94
C LEU A 24 -3.99 4.42 2.21
N LEU A 25 -3.19 4.58 3.27
CA LEU A 25 -3.49 3.92 4.54
C LEU A 25 -4.84 4.34 5.07
N ASP A 26 -5.26 5.54 4.70
CA ASP A 26 -6.54 6.07 5.13
C ASP A 26 -7.68 5.27 4.50
N CYS A 27 -7.52 4.95 3.20
CA CYS A 27 -8.52 4.18 2.48
C CYS A 27 -8.64 2.77 3.05
N LEU A 28 -7.49 2.15 3.34
CA LEU A 28 -7.48 0.81 3.89
C LEU A 28 -8.40 0.71 5.10
N LEU A 29 -8.33 1.71 5.98
CA LEU A 29 -9.17 1.74 7.17
C LEU A 29 -10.64 1.70 6.78
N GLU A 30 -11.01 2.49 5.77
CA GLU A 30 -12.40 2.52 5.31
C GLU A 30 -12.94 1.11 5.15
N ASP A 31 -12.14 0.24 4.55
CA ASP A 31 -12.54 -1.15 4.33
C ASP A 31 -12.38 -1.96 5.62
N GLU A 32 -11.61 -1.42 6.55
CA GLU A 32 -11.36 -2.08 7.82
C GLU A 32 -10.60 -3.38 7.63
N VAL A 33 -9.71 -3.41 6.64
CA VAL A 33 -8.92 -4.59 6.35
C VAL A 33 -7.81 -4.77 7.38
N ILE A 34 -7.15 -3.67 7.76
CA ILE A 34 -6.07 -3.69 8.75
C ILE A 34 -6.63 -3.52 10.15
N SER A 35 -5.88 -4.01 11.15
CA SER A 35 -6.29 -3.92 12.56
C SER A 35 -5.67 -2.70 13.23
N GLN A 36 -6.36 -2.15 14.22
CA GLN A 36 -5.87 -0.98 14.95
C GLN A 36 -4.40 -1.15 15.29
N GLU A 37 -3.98 -2.39 15.51
CA GLU A 37 -2.59 -2.68 15.84
C GLU A 37 -1.69 -2.43 14.63
N ASP A 38 -2.18 -2.81 13.45
CA ASP A 38 -1.43 -2.62 12.21
C ASP A 38 -1.37 -1.13 11.86
N MET A 39 -2.52 -0.48 11.83
CA MET A 39 -2.57 0.94 11.52
C MET A 39 -1.53 1.70 12.33
N ASN A 40 -1.28 1.22 13.54
CA ASN A 40 -0.31 1.84 14.43
C ASN A 40 1.11 1.57 13.93
N LYS A 41 1.34 0.39 13.37
CA LYS A 41 2.66 0.04 12.85
C LYS A 41 3.16 1.13 11.90
N VAL A 42 2.31 1.53 10.96
CA VAL A 42 2.66 2.56 10.00
C VAL A 42 2.72 3.93 10.68
N ARG A 43 1.65 4.27 11.38
CA ARG A 43 1.56 5.54 12.07
C ARG A 43 2.77 5.74 12.98
N ASP A 44 3.44 4.64 13.31
CA ASP A 44 4.62 4.67 14.18
C ASP A 44 5.71 5.55 13.56
N GLU A 45 5.57 5.86 12.28
CA GLU A 45 6.54 6.69 11.58
C GLU A 45 7.96 6.22 11.87
N ASN A 46 8.39 5.17 11.16
CA ASN A 46 9.73 4.63 11.34
C ASN A 46 10.78 5.59 10.81
N ASP A 47 10.54 6.13 9.62
CA ASP A 47 11.47 7.07 9.00
C ASP A 47 10.86 7.70 7.76
N THR A 48 11.68 7.84 6.72
CA THR A 48 11.23 8.44 5.47
C THR A 48 10.21 7.55 4.77
N VAL A 49 9.90 7.90 3.51
CA VAL A 49 8.92 7.15 2.73
C VAL A 49 9.39 5.71 2.51
N MET A 50 10.62 5.56 2.02
CA MET A 50 11.18 4.24 1.76
C MET A 50 10.85 3.26 2.89
N ASP A 51 10.85 3.76 4.12
CA ASP A 51 10.57 2.94 5.30
C ASP A 51 9.06 2.85 5.57
N LYS A 52 8.37 3.97 5.49
CA LYS A 52 6.93 4.01 5.74
C LYS A 52 6.17 3.20 4.71
N ALA A 53 6.79 3.00 3.54
CA ALA A 53 6.18 2.23 2.45
C ALA A 53 6.41 0.74 2.64
N ARG A 54 7.65 0.35 2.84
CA ARG A 54 8.01 -1.06 3.03
C ARG A 54 7.03 -1.73 3.99
N VAL A 55 6.68 -1.02 5.05
CA VAL A 55 5.75 -1.55 6.05
C VAL A 55 4.31 -1.52 5.55
N LEU A 56 3.91 -0.38 4.98
CA LEU A 56 2.56 -0.22 4.49
C LEU A 56 2.20 -1.35 3.52
N ILE A 57 3.02 -1.52 2.48
CA ILE A 57 2.79 -2.56 1.50
C ILE A 57 2.84 -3.95 2.14
N ASP A 58 3.66 -4.10 3.17
CA ASP A 58 3.79 -5.37 3.87
C ASP A 58 2.51 -5.75 4.60
N LEU A 59 1.99 -4.83 5.40
CA LEU A 59 0.77 -5.07 6.16
C LEU A 59 -0.35 -5.57 5.25
N VAL A 60 -0.50 -4.94 4.09
CA VAL A 60 -1.53 -5.31 3.14
C VAL A 60 -1.41 -6.79 2.76
N THR A 61 -0.30 -7.14 2.12
CA THR A 61 -0.06 -8.52 1.70
C THR A 61 -0.26 -9.49 2.86
N GLY A 62 -0.09 -8.98 4.08
CA GLY A 62 -0.26 -9.82 5.25
C GLY A 62 -1.69 -10.30 5.44
N LYS A 63 -2.64 -9.39 5.22
CA LYS A 63 -4.05 -9.72 5.37
C LYS A 63 -4.56 -10.48 4.15
N GLY A 64 -3.67 -11.24 3.53
CA GLY A 64 -4.05 -12.03 2.36
C GLY A 64 -4.09 -11.20 1.09
N PRO A 65 -4.24 -11.85 -0.07
CA PRO A 65 -4.30 -11.17 -1.36
C PRO A 65 -5.65 -10.46 -1.58
N LYS A 66 -6.63 -10.81 -0.75
CA LYS A 66 -7.95 -10.20 -0.86
C LYS A 66 -7.86 -8.69 -0.72
N SER A 67 -6.81 -8.24 -0.04
CA SER A 67 -6.59 -6.81 0.19
C SER A 67 -5.93 -6.17 -1.03
N CYS A 68 -5.21 -6.97 -1.81
CA CYS A 68 -4.52 -6.48 -2.99
C CYS A 68 -5.48 -5.71 -3.90
N CYS A 69 -6.67 -6.25 -4.11
CA CYS A 69 -7.66 -5.60 -4.96
C CYS A 69 -7.94 -4.18 -4.49
N LYS A 70 -8.49 -4.06 -3.29
CA LYS A 70 -8.81 -2.76 -2.73
C LYS A 70 -7.58 -1.86 -2.70
N PHE A 71 -6.41 -2.47 -2.54
CA PHE A 71 -5.15 -1.74 -2.51
C PHE A 71 -4.81 -1.16 -3.88
N ILE A 72 -4.42 -2.04 -4.80
CA ILE A 72 -4.05 -1.63 -6.16
C ILE A 72 -5.04 -0.62 -6.72
N LYS A 73 -6.32 -0.83 -6.44
CA LYS A 73 -7.37 0.07 -6.92
C LYS A 73 -7.27 1.44 -6.26
N HIS A 74 -7.40 1.46 -4.93
CA HIS A 74 -7.34 2.70 -4.18
C HIS A 74 -6.10 3.51 -4.60
N LEU A 75 -5.07 2.81 -5.03
CA LEU A 75 -3.83 3.46 -5.46
C LEU A 75 -3.99 4.09 -6.84
N CYS A 76 -4.82 3.48 -7.66
CA CYS A 76 -5.07 3.97 -9.02
C CYS A 76 -5.65 5.39 -9.00
N GLU A 77 -6.64 5.61 -8.15
CA GLU A 77 -7.28 6.92 -8.05
C GLU A 77 -6.42 7.91 -7.27
N GLU A 78 -5.56 7.40 -6.39
CA GLU A 78 -4.68 8.25 -5.59
C GLU A 78 -3.42 8.64 -6.35
N ASP A 79 -2.98 7.76 -7.24
CA ASP A 79 -1.76 7.99 -8.04
C ASP A 79 -1.87 7.28 -9.40
N PRO A 80 -2.18 7.99 -10.52
CA PRO A 80 -2.29 7.35 -11.83
C PRO A 80 -0.94 7.17 -12.50
N GLN A 81 0.05 7.94 -12.05
CA GLN A 81 1.39 7.86 -12.61
C GLN A 81 2.04 6.54 -12.20
N LEU A 82 2.17 6.32 -10.90
CA LEU A 82 2.75 5.09 -10.38
C LEU A 82 1.88 3.89 -10.76
N ALA A 83 0.60 3.97 -10.44
CA ALA A 83 -0.34 2.91 -10.74
C ALA A 83 -0.22 2.48 -12.20
N SER A 84 0.34 3.36 -13.02
CA SER A 84 0.51 3.07 -14.44
C SER A 84 1.25 1.76 -14.61
N LYS A 85 2.18 1.50 -13.71
CA LYS A 85 2.97 0.28 -13.71
C LYS A 85 2.21 -0.84 -13.02
N MET A 86 1.51 -0.49 -11.93
CA MET A 86 0.73 -1.45 -11.15
C MET A 86 -0.69 -1.55 -11.70
N GLY A 87 -0.88 -1.04 -12.92
CA GLY A 87 -2.18 -1.08 -13.58
C GLY A 87 -2.37 -2.31 -14.44
N LEU A 88 -1.83 -3.43 -13.97
CA LEU A 88 -1.91 -4.71 -14.69
C LEU A 88 -3.22 -4.84 -15.47
N HIS A 89 -4.30 -4.30 -14.90
CA HIS A 89 -5.60 -4.36 -15.54
C HIS A 89 -5.70 -3.35 -16.68
N ALA A 1 -0.06 -17.98 -8.05
CA ALA A 1 -0.52 -17.19 -9.18
C ALA A 1 -1.15 -15.88 -8.73
N ASP A 2 -0.61 -15.32 -7.64
CA ASP A 2 -1.12 -14.06 -7.09
C ASP A 2 -0.12 -13.45 -6.13
N GLN A 3 0.80 -12.65 -6.67
CA GLN A 3 1.83 -11.97 -5.87
C GLN A 3 2.28 -10.68 -6.54
N LEU A 4 1.32 -9.80 -6.80
CA LEU A 4 1.61 -8.52 -7.44
C LEU A 4 2.49 -7.65 -6.54
N LEU A 5 2.03 -7.39 -5.33
CA LEU A 5 2.79 -6.56 -4.39
C LEU A 5 4.23 -7.06 -4.28
N ARG A 6 4.39 -8.32 -3.86
CA ARG A 6 5.71 -8.92 -3.69
C ARG A 6 6.69 -8.46 -4.76
N LYS A 7 6.41 -8.83 -6.01
CA LYS A 7 7.28 -8.45 -7.12
C LYS A 7 7.31 -6.94 -7.31
N LYS A 8 6.14 -6.32 -7.20
CA LYS A 8 6.02 -4.87 -7.36
C LYS A 8 6.42 -4.15 -6.08
N ARG A 9 7.03 -4.87 -5.15
CA ARG A 9 7.45 -4.29 -3.89
C ARG A 9 8.55 -3.27 -4.09
N ARG A 10 9.55 -3.62 -4.90
CA ARG A 10 10.66 -2.73 -5.19
C ARG A 10 10.20 -1.49 -5.95
N ILE A 11 9.16 -1.65 -6.77
CA ILE A 11 8.64 -0.55 -7.56
C ILE A 11 7.81 0.41 -6.71
N PHE A 12 6.78 -0.11 -6.06
CA PHE A 12 5.91 0.71 -5.22
C PHE A 12 6.70 1.40 -4.12
N ILE A 13 7.48 0.62 -3.37
CA ILE A 13 8.27 1.14 -2.27
C ILE A 13 9.12 2.33 -2.72
N HIS A 14 9.86 2.16 -3.82
CA HIS A 14 10.73 3.20 -4.36
C HIS A 14 9.98 4.07 -5.38
N SER A 15 8.84 4.60 -4.97
CA SER A 15 8.04 5.45 -5.84
C SER A 15 6.96 6.19 -5.08
N VAL A 16 6.13 5.45 -4.34
CA VAL A 16 5.05 6.03 -3.55
C VAL A 16 5.50 7.32 -2.87
N GLY A 17 4.80 8.41 -3.17
CA GLY A 17 5.13 9.70 -2.57
C GLY A 17 4.53 9.88 -1.19
N ALA A 18 5.27 10.57 -0.31
CA ALA A 18 4.82 10.80 1.04
C ALA A 18 3.34 11.20 1.08
N GLY A 19 2.84 11.71 -0.04
CA GLY A 19 1.45 12.13 -0.12
C GLY A 19 0.50 10.96 -0.28
N THR A 20 0.65 10.23 -1.38
CA THR A 20 -0.20 9.07 -1.66
C THR A 20 -0.32 8.16 -0.44
N ILE A 21 0.77 8.03 0.31
CA ILE A 21 0.79 7.18 1.50
C ILE A 21 -0.38 7.49 2.42
N ASN A 22 -0.41 8.72 2.93
CA ASN A 22 -1.47 9.15 3.83
C ASN A 22 -2.85 8.83 3.27
N ALA A 23 -3.01 9.02 1.96
CA ALA A 23 -4.29 8.78 1.30
C ALA A 23 -4.52 7.29 1.09
N LEU A 24 -3.43 6.53 1.01
CA LEU A 24 -3.50 5.09 0.79
C LEU A 24 -3.93 4.36 2.06
N LEU A 25 -3.15 4.52 3.13
CA LEU A 25 -3.47 3.85 4.40
C LEU A 25 -4.84 4.26 4.89
N ASP A 26 -5.20 5.53 4.67
CA ASP A 26 -6.49 6.03 5.10
C ASP A 26 -7.61 5.22 4.46
N CYS A 27 -7.48 4.96 3.17
CA CYS A 27 -8.47 4.17 2.44
C CYS A 27 -8.58 2.77 3.00
N LEU A 28 -7.42 2.16 3.30
CA LEU A 28 -7.40 0.81 3.84
C LEU A 28 -8.36 0.68 5.02
N LEU A 29 -8.34 1.66 5.92
CA LEU A 29 -9.22 1.64 7.08
C LEU A 29 -10.69 1.62 6.62
N GLU A 30 -11.00 2.42 5.61
CA GLU A 30 -12.35 2.48 5.08
C GLU A 30 -12.91 1.08 4.86
N ASP A 31 -12.05 0.18 4.37
CA ASP A 31 -12.45 -1.21 4.12
C ASP A 31 -12.40 -2.02 5.41
N GLU A 32 -11.67 -1.50 6.39
CA GLU A 32 -11.54 -2.17 7.69
C GLU A 32 -10.74 -3.47 7.55
N VAL A 33 -9.78 -3.49 6.64
CA VAL A 33 -8.95 -4.68 6.42
C VAL A 33 -7.88 -4.82 7.50
N ILE A 34 -7.20 -3.72 7.81
CA ILE A 34 -6.15 -3.71 8.84
C ILE A 34 -6.75 -3.40 10.22
N SER A 35 -6.06 -3.82 11.27
CA SER A 35 -6.50 -3.61 12.66
C SER A 35 -5.77 -2.43 13.28
N GLN A 36 -6.43 -1.75 14.22
CA GLN A 36 -5.84 -0.59 14.90
C GLN A 36 -4.38 -0.85 15.25
N GLU A 37 -4.05 -2.12 15.50
CA GLU A 37 -2.69 -2.50 15.84
C GLU A 37 -1.78 -2.34 14.63
N ASP A 38 -2.25 -2.83 13.48
CA ASP A 38 -1.49 -2.73 12.24
C ASP A 38 -1.37 -1.28 11.81
N MET A 39 -2.48 -0.57 11.83
CA MET A 39 -2.50 0.84 11.47
C MET A 39 -1.39 1.57 12.21
N ASN A 40 -1.16 1.16 13.44
CA ASN A 40 -0.12 1.77 14.27
C ASN A 40 1.26 1.49 13.70
N LYS A 41 1.46 0.27 13.18
CA LYS A 41 2.75 -0.09 12.61
C LYS A 41 3.19 0.98 11.61
N VAL A 42 2.29 1.36 10.72
CA VAL A 42 2.58 2.38 9.72
C VAL A 42 2.63 3.76 10.35
N ARG A 43 1.59 4.09 11.12
CA ARG A 43 1.51 5.39 11.78
C ARG A 43 2.69 5.58 12.74
N ASP A 44 3.44 4.51 12.97
CA ASP A 44 4.60 4.56 13.86
C ASP A 44 5.63 5.55 13.34
N GLU A 45 5.47 5.98 12.09
CA GLU A 45 6.39 6.93 11.47
C GLU A 45 7.83 6.55 11.76
N ASN A 46 8.31 5.50 11.12
CA ASN A 46 9.69 5.05 11.31
C ASN A 46 10.68 6.10 10.86
N ASP A 47 10.80 6.28 9.55
CA ASP A 47 11.72 7.27 8.98
C ASP A 47 11.30 7.64 7.56
N THR A 48 12.29 7.81 6.71
CA THR A 48 12.04 8.17 5.31
C THR A 48 10.94 7.31 4.71
N VAL A 49 10.32 7.79 3.64
CA VAL A 49 9.25 7.06 2.98
C VAL A 49 9.65 5.59 2.75
N MET A 50 10.88 5.38 2.33
CA MET A 50 11.37 4.02 2.07
C MET A 50 10.95 3.07 3.18
N ASP A 51 10.87 3.59 4.40
CA ASP A 51 10.48 2.79 5.57
C ASP A 51 8.97 2.68 5.70
N LYS A 52 8.30 3.84 5.72
CA LYS A 52 6.85 3.88 5.85
C LYS A 52 6.17 3.03 4.77
N ALA A 53 6.79 2.96 3.59
CA ALA A 53 6.25 2.19 2.48
C ALA A 53 6.53 0.70 2.65
N ARG A 54 7.73 0.37 3.12
CA ARG A 54 8.12 -1.02 3.32
C ARG A 54 7.11 -1.74 4.20
N VAL A 55 6.70 -1.10 5.28
CA VAL A 55 5.74 -1.69 6.20
C VAL A 55 4.31 -1.63 5.66
N LEU A 56 3.93 -0.48 5.11
CA LEU A 56 2.59 -0.29 4.56
C LEU A 56 2.23 -1.44 3.62
N ILE A 57 3.05 -1.63 2.58
CA ILE A 57 2.80 -2.68 1.61
C ILE A 57 2.90 -4.06 2.24
N ASP A 58 3.77 -4.20 3.24
CA ASP A 58 3.95 -5.49 3.92
C ASP A 58 2.67 -5.94 4.62
N LEU A 59 2.05 -5.04 5.37
CA LEU A 59 0.83 -5.35 6.10
C LEU A 59 -0.26 -5.84 5.15
N VAL A 60 -0.53 -5.09 4.10
CA VAL A 60 -1.56 -5.46 3.13
C VAL A 60 -1.41 -6.91 2.71
N THR A 61 -0.24 -7.26 2.21
CA THR A 61 0.04 -8.62 1.76
C THR A 61 -0.16 -9.63 2.89
N GLY A 62 -0.01 -9.17 4.13
CA GLY A 62 -0.17 -10.05 5.27
C GLY A 62 -1.62 -10.46 5.49
N LYS A 63 -2.53 -9.51 5.28
CA LYS A 63 -3.96 -9.76 5.46
C LYS A 63 -4.53 -10.50 4.25
N GLY A 64 -3.69 -11.31 3.62
CA GLY A 64 -4.13 -12.07 2.45
C GLY A 64 -4.14 -11.24 1.19
N PRO A 65 -4.27 -11.88 0.02
CA PRO A 65 -4.29 -11.19 -1.28
C PRO A 65 -5.63 -10.50 -1.53
N LYS A 66 -6.64 -10.87 -0.75
CA LYS A 66 -7.97 -10.28 -0.90
C LYS A 66 -7.88 -8.77 -0.73
N SER A 67 -6.86 -8.33 0.00
CA SER A 67 -6.64 -6.90 0.25
C SER A 67 -6.01 -6.23 -0.97
N CYS A 68 -5.28 -7.02 -1.77
CA CYS A 68 -4.62 -6.50 -2.95
C CYS A 68 -5.61 -5.77 -3.86
N CYS A 69 -6.73 -6.42 -4.15
CA CYS A 69 -7.74 -5.84 -5.02
C CYS A 69 -8.04 -4.39 -4.64
N LYS A 70 -8.35 -4.17 -3.36
CA LYS A 70 -8.65 -2.84 -2.87
C LYS A 70 -7.42 -1.94 -2.90
N PHE A 71 -6.25 -2.54 -2.79
CA PHE A 71 -4.99 -1.79 -2.80
C PHE A 71 -4.70 -1.24 -4.20
N ILE A 72 -4.99 -2.05 -5.22
CA ILE A 72 -4.75 -1.63 -6.61
C ILE A 72 -5.77 -0.59 -7.06
N LYS A 73 -7.00 -0.70 -6.56
CA LYS A 73 -8.06 0.24 -6.92
C LYS A 73 -7.86 1.58 -6.23
N HIS A 74 -7.49 1.54 -4.96
CA HIS A 74 -7.27 2.76 -4.19
C HIS A 74 -6.06 3.52 -4.72
N LEU A 75 -5.00 2.79 -5.01
CA LEU A 75 -3.77 3.39 -5.53
C LEU A 75 -4.01 4.07 -6.87
N CYS A 76 -4.96 3.52 -7.64
CA CYS A 76 -5.27 4.07 -8.96
C CYS A 76 -5.80 5.51 -8.86
N GLU A 77 -6.89 5.68 -8.12
CA GLU A 77 -7.49 7.00 -7.97
C GLU A 77 -6.58 7.96 -7.20
N GLU A 78 -5.55 7.42 -6.54
CA GLU A 78 -4.61 8.23 -5.75
C GLU A 78 -3.43 8.71 -6.60
N ASP A 79 -2.79 7.78 -7.32
CA ASP A 79 -1.63 8.09 -8.17
C ASP A 79 -1.70 7.37 -9.50
N PRO A 80 -2.51 7.89 -10.44
CA PRO A 80 -2.65 7.29 -11.78
C PRO A 80 -1.30 7.03 -12.44
N GLN A 81 -0.29 7.78 -12.01
CA GLN A 81 1.07 7.63 -12.55
C GLN A 81 1.66 6.27 -12.18
N LEU A 82 2.02 6.11 -10.91
CA LEU A 82 2.60 4.86 -10.42
C LEU A 82 1.65 3.71 -10.72
N ALA A 83 0.35 4.01 -10.73
CA ALA A 83 -0.66 3.01 -10.99
C ALA A 83 -0.55 2.44 -12.41
N SER A 84 0.23 3.10 -13.24
CA SER A 84 0.41 2.66 -14.61
C SER A 84 1.06 1.29 -14.65
N LYS A 85 2.10 1.12 -13.83
CA LYS A 85 2.82 -0.15 -13.73
C LYS A 85 2.12 -1.09 -12.77
N MET A 86 1.20 -0.54 -11.97
CA MET A 86 0.41 -1.31 -10.97
C MET A 86 -1.08 -1.22 -11.29
N GLY A 87 -1.40 -1.05 -12.58
CA GLY A 87 -2.80 -0.95 -13.04
C GLY A 87 -3.04 -1.80 -14.26
N LEU A 88 -2.78 -3.10 -14.12
CA LEU A 88 -2.96 -4.05 -15.21
C LEU A 88 -4.23 -3.75 -16.01
N HIS A 89 -5.32 -3.48 -15.30
CA HIS A 89 -6.59 -3.19 -15.94
C HIS A 89 -6.50 -1.89 -16.75
N ALA A 1 0.43 -18.65 -8.75
CA ALA A 1 0.90 -17.36 -9.27
C ALA A 1 0.03 -16.22 -8.76
N ASP A 2 0.41 -15.67 -7.60
CA ASP A 2 -0.33 -14.56 -7.00
C ASP A 2 0.50 -13.88 -5.93
N GLN A 3 1.36 -12.95 -6.37
CA GLN A 3 2.22 -12.19 -5.46
C GLN A 3 2.58 -10.84 -6.06
N LEU A 4 1.57 -10.18 -6.65
CA LEU A 4 1.78 -8.88 -7.27
C LEU A 4 2.64 -7.98 -6.40
N LEU A 5 2.21 -7.74 -5.17
CA LEU A 5 2.96 -6.89 -4.25
C LEU A 5 4.42 -7.31 -4.18
N ARG A 6 4.66 -8.54 -3.77
CA ARG A 6 6.02 -9.07 -3.65
C ARG A 6 6.91 -8.60 -4.81
N LYS A 7 6.56 -9.03 -6.02
CA LYS A 7 7.33 -8.66 -7.21
C LYS A 7 7.37 -7.15 -7.40
N LYS A 8 6.22 -6.50 -7.21
CA LYS A 8 6.11 -5.05 -7.36
C LYS A 8 6.52 -4.32 -6.08
N ARG A 9 7.13 -5.05 -5.16
CA ARG A 9 7.56 -4.48 -3.89
C ARG A 9 8.60 -3.39 -4.11
N ARG A 10 9.45 -3.59 -5.11
CA ARG A 10 10.50 -2.62 -5.43
C ARG A 10 9.94 -1.41 -6.17
N ILE A 11 8.86 -1.63 -6.91
CA ILE A 11 8.23 -0.55 -7.67
C ILE A 11 7.46 0.41 -6.75
N PHE A 12 6.38 -0.08 -6.17
CA PHE A 12 5.56 0.73 -5.28
C PHE A 12 6.40 1.43 -4.21
N ILE A 13 7.24 0.66 -3.52
CA ILE A 13 8.08 1.20 -2.46
C ILE A 13 8.93 2.37 -2.95
N HIS A 14 9.64 2.16 -4.08
CA HIS A 14 10.50 3.20 -4.66
C HIS A 14 9.74 4.07 -5.65
N SER A 15 8.64 4.66 -5.19
CA SER A 15 7.84 5.52 -6.05
C SER A 15 6.78 6.27 -5.24
N VAL A 16 5.96 5.54 -4.51
CA VAL A 16 4.90 6.13 -3.69
C VAL A 16 5.38 7.39 -2.98
N GLY A 17 4.70 8.51 -3.25
CA GLY A 17 5.06 9.79 -2.64
C GLY A 17 4.38 10.00 -1.30
N ALA A 18 5.14 10.53 -0.33
CA ALA A 18 4.61 10.79 1.01
C ALA A 18 3.15 11.21 0.99
N GLY A 19 2.72 11.83 -0.10
CA GLY A 19 1.34 12.28 -0.21
C GLY A 19 0.37 11.12 -0.40
N THR A 20 0.68 10.24 -1.35
CA THR A 20 -0.18 9.10 -1.63
C THR A 20 -0.27 8.15 -0.44
N ILE A 21 0.83 8.00 0.29
CA ILE A 21 0.86 7.12 1.45
C ILE A 21 -0.29 7.42 2.40
N ASN A 22 -0.29 8.62 2.95
CA ASN A 22 -1.32 9.03 3.89
C ASN A 22 -2.73 8.80 3.32
N ALA A 23 -2.90 9.08 2.03
CA ALA A 23 -4.20 8.90 1.39
C ALA A 23 -4.51 7.42 1.14
N LEU A 24 -3.46 6.63 0.99
CA LEU A 24 -3.61 5.19 0.75
C LEU A 24 -4.06 4.47 2.00
N LEU A 25 -3.28 4.56 3.07
CA LEU A 25 -3.62 3.90 4.32
C LEU A 25 -4.99 4.32 4.81
N ASP A 26 -5.36 5.56 4.50
CA ASP A 26 -6.66 6.10 4.90
C ASP A 26 -7.78 5.25 4.32
N CYS A 27 -7.73 5.01 3.01
CA CYS A 27 -8.75 4.21 2.34
C CYS A 27 -8.81 2.80 2.93
N LEU A 28 -7.65 2.22 3.22
CA LEU A 28 -7.59 0.88 3.79
C LEU A 28 -8.50 0.78 5.01
N LEU A 29 -8.40 1.74 5.92
CA LEU A 29 -9.22 1.75 7.12
C LEU A 29 -10.70 1.71 6.75
N GLU A 30 -11.07 2.46 5.73
CA GLU A 30 -12.47 2.50 5.28
C GLU A 30 -13.01 1.09 5.13
N ASP A 31 -12.20 0.22 4.53
CA ASP A 31 -12.59 -1.18 4.33
C ASP A 31 -12.44 -1.97 5.63
N GLU A 32 -11.64 -1.44 6.55
CA GLU A 32 -11.39 -2.08 7.83
C GLU A 32 -10.64 -3.39 7.64
N VAL A 33 -9.75 -3.42 6.66
CA VAL A 33 -8.96 -4.61 6.37
C VAL A 33 -7.82 -4.77 7.37
N ILE A 34 -7.19 -3.66 7.75
CA ILE A 34 -6.08 -3.68 8.71
C ILE A 34 -6.61 -3.54 10.14
N SER A 35 -5.83 -4.03 11.11
CA SER A 35 -6.20 -3.97 12.52
C SER A 35 -5.65 -2.72 13.17
N GLN A 36 -6.37 -2.20 14.15
CA GLN A 36 -5.94 -1.00 14.87
C GLN A 36 -4.46 -1.12 15.25
N GLU A 37 -4.02 -2.36 15.45
CA GLU A 37 -2.63 -2.63 15.80
C GLU A 37 -1.71 -2.39 14.60
N ASP A 38 -2.20 -2.75 13.41
CA ASP A 38 -1.44 -2.56 12.19
C ASP A 38 -1.38 -1.08 11.83
N MET A 39 -2.53 -0.43 11.85
CA MET A 39 -2.60 1.00 11.54
C MET A 39 -1.55 1.75 12.35
N ASN A 40 -1.31 1.26 13.56
CA ASN A 40 -0.33 1.87 14.45
C ASN A 40 1.10 1.65 13.92
N LYS A 41 1.33 0.46 13.37
CA LYS A 41 2.65 0.13 12.83
C LYS A 41 3.14 1.22 11.88
N VAL A 42 2.27 1.63 10.95
CA VAL A 42 2.63 2.67 9.99
C VAL A 42 2.73 4.04 10.65
N ARG A 43 1.72 4.38 11.44
CA ARG A 43 1.69 5.67 12.14
C ARG A 43 2.98 5.88 12.92
N ASP A 44 3.57 4.78 13.38
CA ASP A 44 4.81 4.84 14.14
C ASP A 44 5.86 5.66 13.41
N GLU A 45 5.66 5.81 12.10
CA GLU A 45 6.59 6.57 11.27
C GLU A 45 8.03 6.23 11.60
N ASN A 46 8.50 5.10 11.07
CA ASN A 46 9.87 4.65 11.31
C ASN A 46 10.87 5.69 10.84
N ASP A 47 10.83 6.00 9.54
CA ASP A 47 11.74 6.98 8.95
C ASP A 47 11.20 7.50 7.63
N THR A 48 12.08 7.70 6.68
CA THR A 48 11.71 8.21 5.36
C THR A 48 10.58 7.37 4.75
N VAL A 49 10.31 7.59 3.47
CA VAL A 49 9.26 6.86 2.78
C VAL A 49 9.67 5.40 2.52
N MET A 50 10.98 5.15 2.51
CA MET A 50 11.48 3.81 2.27
C MET A 50 11.01 2.85 3.37
N ASP A 51 11.06 3.31 4.62
CA ASP A 51 10.64 2.50 5.76
C ASP A 51 9.12 2.51 5.93
N LYS A 52 8.49 3.65 5.68
CA LYS A 52 7.05 3.77 5.81
C LYS A 52 6.33 2.97 4.73
N ALA A 53 6.84 3.02 3.52
CA ALA A 53 6.25 2.30 2.39
C ALA A 53 6.55 0.81 2.49
N ARG A 54 7.65 0.48 3.16
CA ARG A 54 8.06 -0.91 3.33
C ARG A 54 7.03 -1.66 4.18
N VAL A 55 6.65 -1.06 5.31
CA VAL A 55 5.69 -1.69 6.20
C VAL A 55 4.27 -1.60 5.64
N LEU A 56 3.90 -0.42 5.16
CA LEU A 56 2.57 -0.21 4.61
C LEU A 56 2.18 -1.33 3.66
N ILE A 57 3.04 -1.61 2.68
CA ILE A 57 2.77 -2.66 1.71
C ILE A 57 2.88 -4.04 2.35
N ASP A 58 3.67 -4.14 3.42
CA ASP A 58 3.85 -5.41 4.11
C ASP A 58 2.59 -5.79 4.89
N LEU A 59 1.94 -4.80 5.48
CA LEU A 59 0.73 -5.04 6.27
C LEU A 59 -0.40 -5.55 5.37
N VAL A 60 -0.55 -4.92 4.21
CA VAL A 60 -1.59 -5.32 3.26
C VAL A 60 -1.51 -6.80 2.94
N THR A 61 -0.38 -7.21 2.37
CA THR A 61 -0.17 -8.61 2.00
C THR A 61 -0.53 -9.55 3.16
N GLY A 62 -0.02 -9.23 4.35
CA GLY A 62 -0.30 -10.04 5.51
C GLY A 62 -1.75 -10.45 5.63
N LYS A 63 -2.64 -9.50 5.37
CA LYS A 63 -4.08 -9.76 5.45
C LYS A 63 -4.57 -10.52 4.21
N GLY A 64 -3.68 -11.32 3.63
CA GLY A 64 -4.03 -12.09 2.45
C GLY A 64 -4.05 -11.26 1.19
N PRO A 65 -4.17 -11.91 0.02
CA PRO A 65 -4.20 -11.22 -1.27
C PRO A 65 -5.55 -10.55 -1.54
N LYS A 66 -6.56 -10.91 -0.75
CA LYS A 66 -7.89 -10.34 -0.90
C LYS A 66 -7.84 -8.83 -0.75
N SER A 67 -6.82 -8.36 -0.04
CA SER A 67 -6.64 -6.92 0.19
C SER A 67 -5.98 -6.25 -1.03
N CYS A 68 -5.20 -7.03 -1.77
CA CYS A 68 -4.52 -6.52 -2.95
C CYS A 68 -5.48 -5.77 -3.87
N CYS A 69 -6.61 -6.41 -4.19
CA CYS A 69 -7.61 -5.81 -5.07
C CYS A 69 -7.87 -4.36 -4.67
N LYS A 70 -8.21 -4.15 -3.41
CA LYS A 70 -8.50 -2.80 -2.91
C LYS A 70 -7.25 -1.93 -2.91
N PHE A 71 -6.10 -2.57 -2.81
CA PHE A 71 -4.82 -1.84 -2.80
C PHE A 71 -4.47 -1.29 -4.18
N ILE A 72 -4.68 -2.11 -5.21
CA ILE A 72 -4.37 -1.70 -6.58
C ILE A 72 -5.38 -0.68 -7.08
N LYS A 73 -6.63 -0.80 -6.62
CA LYS A 73 -7.69 0.10 -7.04
C LYS A 73 -7.59 1.44 -6.30
N HIS A 74 -7.55 1.39 -4.97
CA HIS A 74 -7.46 2.60 -4.17
C HIS A 74 -6.29 3.46 -4.60
N LEU A 75 -5.24 2.81 -5.11
CA LEU A 75 -4.05 3.50 -5.57
C LEU A 75 -4.31 4.20 -6.90
N CYS A 76 -4.81 3.45 -7.87
CA CYS A 76 -5.10 4.00 -9.19
C CYS A 76 -5.84 5.33 -9.09
N GLU A 77 -6.58 5.51 -8.01
CA GLU A 77 -7.35 6.75 -7.80
C GLU A 77 -6.47 7.87 -7.26
N GLU A 78 -5.65 7.56 -6.26
CA GLU A 78 -4.78 8.55 -5.65
C GLU A 78 -3.60 8.88 -6.56
N ASP A 79 -2.88 7.84 -7.01
CA ASP A 79 -1.69 7.98 -7.87
C ASP A 79 -1.92 7.31 -9.24
N PRO A 80 -2.31 8.07 -10.30
CA PRO A 80 -2.55 7.47 -11.62
C PRO A 80 -1.24 7.30 -12.41
N GLN A 81 -0.18 7.93 -11.93
CA GLN A 81 1.12 7.84 -12.58
C GLN A 81 1.79 6.50 -12.25
N LEU A 82 2.11 6.32 -10.97
CA LEU A 82 2.74 5.08 -10.52
C LEU A 82 1.85 3.89 -10.86
N ALA A 83 0.56 4.03 -10.61
CA ALA A 83 -0.40 2.97 -10.89
C ALA A 83 -0.31 2.52 -12.34
N SER A 84 0.37 3.31 -13.16
CA SER A 84 0.54 2.99 -14.58
C SER A 84 1.12 1.60 -14.72
N LYS A 85 2.00 1.23 -13.79
CA LYS A 85 2.64 -0.08 -13.79
C LYS A 85 1.77 -1.10 -13.08
N MET A 86 1.08 -0.66 -12.02
CA MET A 86 0.19 -1.53 -11.23
C MET A 86 -1.25 -1.43 -11.75
N GLY A 87 -1.40 -0.88 -12.97
CA GLY A 87 -2.70 -0.73 -13.60
C GLY A 87 -2.90 -1.71 -14.73
N LEU A 88 -2.55 -2.97 -14.48
CA LEU A 88 -2.67 -4.04 -15.47
C LEU A 88 -3.90 -3.86 -16.35
N HIS A 89 -4.99 -3.39 -15.75
CA HIS A 89 -6.23 -3.16 -16.48
C HIS A 89 -7.25 -2.42 -15.62
N ALA A 1 -0.56 -17.86 -7.79
CA ALA A 1 -1.33 -17.03 -8.72
C ALA A 1 -1.80 -15.75 -8.06
N ASP A 2 -1.07 -15.32 -7.03
CA ASP A 2 -1.42 -14.10 -6.31
C ASP A 2 -0.23 -13.60 -5.49
N GLN A 3 0.65 -12.83 -6.14
CA GLN A 3 1.84 -12.28 -5.49
C GLN A 3 2.27 -11.00 -6.19
N LEU A 4 1.31 -10.13 -6.47
CA LEU A 4 1.59 -8.87 -7.15
C LEU A 4 2.51 -7.99 -6.30
N LEU A 5 2.07 -7.64 -5.11
CA LEU A 5 2.86 -6.80 -4.21
C LEU A 5 4.31 -7.30 -4.17
N ARG A 6 4.48 -8.57 -3.84
CA ARG A 6 5.81 -9.17 -3.74
C ARG A 6 6.71 -8.69 -4.87
N LYS A 7 6.24 -8.83 -6.11
CA LYS A 7 7.01 -8.42 -7.28
C LYS A 7 7.09 -6.89 -7.38
N LYS A 8 5.97 -6.22 -7.15
CA LYS A 8 5.91 -4.76 -7.22
C LYS A 8 6.42 -4.13 -5.94
N ARG A 9 6.96 -4.95 -5.05
CA ARG A 9 7.49 -4.46 -3.78
C ARG A 9 8.56 -3.42 -3.99
N ARG A 10 9.43 -3.67 -4.98
CA ARG A 10 10.53 -2.75 -5.29
C ARG A 10 10.00 -1.54 -6.07
N ILE A 11 8.91 -1.72 -6.79
CA ILE A 11 8.31 -0.64 -7.58
C ILE A 11 7.54 0.33 -6.69
N PHE A 12 6.42 -0.12 -6.17
CA PHE A 12 5.58 0.71 -5.31
C PHE A 12 6.41 1.41 -4.23
N ILE A 13 7.22 0.64 -3.51
CA ILE A 13 8.05 1.21 -2.45
C ILE A 13 8.91 2.37 -2.95
N HIS A 14 9.62 2.15 -4.06
CA HIS A 14 10.49 3.17 -4.65
C HIS A 14 9.76 3.96 -5.74
N SER A 15 8.62 4.55 -5.36
CA SER A 15 7.83 5.33 -6.31
C SER A 15 6.70 6.07 -5.60
N VAL A 16 6.15 5.44 -4.57
CA VAL A 16 5.04 6.04 -3.82
C VAL A 16 5.46 7.34 -3.14
N GLY A 17 4.68 8.39 -3.37
CA GLY A 17 4.97 9.69 -2.78
C GLY A 17 4.47 9.80 -1.35
N ALA A 18 5.24 10.48 -0.51
CA ALA A 18 4.88 10.65 0.89
C ALA A 18 3.40 11.01 1.04
N GLY A 19 2.86 11.68 0.01
CA GLY A 19 1.46 12.07 0.05
C GLY A 19 0.51 10.89 -0.12
N THR A 20 0.57 10.24 -1.27
CA THR A 20 -0.29 9.11 -1.56
C THR A 20 -0.38 8.17 -0.35
N ILE A 21 0.74 7.97 0.33
CA ILE A 21 0.78 7.09 1.49
C ILE A 21 -0.34 7.45 2.48
N ASN A 22 -0.38 8.69 2.91
CA ASN A 22 -1.39 9.15 3.86
C ASN A 22 -2.79 8.84 3.35
N ALA A 23 -3.01 9.08 2.06
CA ALA A 23 -4.32 8.84 1.45
C ALA A 23 -4.59 7.35 1.24
N LEU A 24 -3.50 6.59 1.12
CA LEU A 24 -3.60 5.14 0.90
C LEU A 24 -3.97 4.42 2.20
N LEU A 25 -3.14 4.57 3.22
CA LEU A 25 -3.40 3.91 4.49
C LEU A 25 -4.76 4.29 5.04
N ASP A 26 -5.20 5.50 4.71
CA ASP A 26 -6.50 5.98 5.16
C ASP A 26 -7.62 5.13 4.55
N CYS A 27 -7.53 4.88 3.25
CA CYS A 27 -8.53 4.09 2.55
C CYS A 27 -8.58 2.68 3.14
N LEU A 28 -7.42 2.11 3.43
CA LEU A 28 -7.35 0.77 4.00
C LEU A 28 -8.28 0.64 5.19
N LEU A 29 -8.22 1.63 6.08
CA LEU A 29 -9.07 1.63 7.28
C LEU A 29 -10.54 1.53 6.87
N GLU A 30 -10.91 2.26 5.82
CA GLU A 30 -12.28 2.25 5.33
C GLU A 30 -12.72 0.82 5.02
N ASP A 31 -11.81 0.03 4.46
CA ASP A 31 -12.10 -1.35 4.12
C ASP A 31 -12.12 -2.23 5.37
N GLU A 32 -11.52 -1.71 6.44
CA GLU A 32 -11.44 -2.43 7.71
C GLU A 32 -10.60 -3.69 7.58
N VAL A 33 -9.62 -3.65 6.68
CA VAL A 33 -8.74 -4.79 6.46
C VAL A 33 -7.68 -4.88 7.56
N ILE A 34 -7.10 -3.73 7.92
CA ILE A 34 -6.08 -3.67 8.97
C ILE A 34 -6.73 -3.45 10.33
N SER A 35 -6.02 -3.87 11.39
CA SER A 35 -6.49 -3.74 12.78
C SER A 35 -5.80 -2.58 13.49
N GLN A 36 -6.45 -2.03 14.50
CA GLN A 36 -5.89 -0.91 15.26
C GLN A 36 -4.42 -1.16 15.58
N GLU A 37 -4.06 -2.44 15.70
CA GLU A 37 -2.68 -2.82 16.00
C GLU A 37 -1.78 -2.52 14.81
N ASP A 38 -2.22 -2.94 13.62
CA ASP A 38 -1.46 -2.71 12.40
C ASP A 38 -1.39 -1.22 12.10
N MET A 39 -2.55 -0.56 12.12
CA MET A 39 -2.61 0.87 11.86
C MET A 39 -1.54 1.61 12.65
N ASN A 40 -1.25 1.09 13.84
CA ASN A 40 -0.24 1.68 14.70
C ASN A 40 1.16 1.42 14.15
N LYS A 41 1.37 0.25 13.56
CA LYS A 41 2.65 -0.10 12.99
C LYS A 41 3.15 0.99 12.04
N VAL A 42 2.26 1.45 11.15
CA VAL A 42 2.61 2.49 10.20
C VAL A 42 2.65 3.87 10.86
N ARG A 43 1.55 4.21 11.53
CA ARG A 43 1.46 5.51 12.20
C ARG A 43 2.65 5.74 13.12
N ASP A 44 3.37 4.66 13.41
CA ASP A 44 4.54 4.73 14.27
C ASP A 44 5.67 5.47 13.56
N GLU A 45 5.41 5.89 12.33
CA GLU A 45 6.38 6.63 11.51
C GLU A 45 7.82 6.20 11.80
N ASN A 46 8.35 5.32 10.94
CA ASN A 46 9.71 4.83 11.10
C ASN A 46 10.72 5.88 10.66
N ASP A 47 10.73 6.20 9.37
CA ASP A 47 11.64 7.19 8.83
C ASP A 47 11.16 7.67 7.45
N THR A 48 12.12 7.86 6.55
CA THR A 48 11.80 8.32 5.20
C THR A 48 10.76 7.42 4.53
N VAL A 49 10.16 7.92 3.47
CA VAL A 49 9.15 7.17 2.73
C VAL A 49 9.57 5.70 2.56
N MET A 50 10.81 5.49 2.14
CA MET A 50 11.32 4.14 1.92
C MET A 50 10.92 3.22 3.07
N ASP A 51 10.92 3.74 4.29
CA ASP A 51 10.57 2.96 5.48
C ASP A 51 9.06 2.92 5.69
N LYS A 52 8.41 4.08 5.55
CA LYS A 52 6.97 4.16 5.74
C LYS A 52 6.22 3.25 4.75
N ALA A 53 6.83 3.05 3.59
CA ALA A 53 6.23 2.20 2.55
C ALA A 53 6.49 0.72 2.82
N ARG A 54 7.75 0.39 3.09
CA ARG A 54 8.13 -0.99 3.37
C ARG A 54 7.11 -1.68 4.27
N VAL A 55 6.73 -1.00 5.34
CA VAL A 55 5.77 -1.56 6.29
C VAL A 55 4.34 -1.50 5.75
N LEU A 56 3.95 -0.36 5.21
CA LEU A 56 2.60 -0.19 4.66
C LEU A 56 2.25 -1.33 3.71
N ILE A 57 3.06 -1.50 2.67
CA ILE A 57 2.83 -2.55 1.69
C ILE A 57 2.87 -3.93 2.32
N ASP A 58 3.71 -4.09 3.33
CA ASP A 58 3.85 -5.37 4.02
C ASP A 58 2.56 -5.77 4.73
N LEU A 59 2.02 -4.85 5.53
CA LEU A 59 0.79 -5.11 6.27
C LEU A 59 -0.34 -5.57 5.35
N VAL A 60 -0.40 -4.98 4.16
CA VAL A 60 -1.44 -5.32 3.19
C VAL A 60 -1.40 -6.81 2.85
N THR A 61 -0.32 -7.24 2.22
CA THR A 61 -0.16 -8.63 1.83
C THR A 61 -0.26 -9.55 3.04
N GLY A 62 -0.06 -8.98 4.23
CA GLY A 62 -0.12 -9.76 5.45
C GLY A 62 -1.54 -10.05 5.89
N LYS A 63 -2.50 -9.78 4.99
CA LYS A 63 -3.93 -10.01 5.26
C LYS A 63 -4.62 -10.61 4.04
N GLY A 64 -3.99 -11.64 3.47
CA GLY A 64 -4.56 -12.28 2.30
C GLY A 64 -4.51 -11.42 1.06
N PRO A 65 -4.67 -12.01 -0.14
CA PRO A 65 -4.63 -11.27 -1.40
C PRO A 65 -5.93 -10.48 -1.63
N LYS A 66 -6.92 -10.71 -0.78
CA LYS A 66 -8.20 -10.02 -0.89
C LYS A 66 -8.00 -8.51 -0.75
N SER A 67 -6.91 -8.13 -0.09
CA SER A 67 -6.60 -6.73 0.13
C SER A 67 -5.93 -6.12 -1.10
N CYS A 68 -5.12 -6.92 -1.78
CA CYS A 68 -4.42 -6.47 -2.97
C CYS A 68 -5.37 -5.77 -3.95
N CYS A 69 -6.52 -6.39 -4.18
CA CYS A 69 -7.51 -5.84 -5.10
C CYS A 69 -7.86 -4.40 -4.74
N LYS A 70 -8.37 -4.19 -3.54
CA LYS A 70 -8.76 -2.86 -3.07
C LYS A 70 -7.55 -1.93 -3.01
N PHE A 71 -6.38 -2.51 -2.77
CA PHE A 71 -5.15 -1.72 -2.68
C PHE A 71 -4.80 -1.10 -4.03
N ILE A 72 -4.74 -1.93 -5.07
CA ILE A 72 -4.40 -1.47 -6.41
C ILE A 72 -5.42 -0.44 -6.91
N LYS A 73 -6.67 -0.62 -6.50
CA LYS A 73 -7.75 0.29 -6.91
C LYS A 73 -7.58 1.67 -6.29
N HIS A 74 -7.55 1.71 -4.96
CA HIS A 74 -7.40 2.97 -4.24
C HIS A 74 -6.16 3.72 -4.71
N LEU A 75 -5.14 2.98 -5.12
CA LEU A 75 -3.90 3.57 -5.59
C LEU A 75 -4.08 4.20 -6.97
N CYS A 76 -4.93 3.59 -7.79
CA CYS A 76 -5.19 4.09 -9.14
C CYS A 76 -5.73 5.52 -9.12
N GLU A 77 -6.70 5.77 -8.26
CA GLU A 77 -7.30 7.10 -8.16
C GLU A 77 -6.39 8.08 -7.43
N GLU A 78 -5.49 7.56 -6.59
CA GLU A 78 -4.57 8.40 -5.82
C GLU A 78 -3.35 8.79 -6.65
N ASP A 79 -2.90 7.88 -7.52
CA ASP A 79 -1.72 8.12 -8.36
C ASP A 79 -1.83 7.36 -9.70
N PRO A 80 -2.07 8.03 -10.86
CA PRO A 80 -2.18 7.33 -12.14
C PRO A 80 -0.81 7.03 -12.74
N GLN A 81 0.17 7.87 -12.45
CA GLN A 81 1.52 7.70 -12.95
C GLN A 81 2.09 6.35 -12.50
N LEU A 82 2.22 6.19 -11.19
CA LEU A 82 2.74 4.94 -10.63
C LEU A 82 1.80 3.79 -10.96
N ALA A 83 0.52 3.97 -10.63
CA ALA A 83 -0.48 2.95 -10.89
C ALA A 83 -0.42 2.49 -12.34
N SER A 84 0.19 3.30 -13.19
CA SER A 84 0.33 2.96 -14.61
C SER A 84 1.00 1.61 -14.74
N LYS A 85 1.94 1.33 -13.86
CA LYS A 85 2.67 0.07 -13.86
C LYS A 85 1.83 -1.01 -13.16
N MET A 86 1.14 -0.60 -12.09
CA MET A 86 0.28 -1.50 -11.32
C MET A 86 -1.13 -1.52 -11.90
N GLY A 87 -1.28 -0.94 -13.10
CA GLY A 87 -2.57 -0.89 -13.80
C GLY A 87 -2.68 -1.97 -14.86
N LEU A 88 -2.26 -3.17 -14.50
CA LEU A 88 -2.30 -4.33 -15.40
C LEU A 88 -3.47 -4.25 -16.38
N HIS A 89 -4.58 -3.70 -15.92
CA HIS A 89 -5.77 -3.57 -16.76
C HIS A 89 -5.51 -2.64 -17.94
N ALA A 1 0.29 -18.34 -7.74
CA ALA A 1 -0.04 -17.47 -8.85
C ALA A 1 -0.73 -16.20 -8.37
N ASP A 2 -0.24 -15.64 -7.26
CA ASP A 2 -0.81 -14.43 -6.70
C ASP A 2 0.17 -13.78 -5.72
N GLN A 3 1.05 -12.94 -6.26
CA GLN A 3 2.05 -12.24 -5.46
C GLN A 3 2.46 -10.95 -6.15
N LEU A 4 1.48 -10.15 -6.54
CA LEU A 4 1.74 -8.89 -7.22
C LEU A 4 2.63 -7.98 -6.38
N LEU A 5 2.17 -7.64 -5.18
CA LEU A 5 2.94 -6.78 -4.29
C LEU A 5 4.38 -7.24 -4.19
N ARG A 6 4.57 -8.48 -3.77
CA ARG A 6 5.91 -9.05 -3.62
C ARG A 6 6.84 -8.62 -4.75
N LYS A 7 6.43 -8.88 -6.00
CA LYS A 7 7.22 -8.51 -7.15
C LYS A 7 7.29 -6.99 -7.33
N LYS A 8 6.15 -6.33 -7.17
CA LYS A 8 6.07 -4.88 -7.30
C LYS A 8 6.48 -4.19 -6.01
N ARG A 9 7.08 -4.95 -5.10
CA ARG A 9 7.51 -4.40 -3.82
C ARG A 9 8.61 -3.37 -4.01
N ARG A 10 9.47 -3.59 -5.01
CA ARG A 10 10.57 -2.68 -5.29
C ARG A 10 10.08 -1.44 -6.04
N ILE A 11 9.01 -1.60 -6.82
CA ILE A 11 8.44 -0.49 -7.58
C ILE A 11 7.64 0.45 -6.67
N PHE A 12 6.55 -0.07 -6.11
CA PHE A 12 5.70 0.73 -5.23
C PHE A 12 6.52 1.44 -4.16
N ILE A 13 7.33 0.68 -3.42
CA ILE A 13 8.15 1.23 -2.36
C ILE A 13 9.00 2.40 -2.87
N HIS A 14 9.70 2.19 -3.98
CA HIS A 14 10.57 3.21 -4.58
C HIS A 14 9.80 4.04 -5.60
N SER A 15 8.66 4.57 -5.19
CA SER A 15 7.83 5.39 -6.09
C SER A 15 6.75 6.14 -5.30
N VAL A 16 5.98 5.40 -4.52
CA VAL A 16 4.91 5.98 -3.73
C VAL A 16 5.37 7.28 -3.07
N GLY A 17 4.62 8.36 -3.31
CA GLY A 17 4.95 9.65 -2.74
C GLY A 17 4.47 9.79 -1.30
N ALA A 18 5.25 10.48 -0.47
CA ALA A 18 4.90 10.68 0.92
C ALA A 18 3.43 11.05 1.07
N GLY A 19 2.86 11.65 0.03
CA GLY A 19 1.46 12.05 0.07
C GLY A 19 0.52 10.87 -0.10
N THR A 20 0.60 10.22 -1.26
CA THR A 20 -0.26 9.07 -1.56
C THR A 20 -0.38 8.15 -0.35
N ILE A 21 0.72 7.98 0.38
CA ILE A 21 0.73 7.12 1.55
C ILE A 21 -0.42 7.46 2.50
N ASN A 22 -0.44 8.70 2.97
CA ASN A 22 -1.48 9.15 3.89
C ASN A 22 -2.87 8.86 3.34
N ALA A 23 -3.04 9.08 2.05
CA ALA A 23 -4.33 8.85 1.41
C ALA A 23 -4.60 7.37 1.19
N LEU A 24 -3.53 6.59 1.09
CA LEU A 24 -3.63 5.14 0.87
C LEU A 24 -4.01 4.42 2.16
N LEU A 25 -3.19 4.58 3.20
CA LEU A 25 -3.47 3.92 4.47
C LEU A 25 -4.82 4.34 5.02
N ASP A 26 -5.24 5.54 4.67
CA ASP A 26 -6.53 6.06 5.11
C ASP A 26 -7.66 5.25 4.49
N CYS A 27 -7.54 4.97 3.19
CA CYS A 27 -8.55 4.20 2.47
C CYS A 27 -8.66 2.80 3.05
N LEU A 28 -7.51 2.18 3.33
CA LEU A 28 -7.49 0.84 3.89
C LEU A 28 -8.43 0.74 5.09
N LEU A 29 -8.36 1.73 5.98
CA LEU A 29 -9.21 1.75 7.15
C LEU A 29 -10.68 1.70 6.73
N GLU A 30 -11.04 2.47 5.71
CA GLU A 30 -12.41 2.51 5.22
C GLU A 30 -12.94 1.09 5.07
N ASP A 31 -12.13 0.21 4.50
CA ASP A 31 -12.51 -1.19 4.31
C ASP A 31 -12.34 -1.98 5.61
N GLU A 32 -11.55 -1.41 6.53
CA GLU A 32 -11.30 -2.05 7.81
C GLU A 32 -10.53 -3.35 7.64
N VAL A 33 -9.67 -3.40 6.62
CA VAL A 33 -8.87 -4.59 6.34
C VAL A 33 -7.72 -4.73 7.34
N ILE A 34 -7.08 -3.61 7.68
CA ILE A 34 -5.97 -3.61 8.63
C ILE A 34 -6.48 -3.47 10.06
N SER A 35 -5.70 -3.98 11.02
CA SER A 35 -6.06 -3.93 12.44
C SER A 35 -5.52 -2.66 13.09
N GLN A 36 -6.23 -2.15 14.08
CA GLN A 36 -5.81 -0.95 14.79
C GLN A 36 -4.33 -1.04 15.15
N GLU A 37 -3.88 -2.27 15.45
CA GLU A 37 -2.48 -2.50 15.80
C GLU A 37 -1.58 -2.31 14.59
N ASP A 38 -2.10 -2.67 13.42
CA ASP A 38 -1.34 -2.53 12.18
C ASP A 38 -1.23 -1.06 11.79
N MET A 39 -2.36 -0.38 11.75
CA MET A 39 -2.38 1.04 11.41
C MET A 39 -1.33 1.77 12.24
N ASN A 40 -1.10 1.28 13.45
CA ASN A 40 -0.13 1.87 14.36
C ASN A 40 1.28 1.65 13.84
N LYS A 41 1.57 0.46 13.33
CA LYS A 41 2.91 0.17 12.80
C LYS A 41 3.34 1.25 11.83
N VAL A 42 2.46 1.60 10.89
CA VAL A 42 2.76 2.63 9.92
C VAL A 42 2.78 4.02 10.56
N ARG A 43 1.73 4.31 11.33
CA ARG A 43 1.62 5.60 12.00
C ARG A 43 2.76 5.78 13.02
N ASP A 44 3.48 4.71 13.30
CA ASP A 44 4.59 4.75 14.24
C ASP A 44 5.72 5.63 13.71
N GLU A 45 5.63 5.98 12.43
CA GLU A 45 6.65 6.82 11.80
C GLU A 45 8.05 6.26 12.05
N ASN A 46 8.45 5.29 11.25
CA ASN A 46 9.77 4.67 11.38
C ASN A 46 10.86 5.59 10.84
N ASP A 47 10.66 6.09 9.63
CA ASP A 47 11.63 6.98 9.01
C ASP A 47 11.08 7.58 7.72
N THR A 48 11.94 7.66 6.70
CA THR A 48 11.55 8.22 5.41
C THR A 48 10.52 7.34 4.72
N VAL A 49 10.09 7.76 3.53
CA VAL A 49 9.10 7.03 2.76
C VAL A 49 9.56 5.58 2.51
N MET A 50 10.86 5.40 2.35
CA MET A 50 11.41 4.07 2.11
C MET A 50 10.99 3.09 3.20
N ASP A 51 10.99 3.55 4.45
CA ASP A 51 10.63 2.72 5.60
C ASP A 51 9.12 2.70 5.83
N LYS A 52 8.46 3.84 5.60
CA LYS A 52 7.01 3.92 5.81
C LYS A 52 6.27 3.13 4.75
N ALA A 53 6.83 3.07 3.54
CA ALA A 53 6.22 2.33 2.44
C ALA A 53 6.48 0.84 2.57
N ARG A 54 7.66 0.50 3.07
CA ARG A 54 8.04 -0.91 3.24
C ARG A 54 7.04 -1.64 4.12
N VAL A 55 6.62 -1.00 5.21
CA VAL A 55 5.67 -1.59 6.14
C VAL A 55 4.25 -1.55 5.59
N LEU A 56 3.85 -0.41 5.06
CA LEU A 56 2.51 -0.24 4.52
C LEU A 56 2.16 -1.37 3.55
N ILE A 57 3.00 -1.56 2.53
CA ILE A 57 2.77 -2.60 1.54
C ILE A 57 2.77 -3.98 2.18
N ASP A 58 3.66 -4.19 3.16
CA ASP A 58 3.76 -5.47 3.85
C ASP A 58 2.46 -5.80 4.57
N LEU A 59 2.04 -4.91 5.46
CA LEU A 59 0.81 -5.11 6.23
C LEU A 59 -0.33 -5.62 5.34
N VAL A 60 -0.51 -4.98 4.18
CA VAL A 60 -1.55 -5.37 3.25
C VAL A 60 -1.52 -6.87 2.97
N THR A 61 -0.39 -7.33 2.44
CA THR A 61 -0.24 -8.74 2.12
C THR A 61 -0.43 -9.62 3.35
N GLY A 62 -0.28 -9.01 4.52
CA GLY A 62 -0.45 -9.74 5.77
C GLY A 62 -1.89 -9.98 6.13
N LYS A 63 -2.79 -9.75 5.16
CA LYS A 63 -4.24 -9.94 5.33
C LYS A 63 -4.86 -10.62 4.12
N GLY A 64 -4.19 -11.66 3.64
CA GLY A 64 -4.69 -12.38 2.48
C GLY A 64 -4.58 -11.57 1.21
N PRO A 65 -4.66 -12.21 0.04
CA PRO A 65 -4.57 -11.54 -1.26
C PRO A 65 -5.85 -10.76 -1.59
N LYS A 66 -6.89 -10.97 -0.78
CA LYS A 66 -8.16 -10.29 -0.98
C LYS A 66 -7.99 -8.78 -0.86
N SER A 67 -6.96 -8.38 -0.11
CA SER A 67 -6.67 -6.96 0.10
C SER A 67 -5.92 -6.38 -1.11
N CYS A 68 -5.13 -7.22 -1.77
CA CYS A 68 -4.37 -6.79 -2.93
C CYS A 68 -5.26 -6.05 -3.93
N CYS A 69 -6.49 -6.52 -4.08
CA CYS A 69 -7.43 -5.90 -5.00
C CYS A 69 -7.73 -4.46 -4.61
N LYS A 70 -8.42 -4.29 -3.50
CA LYS A 70 -8.77 -2.96 -3.01
C LYS A 70 -7.55 -2.04 -2.98
N PHE A 71 -6.37 -2.63 -2.85
CA PHE A 71 -5.13 -1.86 -2.81
C PHE A 71 -4.80 -1.26 -4.17
N ILE A 72 -4.77 -2.11 -5.19
CA ILE A 72 -4.47 -1.67 -6.55
C ILE A 72 -5.50 -0.65 -7.04
N LYS A 73 -6.73 -0.79 -6.58
CA LYS A 73 -7.80 0.11 -6.98
C LYS A 73 -7.66 1.47 -6.30
N HIS A 74 -7.53 1.45 -4.97
CA HIS A 74 -7.39 2.68 -4.20
C HIS A 74 -6.16 3.47 -4.64
N LEU A 75 -5.13 2.76 -5.08
CA LEU A 75 -3.90 3.39 -5.52
C LEU A 75 -4.08 4.05 -6.89
N CYS A 76 -4.90 3.43 -7.73
CA CYS A 76 -5.15 3.93 -9.08
C CYS A 76 -5.71 5.35 -9.05
N GLU A 77 -6.72 5.57 -8.20
CA GLU A 77 -7.35 6.89 -8.10
C GLU A 77 -6.50 7.86 -7.30
N GLU A 78 -5.62 7.35 -6.44
CA GLU A 78 -4.75 8.19 -5.61
C GLU A 78 -3.50 8.59 -6.38
N ASP A 79 -3.06 7.72 -7.28
CA ASP A 79 -1.84 7.95 -8.08
C ASP A 79 -1.96 7.28 -9.46
N PRO A 80 -2.31 8.01 -10.54
CA PRO A 80 -2.42 7.41 -11.87
C PRO A 80 -1.06 7.27 -12.56
N GLN A 81 -0.06 7.96 -12.01
CA GLN A 81 1.29 7.91 -12.57
C GLN A 81 1.95 6.57 -12.25
N LEU A 82 2.14 6.31 -10.96
CA LEU A 82 2.75 5.06 -10.52
C LEU A 82 1.85 3.88 -10.89
N ALA A 83 0.57 4.03 -10.59
CA ALA A 83 -0.42 2.99 -10.89
C ALA A 83 -0.33 2.58 -12.35
N SER A 84 0.33 3.40 -13.15
CA SER A 84 0.50 3.12 -14.57
C SER A 84 1.11 1.74 -14.76
N LYS A 85 2.04 1.40 -13.86
CA LYS A 85 2.71 0.11 -13.89
C LYS A 85 1.87 -0.94 -13.18
N MET A 86 1.17 -0.51 -12.13
CA MET A 86 0.30 -1.40 -11.33
C MET A 86 -1.13 -1.35 -11.85
N GLY A 87 -1.29 -0.82 -13.07
CA GLY A 87 -2.61 -0.69 -13.70
C GLY A 87 -2.82 -1.72 -14.80
N LEU A 88 -2.44 -2.96 -14.53
CA LEU A 88 -2.56 -4.07 -15.49
C LEU A 88 -3.79 -3.91 -16.39
N HIS A 89 -4.85 -3.33 -15.83
CA HIS A 89 -6.09 -3.12 -16.57
C HIS A 89 -5.86 -2.17 -17.74
N ALA A 1 0.10 -18.53 -8.14
CA ALA A 1 0.33 -17.43 -9.06
C ALA A 1 -0.47 -16.19 -8.64
N ASP A 2 -0.14 -15.65 -7.48
CA ASP A 2 -0.82 -14.46 -6.96
C ASP A 2 0.03 -13.79 -5.89
N GLN A 3 0.99 -12.99 -6.33
CA GLN A 3 1.89 -12.26 -5.43
C GLN A 3 2.35 -10.96 -6.08
N LEU A 4 1.40 -10.18 -6.57
CA LEU A 4 1.69 -8.92 -7.24
C LEU A 4 2.60 -8.03 -6.39
N LEU A 5 2.13 -7.66 -5.21
CA LEU A 5 2.90 -6.78 -4.33
C LEU A 5 4.34 -7.27 -4.19
N ARG A 6 4.50 -8.47 -3.65
CA ARG A 6 5.83 -9.06 -3.44
C ARG A 6 6.77 -8.76 -4.61
N LYS A 7 6.31 -9.03 -5.83
CA LYS A 7 7.13 -8.80 -7.01
C LYS A 7 7.30 -7.31 -7.27
N LYS A 8 6.20 -6.57 -7.23
CA LYS A 8 6.21 -5.12 -7.46
C LYS A 8 6.59 -4.37 -6.19
N ARG A 9 7.10 -5.10 -5.21
CA ARG A 9 7.50 -4.51 -3.94
C ARG A 9 8.59 -3.47 -4.15
N ARG A 10 9.47 -3.72 -5.12
CA ARG A 10 10.56 -2.81 -5.42
C ARG A 10 10.07 -1.56 -6.15
N ILE A 11 8.95 -1.69 -6.86
CA ILE A 11 8.37 -0.57 -7.60
C ILE A 11 7.63 0.38 -6.67
N PHE A 12 6.49 -0.08 -6.15
CA PHE A 12 5.68 0.74 -5.26
C PHE A 12 6.53 1.44 -4.20
N ILE A 13 7.36 0.66 -3.51
CA ILE A 13 8.22 1.21 -2.47
C ILE A 13 9.09 2.35 -2.99
N HIS A 14 9.77 2.10 -4.13
CA HIS A 14 10.64 3.12 -4.74
C HIS A 14 9.87 3.95 -5.77
N SER A 15 8.74 4.51 -5.34
CA SER A 15 7.92 5.33 -6.22
C SER A 15 6.89 6.12 -5.42
N VAL A 16 6.12 5.42 -4.60
CA VAL A 16 5.09 6.06 -3.78
C VAL A 16 5.63 7.32 -3.12
N GLY A 17 4.73 8.14 -2.57
CA GLY A 17 5.12 9.39 -1.92
C GLY A 17 4.24 9.73 -0.74
N ALA A 18 4.83 10.37 0.27
CA ALA A 18 4.11 10.76 1.49
C ALA A 18 2.66 11.15 1.21
N GLY A 19 2.44 11.85 0.09
CA GLY A 19 1.10 12.26 -0.26
C GLY A 19 0.15 11.08 -0.45
N THR A 20 0.52 10.17 -1.33
CA THR A 20 -0.29 8.99 -1.61
C THR A 20 -0.38 8.08 -0.39
N ILE A 21 0.71 7.98 0.37
CA ILE A 21 0.74 7.13 1.55
C ILE A 21 -0.42 7.43 2.49
N ASN A 22 -0.50 8.68 2.94
CA ASN A 22 -1.56 9.11 3.84
C ASN A 22 -2.95 8.80 3.27
N ALA A 23 -3.11 9.02 1.97
CA ALA A 23 -4.39 8.78 1.31
C ALA A 23 -4.63 7.28 1.11
N LEU A 24 -3.55 6.51 1.03
CA LEU A 24 -3.66 5.07 0.82
C LEU A 24 -4.07 4.36 2.10
N LEU A 25 -3.27 4.52 3.16
CA LEU A 25 -3.58 3.88 4.43
C LEU A 25 -4.94 4.32 4.95
N ASP A 26 -5.34 5.52 4.55
CA ASP A 26 -6.63 6.06 4.95
C ASP A 26 -7.76 5.23 4.36
N CYS A 27 -7.64 4.89 3.08
CA CYS A 27 -8.66 4.09 2.40
C CYS A 27 -8.74 2.70 3.02
N LEU A 28 -7.59 2.11 3.32
CA LEU A 28 -7.53 0.78 3.91
C LEU A 28 -8.46 0.70 5.12
N LEU A 29 -8.38 1.70 6.00
CA LEU A 29 -9.22 1.74 7.19
C LEU A 29 -10.69 1.68 6.80
N GLU A 30 -11.05 2.45 5.77
CA GLU A 30 -12.43 2.48 5.30
C GLU A 30 -13.00 1.07 5.20
N ASP A 31 -12.21 0.16 4.60
CA ASP A 31 -12.62 -1.22 4.43
C ASP A 31 -12.44 -1.99 5.74
N GLU A 32 -11.65 -1.43 6.64
CA GLU A 32 -11.39 -2.06 7.94
C GLU A 32 -10.63 -3.37 7.76
N VAL A 33 -9.75 -3.41 6.76
CA VAL A 33 -8.95 -4.60 6.49
C VAL A 33 -7.82 -4.74 7.51
N ILE A 34 -7.19 -3.61 7.85
CA ILE A 34 -6.08 -3.59 8.82
C ILE A 34 -6.61 -3.41 10.24
N SER A 35 -5.84 -3.86 11.23
CA SER A 35 -6.20 -3.75 12.65
C SER A 35 -5.54 -2.54 13.30
N GLN A 36 -6.21 -1.98 14.31
CA GLN A 36 -5.68 -0.82 15.02
C GLN A 36 -4.20 -1.00 15.32
N GLU A 37 -3.79 -2.25 15.52
CA GLU A 37 -2.39 -2.54 15.81
C GLU A 37 -1.53 -2.30 14.58
N ASP A 38 -2.07 -2.65 13.41
CA ASP A 38 -1.36 -2.46 12.15
C ASP A 38 -1.32 -0.98 11.79
N MET A 39 -2.49 -0.36 11.83
CA MET A 39 -2.59 1.07 11.52
C MET A 39 -1.53 1.85 12.28
N ASN A 40 -1.20 1.35 13.46
CA ASN A 40 -0.19 1.98 14.30
C ASN A 40 1.22 1.76 13.74
N LYS A 41 1.46 0.56 13.20
CA LYS A 41 2.76 0.23 12.64
C LYS A 41 3.21 1.34 11.67
N VAL A 42 2.33 1.69 10.74
CA VAL A 42 2.65 2.74 9.77
C VAL A 42 2.69 4.11 10.43
N ARG A 43 1.65 4.41 11.21
CA ARG A 43 1.57 5.69 11.91
C ARG A 43 2.78 5.90 12.81
N ASP A 44 3.45 4.80 13.15
CA ASP A 44 4.64 4.86 14.01
C ASP A 44 5.71 5.75 13.39
N GLU A 45 5.59 5.99 12.09
CA GLU A 45 6.55 6.84 11.39
C GLU A 45 7.99 6.42 11.72
N ASN A 46 8.43 5.32 11.12
CA ASN A 46 9.78 4.82 11.34
C ASN A 46 10.83 5.81 10.85
N ASP A 47 10.85 6.04 9.54
CA ASP A 47 11.81 6.97 8.94
C ASP A 47 11.32 7.43 7.58
N THR A 48 12.24 7.56 6.64
CA THR A 48 11.92 8.00 5.28
C THR A 48 10.88 7.09 4.65
N VAL A 49 10.23 7.60 3.61
CA VAL A 49 9.20 6.83 2.90
C VAL A 49 9.65 5.39 2.68
N MET A 50 10.96 5.18 2.61
CA MET A 50 11.51 3.85 2.40
C MET A 50 11.03 2.87 3.48
N ASP A 51 11.02 3.34 4.72
CA ASP A 51 10.59 2.51 5.86
C ASP A 51 9.07 2.53 6.02
N LYS A 52 8.47 3.69 5.80
CA LYS A 52 7.01 3.83 5.95
C LYS A 52 6.28 3.08 4.83
N ALA A 53 6.92 2.97 3.68
CA ALA A 53 6.33 2.28 2.52
C ALA A 53 6.47 0.77 2.67
N ARG A 54 7.69 0.32 2.94
CA ARG A 54 7.96 -1.10 3.10
C ARG A 54 6.93 -1.76 4.02
N VAL A 55 6.61 -1.08 5.11
CA VAL A 55 5.64 -1.61 6.07
C VAL A 55 4.23 -1.57 5.52
N LEU A 56 3.80 -0.40 5.03
CA LEU A 56 2.47 -0.24 4.48
C LEU A 56 2.13 -1.37 3.51
N ILE A 57 2.99 -1.57 2.51
CA ILE A 57 2.77 -2.62 1.52
C ILE A 57 2.86 -4.01 2.16
N ASP A 58 3.58 -4.11 3.27
CA ASP A 58 3.72 -5.39 3.96
C ASP A 58 2.45 -5.75 4.73
N LEU A 59 1.86 -4.78 5.39
CA LEU A 59 0.64 -5.00 6.16
C LEU A 59 -0.49 -5.50 5.26
N VAL A 60 -0.59 -4.91 4.07
CA VAL A 60 -1.63 -5.31 3.12
C VAL A 60 -1.46 -6.76 2.70
N THR A 61 -0.41 -7.04 1.95
CA THR A 61 -0.14 -8.40 1.47
C THR A 61 -0.23 -9.41 2.61
N GLY A 62 -0.16 -8.91 3.84
CA GLY A 62 -0.24 -9.78 5.01
C GLY A 62 -1.66 -10.21 5.32
N LYS A 63 -2.61 -9.31 5.11
CA LYS A 63 -4.02 -9.59 5.37
C LYS A 63 -4.62 -10.44 4.26
N GLY A 64 -3.77 -11.26 3.62
CA GLY A 64 -4.22 -12.11 2.54
C GLY A 64 -4.40 -11.35 1.23
N PRO A 65 -3.92 -11.86 0.06
CA PRO A 65 -4.08 -11.15 -1.23
C PRO A 65 -5.46 -10.52 -1.39
N LYS A 66 -6.42 -10.95 -0.58
CA LYS A 66 -7.78 -10.42 -0.65
C LYS A 66 -7.77 -8.91 -0.52
N SER A 67 -6.74 -8.39 0.14
CA SER A 67 -6.58 -6.95 0.34
C SER A 67 -5.94 -6.30 -0.88
N CYS A 68 -5.27 -7.11 -1.69
CA CYS A 68 -4.60 -6.62 -2.89
C CYS A 68 -5.59 -5.95 -3.84
N CYS A 69 -6.78 -6.52 -3.97
CA CYS A 69 -7.81 -6.00 -4.86
C CYS A 69 -8.10 -4.53 -4.55
N LYS A 70 -8.56 -4.27 -3.33
CA LYS A 70 -8.89 -2.90 -2.92
C LYS A 70 -7.66 -2.00 -2.97
N PHE A 71 -6.49 -2.59 -2.80
CA PHE A 71 -5.25 -1.84 -2.82
C PHE A 71 -4.96 -1.29 -4.22
N ILE A 72 -4.74 -2.19 -5.17
CA ILE A 72 -4.45 -1.80 -6.55
C ILE A 72 -5.47 -0.77 -7.06
N LYS A 73 -6.72 -0.92 -6.63
CA LYS A 73 -7.78 -0.02 -7.05
C LYS A 73 -7.66 1.35 -6.36
N HIS A 74 -7.53 1.32 -5.04
CA HIS A 74 -7.41 2.55 -4.27
C HIS A 74 -6.18 3.35 -4.69
N LEU A 75 -5.10 2.64 -5.01
CA LEU A 75 -3.87 3.29 -5.43
C LEU A 75 -4.02 3.95 -6.80
N CYS A 76 -4.82 3.34 -7.66
CA CYS A 76 -5.03 3.86 -9.01
C CYS A 76 -5.61 5.28 -8.99
N GLU A 77 -6.66 5.47 -8.19
CA GLU A 77 -7.32 6.78 -8.10
C GLU A 77 -6.49 7.76 -7.27
N GLU A 78 -5.61 7.24 -6.42
CA GLU A 78 -4.77 8.08 -5.56
C GLU A 78 -3.49 8.51 -6.28
N ASP A 79 -3.00 7.65 -7.17
CA ASP A 79 -1.78 7.92 -7.94
C ASP A 79 -1.85 7.27 -9.34
N PRO A 80 -2.19 8.03 -10.41
CA PRO A 80 -2.29 7.46 -11.76
C PRO A 80 -0.92 7.37 -12.44
N GLN A 81 0.06 8.07 -11.86
CA GLN A 81 1.41 8.07 -12.41
C GLN A 81 2.08 6.72 -12.15
N LEU A 82 2.24 6.39 -10.87
CA LEU A 82 2.86 5.13 -10.49
C LEU A 82 1.96 3.97 -10.89
N ALA A 83 0.68 4.08 -10.54
CA ALA A 83 -0.28 3.04 -10.87
C ALA A 83 -0.23 2.69 -12.35
N SER A 84 0.45 3.55 -13.11
CA SER A 84 0.59 3.33 -14.55
C SER A 84 1.18 1.94 -14.81
N LYS A 85 2.08 1.53 -13.92
CA LYS A 85 2.72 0.23 -14.01
C LYS A 85 1.87 -0.84 -13.34
N MET A 86 1.21 -0.45 -12.25
CA MET A 86 0.34 -1.35 -11.48
C MET A 86 -1.10 -1.28 -12.01
N GLY A 87 -1.26 -0.66 -13.17
CA GLY A 87 -2.59 -0.51 -13.80
C GLY A 87 -2.83 -1.56 -14.86
N LEU A 88 -2.43 -2.79 -14.56
CA LEU A 88 -2.59 -3.93 -15.48
C LEU A 88 -3.84 -3.80 -16.35
N HIS A 89 -4.87 -3.17 -15.80
CA HIS A 89 -6.12 -2.97 -16.52
C HIS A 89 -5.95 -1.95 -17.64
N ALA A 1 0.99 -17.98 -8.59
CA ALA A 1 0.48 -17.30 -9.77
C ALA A 1 -0.29 -16.03 -9.38
N ASP A 2 0.04 -15.49 -8.22
CA ASP A 2 -0.61 -14.28 -7.72
C ASP A 2 0.25 -13.61 -6.65
N GLN A 3 1.26 -12.85 -7.09
CA GLN A 3 2.17 -12.15 -6.19
C GLN A 3 2.59 -10.82 -6.81
N LEU A 4 1.61 -9.99 -7.14
CA LEU A 4 1.87 -8.69 -7.75
C LEU A 4 2.77 -7.84 -6.86
N LEU A 5 2.38 -7.69 -5.60
CA LEU A 5 3.13 -6.87 -4.66
C LEU A 5 4.59 -7.32 -4.60
N ARG A 6 4.81 -8.56 -4.17
CA ARG A 6 6.16 -9.11 -4.05
C ARG A 6 7.06 -8.67 -5.20
N LYS A 7 6.61 -8.90 -6.43
CA LYS A 7 7.38 -8.53 -7.61
C LYS A 7 7.50 -7.01 -7.72
N LYS A 8 6.37 -6.32 -7.61
CA LYS A 8 6.33 -4.86 -7.70
C LYS A 8 6.64 -4.22 -6.36
N ARG A 9 7.26 -4.98 -5.47
CA ARG A 9 7.62 -4.48 -4.14
C ARG A 9 8.70 -3.41 -4.24
N ARG A 10 9.64 -3.61 -5.16
CA ARG A 10 10.74 -2.67 -5.34
C ARG A 10 10.26 -1.40 -6.06
N ILE A 11 9.19 -1.55 -6.84
CA ILE A 11 8.63 -0.43 -7.59
C ILE A 11 7.81 0.49 -6.68
N PHE A 12 6.66 -0.01 -6.22
CA PHE A 12 5.79 0.76 -5.36
C PHE A 12 6.56 1.46 -4.24
N ILE A 13 7.36 0.69 -3.51
CA ILE A 13 8.15 1.24 -2.41
C ILE A 13 9.01 2.42 -2.88
N HIS A 14 9.76 2.22 -3.96
CA HIS A 14 10.63 3.27 -4.51
C HIS A 14 9.88 4.13 -5.51
N SER A 15 8.77 4.73 -5.08
CA SER A 15 7.98 5.57 -5.95
C SER A 15 6.90 6.32 -5.17
N VAL A 16 6.06 5.57 -4.47
CA VAL A 16 4.97 6.15 -3.68
C VAL A 16 5.42 7.42 -2.96
N GLY A 17 4.69 8.51 -3.18
CA GLY A 17 5.03 9.78 -2.54
C GLY A 17 4.49 9.89 -1.12
N ALA A 18 5.26 10.49 -0.23
CA ALA A 18 4.86 10.67 1.16
C ALA A 18 3.37 10.99 1.29
N GLY A 19 2.87 11.82 0.39
CA GLY A 19 1.47 12.20 0.42
C GLY A 19 0.54 11.03 0.14
N THR A 20 0.63 10.48 -1.07
CA THR A 20 -0.21 9.36 -1.47
C THR A 20 -0.32 8.32 -0.36
N ILE A 21 0.76 8.12 0.37
CA ILE A 21 0.77 7.14 1.46
C ILE A 21 -0.36 7.38 2.44
N ASN A 22 -0.47 8.61 2.93
CA ASN A 22 -1.51 8.96 3.90
C ASN A 22 -2.90 8.72 3.32
N ALA A 23 -3.07 9.07 2.05
CA ALA A 23 -4.36 8.91 1.38
C ALA A 23 -4.63 7.45 1.04
N LEU A 24 -3.58 6.68 0.84
CA LEU A 24 -3.70 5.26 0.51
C LEU A 24 -4.13 4.45 1.72
N LEU A 25 -3.34 4.49 2.79
CA LEU A 25 -3.68 3.74 3.99
C LEU A 25 -5.06 4.14 4.50
N ASP A 26 -5.44 5.38 4.24
CA ASP A 26 -6.74 5.89 4.66
C ASP A 26 -7.85 5.03 4.06
N CYS A 27 -7.80 4.83 2.76
CA CYS A 27 -8.80 4.02 2.07
C CYS A 27 -8.82 2.60 2.62
N LEU A 28 -7.63 2.07 2.91
CA LEU A 28 -7.52 0.72 3.45
C LEU A 28 -8.33 0.59 4.74
N LEU A 29 -8.23 1.58 5.61
CA LEU A 29 -8.97 1.56 6.86
C LEU A 29 -10.47 1.39 6.57
N GLU A 30 -10.92 2.04 5.51
CA GLU A 30 -12.33 1.95 5.11
C GLU A 30 -12.73 0.50 4.86
N ASP A 31 -11.80 -0.27 4.31
CA ASP A 31 -12.05 -1.69 4.03
C ASP A 31 -12.13 -2.49 5.32
N GLU A 32 -11.61 -1.91 6.40
CA GLU A 32 -11.60 -2.55 7.71
C GLU A 32 -10.72 -3.78 7.72
N VAL A 33 -9.71 -3.78 6.84
CA VAL A 33 -8.79 -4.91 6.76
C VAL A 33 -7.80 -4.90 7.93
N ILE A 34 -7.20 -3.73 8.20
CA ILE A 34 -6.24 -3.58 9.29
C ILE A 34 -6.95 -3.15 10.57
N SER A 35 -6.32 -3.46 11.72
CA SER A 35 -6.87 -3.12 13.05
C SER A 35 -6.12 -1.93 13.63
N GLN A 36 -6.70 -1.32 14.66
CA GLN A 36 -6.06 -0.18 15.31
C GLN A 36 -4.61 -0.50 15.62
N GLU A 37 -4.33 -1.80 15.81
CA GLU A 37 -2.97 -2.26 16.09
C GLU A 37 -2.08 -2.08 14.88
N ASP A 38 -2.40 -2.78 13.81
CA ASP A 38 -1.63 -2.70 12.57
C ASP A 38 -1.49 -1.25 12.14
N MET A 39 -2.59 -0.50 12.21
CA MET A 39 -2.57 0.91 11.85
C MET A 39 -1.40 1.61 12.54
N ASN A 40 -1.13 1.19 13.78
CA ASN A 40 -0.03 1.76 14.55
C ASN A 40 1.32 1.41 13.93
N LYS A 41 1.44 0.20 13.39
CA LYS A 41 2.68 -0.23 12.77
C LYS A 41 3.15 0.79 11.74
N VAL A 42 2.23 1.25 10.90
CA VAL A 42 2.56 2.24 9.87
C VAL A 42 2.72 3.63 10.49
N ARG A 43 1.71 4.06 11.23
CA ARG A 43 1.75 5.37 11.87
C ARG A 43 2.96 5.50 12.78
N ASP A 44 3.62 4.37 13.02
CA ASP A 44 4.80 4.35 13.87
C ASP A 44 5.87 5.31 13.35
N GLU A 45 5.71 5.73 12.10
CA GLU A 45 6.65 6.64 11.47
C GLU A 45 8.09 6.24 11.78
N ASN A 46 8.49 5.09 11.28
CA ASN A 46 9.85 4.59 11.50
C ASN A 46 10.89 5.58 10.98
N ASP A 47 10.79 5.93 9.70
CA ASP A 47 11.71 6.88 9.09
C ASP A 47 11.12 7.48 7.82
N THR A 48 11.97 7.66 6.82
CA THR A 48 11.54 8.23 5.55
C THR A 48 10.46 7.38 4.89
N VAL A 49 10.13 7.70 3.65
CA VAL A 49 9.12 6.96 2.91
C VAL A 49 9.52 5.50 2.74
N MET A 50 10.68 5.28 2.12
CA MET A 50 11.18 3.91 1.89
C MET A 50 10.87 2.99 3.07
N ASP A 51 10.78 3.58 4.27
CA ASP A 51 10.50 2.81 5.48
C ASP A 51 8.99 2.64 5.71
N LYS A 52 8.26 3.76 5.68
CA LYS A 52 6.82 3.73 5.89
C LYS A 52 6.13 2.88 4.83
N ALA A 53 6.73 2.83 3.63
CA ALA A 53 6.17 2.05 2.53
C ALA A 53 6.50 0.57 2.68
N ARG A 54 7.74 0.29 3.07
CA ARG A 54 8.19 -1.08 3.25
C ARG A 54 7.21 -1.87 4.12
N VAL A 55 6.77 -1.26 5.22
CA VAL A 55 5.84 -1.91 6.13
C VAL A 55 4.41 -1.89 5.58
N LEU A 56 4.00 -0.73 5.04
CA LEU A 56 2.65 -0.59 4.50
C LEU A 56 2.33 -1.73 3.54
N ILE A 57 3.15 -1.89 2.52
CA ILE A 57 2.93 -2.95 1.52
C ILE A 57 3.08 -4.34 2.14
N ASP A 58 3.98 -4.46 3.11
CA ASP A 58 4.20 -5.73 3.78
C ASP A 58 3.00 -6.13 4.63
N LEU A 59 2.32 -5.14 5.19
CA LEU A 59 1.15 -5.37 6.02
C LEU A 59 0.00 -5.93 5.16
N VAL A 60 -0.39 -5.19 4.14
CA VAL A 60 -1.47 -5.61 3.25
C VAL A 60 -1.33 -7.09 2.88
N THR A 61 -0.15 -7.45 2.39
CA THR A 61 0.11 -8.83 1.98
C THR A 61 -0.11 -9.78 3.15
N GLY A 62 0.12 -9.29 4.36
CA GLY A 62 -0.06 -10.10 5.56
C GLY A 62 -1.51 -10.20 5.99
N LYS A 63 -2.24 -9.09 5.88
CA LYS A 63 -3.65 -9.05 6.26
C LYS A 63 -4.51 -9.75 5.22
N GLY A 64 -3.91 -10.72 4.51
CA GLY A 64 -4.62 -11.46 3.49
C GLY A 64 -4.62 -10.75 2.15
N PRO A 65 -4.76 -11.49 1.02
CA PRO A 65 -4.75 -10.89 -0.32
C PRO A 65 -6.10 -10.24 -0.65
N LYS A 66 -7.00 -10.22 0.31
CA LYS A 66 -8.33 -9.64 0.11
C LYS A 66 -8.20 -8.14 -0.17
N SER A 67 -7.25 -7.50 0.49
CA SER A 67 -7.02 -6.05 0.31
C SER A 67 -6.12 -5.78 -0.89
N CYS A 68 -5.51 -6.82 -1.45
CA CYS A 68 -4.64 -6.66 -2.60
C CYS A 68 -5.37 -6.01 -3.77
N CYS A 69 -6.53 -6.57 -4.12
CA CYS A 69 -7.33 -6.06 -5.22
C CYS A 69 -7.77 -4.62 -4.95
N LYS A 70 -8.38 -4.40 -3.80
CA LYS A 70 -8.85 -3.07 -3.42
C LYS A 70 -7.70 -2.07 -3.37
N PHE A 71 -6.53 -2.55 -2.92
CA PHE A 71 -5.36 -1.69 -2.81
C PHE A 71 -4.96 -1.15 -4.18
N ILE A 72 -4.71 -2.06 -5.12
CA ILE A 72 -4.33 -1.67 -6.47
C ILE A 72 -5.32 -0.65 -7.03
N LYS A 73 -6.60 -0.85 -6.74
CA LYS A 73 -7.65 0.05 -7.22
C LYS A 73 -7.51 1.44 -6.60
N HIS A 74 -7.55 1.51 -5.27
CA HIS A 74 -7.44 2.78 -4.56
C HIS A 74 -6.20 3.54 -5.04
N LEU A 75 -5.13 2.81 -5.32
CA LEU A 75 -3.89 3.41 -5.80
C LEU A 75 -4.09 4.09 -7.14
N CYS A 76 -4.99 3.53 -7.95
CA CYS A 76 -5.28 4.07 -9.27
C CYS A 76 -5.86 5.47 -9.20
N GLU A 77 -6.86 5.66 -8.35
CA GLU A 77 -7.51 6.97 -8.20
C GLU A 77 -6.66 7.92 -7.36
N GLU A 78 -5.65 7.39 -6.66
CA GLU A 78 -4.77 8.21 -5.81
C GLU A 78 -3.52 8.65 -6.55
N ASP A 79 -3.00 7.80 -7.43
CA ASP A 79 -1.79 8.10 -8.20
C ASP A 79 -1.80 7.42 -9.57
N PRO A 80 -2.55 7.97 -10.53
CA PRO A 80 -2.65 7.41 -11.88
C PRO A 80 -1.27 7.18 -12.51
N GLN A 81 -0.29 7.97 -12.09
CA GLN A 81 1.06 7.86 -12.61
C GLN A 81 1.68 6.51 -12.24
N LEU A 82 2.01 6.35 -10.96
CA LEU A 82 2.59 5.11 -10.48
C LEU A 82 1.69 3.93 -10.82
N ALA A 83 0.40 4.19 -10.85
CA ALA A 83 -0.58 3.16 -11.16
C ALA A 83 -0.44 2.66 -12.59
N SER A 84 0.28 3.40 -13.42
CA SER A 84 0.47 3.02 -14.81
C SER A 84 1.15 1.67 -14.90
N LYS A 85 2.11 1.43 -14.01
CA LYS A 85 2.85 0.16 -13.96
C LYS A 85 2.14 -0.86 -13.08
N MET A 86 1.29 -0.36 -12.17
CA MET A 86 0.52 -1.20 -11.24
C MET A 86 -0.97 -1.12 -11.57
N GLY A 87 -1.29 -0.79 -12.83
CA GLY A 87 -2.68 -0.69 -13.29
C GLY A 87 -2.93 -1.53 -14.51
N LEU A 88 -2.61 -2.82 -14.40
CA LEU A 88 -2.79 -3.78 -15.50
C LEU A 88 -4.04 -3.46 -16.33
N HIS A 89 -5.09 -3.01 -15.65
CA HIS A 89 -6.34 -2.66 -16.32
C HIS A 89 -6.16 -1.46 -17.24
N ALA A 1 -0.49 -18.52 -7.73
CA ALA A 1 -0.09 -17.56 -8.76
C ALA A 1 -0.75 -16.20 -8.51
N ASP A 2 -0.32 -15.53 -7.46
CA ASP A 2 -0.88 -14.21 -7.13
C ASP A 2 0.01 -13.50 -6.12
N GLN A 3 0.92 -12.66 -6.62
CA GLN A 3 1.84 -11.90 -5.77
C GLN A 3 2.30 -10.63 -6.48
N LEU A 4 1.35 -9.75 -6.77
CA LEU A 4 1.67 -8.50 -7.45
C LEU A 4 2.59 -7.64 -6.60
N LEU A 5 2.20 -7.40 -5.35
CA LEU A 5 2.99 -6.59 -4.44
C LEU A 5 4.43 -7.11 -4.38
N ARG A 6 4.59 -8.34 -3.92
CA ARG A 6 5.91 -8.96 -3.80
C ARG A 6 6.83 -8.57 -4.95
N LYS A 7 6.39 -8.85 -6.17
CA LYS A 7 7.17 -8.54 -7.36
C LYS A 7 7.38 -7.03 -7.50
N LYS A 8 6.28 -6.28 -7.42
CA LYS A 8 6.34 -4.82 -7.53
C LYS A 8 6.75 -4.17 -6.21
N ARG A 9 7.26 -4.98 -5.29
CA ARG A 9 7.68 -4.49 -4.00
C ARG A 9 8.78 -3.45 -4.13
N ARG A 10 9.69 -3.69 -5.09
CA ARG A 10 10.81 -2.77 -5.32
C ARG A 10 10.34 -1.51 -6.05
N ILE A 11 9.26 -1.63 -6.82
CA ILE A 11 8.72 -0.50 -7.56
C ILE A 11 7.95 0.45 -6.66
N PHE A 12 6.78 0.02 -6.21
CA PHE A 12 5.94 0.84 -5.34
C PHE A 12 6.75 1.47 -4.20
N ILE A 13 7.51 0.65 -3.49
CA ILE A 13 8.32 1.14 -2.38
C ILE A 13 9.22 2.30 -2.81
N HIS A 14 9.95 2.10 -3.91
CA HIS A 14 10.86 3.13 -4.44
C HIS A 14 10.16 4.01 -5.47
N SER A 15 9.02 4.57 -5.08
CA SER A 15 8.26 5.44 -5.99
C SER A 15 7.15 6.18 -5.24
N VAL A 16 6.31 5.42 -4.52
CA VAL A 16 5.21 6.00 -3.78
C VAL A 16 5.62 7.29 -3.07
N GLY A 17 4.91 8.38 -3.37
CA GLY A 17 5.21 9.67 -2.77
C GLY A 17 4.57 9.84 -1.40
N ALA A 18 5.30 10.48 -0.49
CA ALA A 18 4.80 10.71 0.87
C ALA A 18 3.33 11.12 0.85
N GLY A 19 2.86 11.61 -0.29
CA GLY A 19 1.47 12.03 -0.41
C GLY A 19 0.52 10.86 -0.56
N THR A 20 0.71 10.08 -1.61
CA THR A 20 -0.15 8.92 -1.88
C THR A 20 -0.25 8.02 -0.65
N ILE A 21 0.81 7.98 0.14
CA ILE A 21 0.84 7.15 1.34
C ILE A 21 -0.30 7.48 2.29
N ASN A 22 -0.49 8.77 2.55
CA ASN A 22 -1.56 9.22 3.44
C ASN A 22 -2.94 8.88 2.88
N ALA A 23 -3.08 9.00 1.56
CA ALA A 23 -4.35 8.72 0.90
C ALA A 23 -4.58 7.22 0.75
N LEU A 24 -3.48 6.47 0.69
CA LEU A 24 -3.57 5.02 0.53
C LEU A 24 -3.97 4.35 1.84
N LEU A 25 -3.20 4.56 2.90
CA LEU A 25 -3.51 3.95 4.20
C LEU A 25 -4.87 4.37 4.69
N ASP A 26 -5.25 5.60 4.36
CA ASP A 26 -6.56 6.13 4.77
C ASP A 26 -7.68 5.31 4.15
N CYS A 27 -7.51 4.95 2.89
CA CYS A 27 -8.51 4.16 2.18
C CYS A 27 -8.62 2.76 2.79
N LEU A 28 -7.48 2.15 3.09
CA LEU A 28 -7.46 0.82 3.68
C LEU A 28 -8.43 0.74 4.86
N LEU A 29 -8.35 1.72 5.75
CA LEU A 29 -9.23 1.76 6.92
C LEU A 29 -10.69 1.75 6.49
N GLU A 30 -11.01 2.55 5.49
CA GLU A 30 -12.38 2.64 4.98
C GLU A 30 -12.96 1.23 4.79
N ASP A 31 -12.12 0.32 4.29
CA ASP A 31 -12.54 -1.06 4.06
C ASP A 31 -12.48 -1.86 5.37
N GLU A 32 -11.70 -1.37 6.32
CA GLU A 32 -11.54 -2.02 7.61
C GLU A 32 -10.81 -3.35 7.46
N VAL A 33 -9.88 -3.40 6.52
CA VAL A 33 -9.10 -4.62 6.28
C VAL A 33 -8.03 -4.81 7.35
N ILE A 34 -7.42 -3.71 7.78
CA ILE A 34 -6.38 -3.74 8.81
C ILE A 34 -7.00 -3.64 10.20
N SER A 35 -6.17 -3.41 11.22
CA SER A 35 -6.64 -3.30 12.61
C SER A 35 -5.81 -2.28 13.39
N GLN A 36 -6.40 -1.74 14.46
CA GLN A 36 -5.73 -0.75 15.29
C GLN A 36 -4.28 -1.14 15.54
N GLU A 37 -4.00 -2.43 15.52
CA GLU A 37 -2.65 -2.93 15.74
C GLU A 37 -1.75 -2.56 14.57
N ASP A 38 -2.16 -2.95 13.37
CA ASP A 38 -1.39 -2.66 12.17
C ASP A 38 -1.37 -1.15 11.89
N MET A 39 -2.54 -0.52 11.97
CA MET A 39 -2.63 0.92 11.73
C MET A 39 -1.54 1.66 12.51
N ASN A 40 -1.25 1.15 13.70
CA ASN A 40 -0.24 1.75 14.54
C ASN A 40 1.16 1.53 13.96
N LYS A 41 1.37 0.35 13.39
CA LYS A 41 2.67 0.01 12.80
C LYS A 41 3.12 1.11 11.83
N VAL A 42 2.22 1.53 10.94
CA VAL A 42 2.54 2.58 9.98
C VAL A 42 2.66 3.94 10.66
N ARG A 43 1.63 4.28 11.43
CA ARG A 43 1.61 5.56 12.14
C ARG A 43 2.85 5.73 13.02
N ASP A 44 3.47 4.60 13.35
CA ASP A 44 4.66 4.61 14.18
C ASP A 44 5.75 5.50 13.57
N GLU A 45 5.67 5.71 12.27
CA GLU A 45 6.64 6.54 11.55
C GLU A 45 8.06 6.11 11.86
N ASN A 46 8.58 5.19 11.05
CA ASN A 46 9.93 4.69 11.25
C ASN A 46 10.97 5.71 10.78
N ASP A 47 10.96 6.00 9.48
CA ASP A 47 11.89 6.97 8.91
C ASP A 47 11.38 7.47 7.56
N THR A 48 12.31 7.65 6.62
CA THR A 48 11.97 8.12 5.29
C THR A 48 10.86 7.28 4.66
N VAL A 49 10.36 7.71 3.51
CA VAL A 49 9.30 6.99 2.82
C VAL A 49 9.68 5.53 2.62
N MET A 50 10.93 5.27 2.32
CA MET A 50 11.39 3.91 2.08
C MET A 50 10.89 2.97 3.17
N ASP A 51 10.88 3.45 4.41
CA ASP A 51 10.42 2.66 5.56
C ASP A 51 8.90 2.67 5.67
N LYS A 52 8.32 3.86 5.59
CA LYS A 52 6.86 4.01 5.68
C LYS A 52 6.16 3.14 4.66
N ALA A 53 6.77 2.98 3.49
CA ALA A 53 6.20 2.17 2.42
C ALA A 53 6.44 0.68 2.66
N ARG A 54 7.70 0.32 2.92
CA ARG A 54 8.06 -1.07 3.17
C ARG A 54 7.04 -1.75 4.08
N VAL A 55 6.65 -1.06 5.16
CA VAL A 55 5.69 -1.60 6.10
C VAL A 55 4.27 -1.55 5.54
N LEU A 56 3.85 -0.38 5.08
CA LEU A 56 2.52 -0.21 4.53
C LEU A 56 2.16 -1.32 3.56
N ILE A 57 3.04 -1.58 2.60
CA ILE A 57 2.80 -2.62 1.60
C ILE A 57 2.90 -4.01 2.22
N ASP A 58 3.68 -4.14 3.29
CA ASP A 58 3.86 -5.42 3.97
C ASP A 58 2.60 -5.82 4.73
N LEU A 59 2.00 -4.84 5.42
CA LEU A 59 0.78 -5.10 6.19
C LEU A 59 -0.34 -5.61 5.30
N VAL A 60 -0.56 -4.92 4.18
CA VAL A 60 -1.61 -5.30 3.24
C VAL A 60 -1.50 -6.79 2.87
N THR A 61 -0.36 -7.16 2.30
CA THR A 61 -0.12 -8.55 1.91
C THR A 61 -0.45 -9.50 3.04
N GLY A 62 0.08 -9.22 4.22
CA GLY A 62 -0.16 -10.07 5.37
C GLY A 62 -1.63 -10.43 5.54
N LYS A 63 -2.50 -9.46 5.28
CA LYS A 63 -3.94 -9.68 5.40
C LYS A 63 -4.46 -10.48 4.21
N GLY A 64 -3.60 -11.30 3.63
CA GLY A 64 -3.99 -12.11 2.49
C GLY A 64 -4.03 -11.31 1.20
N PRO A 65 -4.16 -11.99 0.06
CA PRO A 65 -4.23 -11.33 -1.26
C PRO A 65 -5.57 -10.66 -1.51
N LYS A 66 -6.55 -11.00 -0.69
CA LYS A 66 -7.89 -10.43 -0.82
C LYS A 66 -7.83 -8.91 -0.69
N SER A 67 -6.82 -8.43 0.02
CA SER A 67 -6.63 -7.00 0.23
C SER A 67 -5.98 -6.35 -0.99
N CYS A 68 -5.20 -7.13 -1.73
CA CYS A 68 -4.51 -6.63 -2.92
C CYS A 68 -5.49 -5.93 -3.86
N CYS A 69 -6.65 -6.56 -4.06
CA CYS A 69 -7.67 -6.00 -4.95
C CYS A 69 -7.97 -4.55 -4.61
N LYS A 70 -8.36 -4.30 -3.36
CA LYS A 70 -8.69 -2.96 -2.91
C LYS A 70 -7.46 -2.05 -2.96
N PHE A 71 -6.28 -2.64 -2.81
CA PHE A 71 -5.04 -1.88 -2.84
C PHE A 71 -4.75 -1.35 -4.25
N ILE A 72 -4.99 -2.20 -5.24
CA ILE A 72 -4.76 -1.81 -6.64
C ILE A 72 -5.80 -0.79 -7.09
N LYS A 73 -7.05 -0.99 -6.68
CA LYS A 73 -8.13 -0.08 -7.06
C LYS A 73 -7.95 1.28 -6.40
N HIS A 74 -7.65 1.28 -5.10
CA HIS A 74 -7.46 2.52 -4.37
C HIS A 74 -6.30 3.32 -4.96
N LEU A 75 -5.11 2.73 -4.91
CA LEU A 75 -3.91 3.36 -5.44
C LEU A 75 -4.19 4.10 -6.75
N CYS A 76 -5.00 3.49 -7.60
CA CYS A 76 -5.32 4.07 -8.91
C CYS A 76 -6.01 5.43 -8.81
N GLU A 77 -7.07 5.51 -8.01
CA GLU A 77 -7.82 6.75 -7.88
C GLU A 77 -7.04 7.86 -7.17
N GLU A 78 -5.89 7.54 -6.54
CA GLU A 78 -5.08 8.55 -5.81
C GLU A 78 -3.78 8.88 -6.55
N ASP A 79 -3.17 7.88 -7.18
CA ASP A 79 -1.90 8.06 -7.92
C ASP A 79 -1.95 7.37 -9.28
N PRO A 80 -2.68 7.96 -10.23
CA PRO A 80 -2.82 7.41 -11.59
C PRO A 80 -1.47 7.17 -12.27
N GLN A 81 -0.46 7.93 -11.87
CA GLN A 81 0.88 7.81 -12.45
C GLN A 81 1.53 6.48 -12.06
N LEU A 82 1.98 6.39 -10.82
CA LEU A 82 2.61 5.18 -10.32
C LEU A 82 1.70 3.98 -10.53
N ALA A 83 0.41 4.22 -10.44
CA ALA A 83 -0.58 3.17 -10.62
C ALA A 83 -0.46 2.52 -12.00
N SER A 84 0.34 3.11 -12.87
CA SER A 84 0.53 2.58 -14.21
C SER A 84 1.22 1.22 -14.14
N LYS A 85 2.27 1.14 -13.33
CA LYS A 85 3.03 -0.10 -13.15
C LYS A 85 2.39 -0.95 -12.05
N MET A 86 1.28 -0.44 -11.50
CA MET A 86 0.54 -1.14 -10.43
C MET A 86 -0.96 -1.01 -10.66
N GLY A 87 -1.37 -0.96 -11.93
CA GLY A 87 -2.78 -0.84 -12.28
C GLY A 87 -3.07 -1.43 -13.64
N LEU A 88 -2.83 -2.74 -13.78
CA LEU A 88 -3.05 -3.46 -15.04
C LEU A 88 -4.25 -2.90 -15.81
N HIS A 89 -5.28 -2.47 -15.07
CA HIS A 89 -6.48 -1.93 -15.68
C HIS A 89 -6.23 -0.52 -16.22
N ALA A 1 -0.35 -19.04 -7.86
CA ALA A 1 0.34 -17.88 -8.41
C ALA A 1 -0.40 -16.59 -8.10
N ASP A 2 0.01 -15.91 -7.03
CA ASP A 2 -0.61 -14.66 -6.62
C ASP A 2 0.27 -13.92 -5.63
N GLN A 3 1.17 -13.09 -6.15
CA GLN A 3 2.09 -12.31 -5.32
C GLN A 3 2.50 -11.01 -6.03
N LEU A 4 1.50 -10.22 -6.40
CA LEU A 4 1.75 -8.96 -7.08
C LEU A 4 2.66 -8.06 -6.25
N LEU A 5 2.18 -7.65 -5.07
CA LEU A 5 2.97 -6.79 -4.19
C LEU A 5 4.41 -7.26 -4.11
N ARG A 6 4.60 -8.57 -4.03
CA ARG A 6 5.95 -9.15 -3.93
C ARG A 6 6.80 -8.74 -5.13
N LYS A 7 6.42 -9.22 -6.31
CA LYS A 7 7.17 -8.92 -7.53
C LYS A 7 6.96 -7.47 -7.95
N LYS A 8 6.40 -6.66 -7.05
CA LYS A 8 6.15 -5.23 -7.30
C LYS A 8 6.51 -4.41 -6.06
N ARG A 9 7.09 -5.07 -5.06
CA ARG A 9 7.48 -4.41 -3.83
C ARG A 9 8.56 -3.38 -4.09
N ARG A 10 9.43 -3.67 -5.05
CA ARG A 10 10.52 -2.77 -5.40
C ARG A 10 10.00 -1.55 -6.16
N ILE A 11 8.86 -1.71 -6.83
CA ILE A 11 8.25 -0.62 -7.60
C ILE A 11 7.50 0.34 -6.67
N PHE A 12 6.35 -0.10 -6.17
CA PHE A 12 5.53 0.73 -5.29
C PHE A 12 6.39 1.47 -4.27
N ILE A 13 7.29 0.75 -3.61
CA ILE A 13 8.15 1.34 -2.60
C ILE A 13 9.02 2.46 -3.17
N HIS A 14 9.67 2.18 -4.30
CA HIS A 14 10.55 3.17 -4.95
C HIS A 14 9.76 4.06 -5.91
N SER A 15 8.67 4.63 -5.41
CA SER A 15 7.84 5.51 -6.24
C SER A 15 6.79 6.24 -5.39
N VAL A 16 6.04 5.47 -4.60
CA VAL A 16 5.00 6.04 -3.75
C VAL A 16 5.47 7.32 -3.07
N GLY A 17 4.74 8.41 -3.30
CA GLY A 17 5.08 9.70 -2.71
C GLY A 17 4.59 9.84 -1.29
N ALA A 18 5.37 10.51 -0.46
CA ALA A 18 5.01 10.72 0.94
C ALA A 18 3.53 11.10 1.08
N GLY A 19 2.97 11.66 0.01
CA GLY A 19 1.57 12.06 0.03
C GLY A 19 0.62 10.87 -0.14
N THR A 20 0.75 10.17 -1.26
CA THR A 20 -0.10 9.02 -1.54
C THR A 20 -0.23 8.12 -0.31
N ILE A 21 0.85 7.97 0.44
CA ILE A 21 0.85 7.13 1.63
C ILE A 21 -0.32 7.50 2.56
N ASN A 22 -0.36 8.74 2.99
CA ASN A 22 -1.42 9.21 3.88
C ASN A 22 -2.81 8.91 3.31
N ALA A 23 -2.96 9.10 2.02
CA ALA A 23 -4.24 8.86 1.34
C ALA A 23 -4.49 7.37 1.16
N LEU A 24 -3.42 6.60 1.09
CA LEU A 24 -3.51 5.15 0.89
C LEU A 24 -3.91 4.44 2.17
N LEU A 25 -3.12 4.62 3.23
CA LEU A 25 -3.41 3.97 4.51
C LEU A 25 -4.78 4.39 5.01
N ASP A 26 -5.18 5.61 4.65
CA ASP A 26 -6.47 6.14 5.06
C ASP A 26 -7.61 5.31 4.45
N CYS A 27 -7.46 5.00 3.16
CA CYS A 27 -8.47 4.21 2.45
C CYS A 27 -8.57 2.81 3.05
N LEU A 28 -7.43 2.23 3.39
CA LEU A 28 -7.39 0.88 3.96
C LEU A 28 -8.37 0.77 5.13
N LEU A 29 -8.28 1.72 6.07
CA LEU A 29 -9.16 1.71 7.22
C LEU A 29 -10.62 1.71 6.78
N GLU A 30 -10.93 2.52 5.78
CA GLU A 30 -12.30 2.61 5.26
C GLU A 30 -12.85 1.21 5.01
N ASP A 31 -12.01 0.33 4.48
CA ASP A 31 -12.39 -1.04 4.19
C ASP A 31 -12.36 -1.90 5.45
N GLU A 32 -11.66 -1.41 6.47
CA GLU A 32 -11.54 -2.12 7.74
C GLU A 32 -10.74 -3.40 7.57
N VAL A 33 -9.82 -3.40 6.62
CA VAL A 33 -8.98 -4.57 6.36
C VAL A 33 -7.88 -4.71 7.40
N ILE A 34 -7.23 -3.59 7.74
CA ILE A 34 -6.15 -3.59 8.73
C ILE A 34 -6.71 -3.40 10.13
N SER A 35 -5.95 -3.87 11.12
CA SER A 35 -6.33 -3.77 12.54
C SER A 35 -5.70 -2.53 13.15
N GLN A 36 -6.20 -2.12 14.32
CA GLN A 36 -5.66 -0.96 14.98
C GLN A 36 -4.17 -1.18 15.28
N GLU A 37 -3.78 -2.46 15.35
CA GLU A 37 -2.40 -2.82 15.61
C GLU A 37 -1.54 -2.58 14.38
N ASP A 38 -2.08 -2.92 13.22
CA ASP A 38 -1.38 -2.73 11.96
C ASP A 38 -1.34 -1.24 11.60
N MET A 39 -2.46 -0.57 11.83
CA MET A 39 -2.54 0.85 11.56
C MET A 39 -1.45 1.57 12.34
N ASN A 40 -1.10 1.01 13.50
CA ASN A 40 -0.08 1.59 14.35
C ASN A 40 1.32 1.41 13.75
N LYS A 41 1.57 0.24 13.17
CA LYS A 41 2.88 -0.02 12.56
C LYS A 41 3.26 1.13 11.63
N VAL A 42 2.31 1.56 10.80
CA VAL A 42 2.56 2.66 9.86
C VAL A 42 2.54 4.02 10.55
N ARG A 43 1.53 4.25 11.39
CA ARG A 43 1.40 5.51 12.11
C ARG A 43 2.58 5.72 13.06
N ASP A 44 3.24 4.62 13.40
CA ASP A 44 4.40 4.67 14.29
C ASP A 44 5.53 5.46 13.63
N GLU A 45 5.30 5.89 12.39
CA GLU A 45 6.29 6.66 11.64
C GLU A 45 7.72 6.22 11.95
N ASN A 46 8.16 5.16 11.27
CA ASN A 46 9.50 4.63 11.46
C ASN A 46 10.56 5.63 10.98
N ASP A 47 10.36 6.16 9.77
CA ASP A 47 11.29 7.12 9.20
C ASP A 47 10.74 7.72 7.91
N THR A 48 11.61 7.87 6.92
CA THR A 48 11.22 8.44 5.64
C THR A 48 10.21 7.55 4.92
N VAL A 49 10.01 7.82 3.63
CA VAL A 49 9.07 7.05 2.82
C VAL A 49 9.55 5.62 2.63
N MET A 50 10.85 5.45 2.45
CA MET A 50 11.42 4.12 2.24
C MET A 50 11.01 3.16 3.35
N ASP A 51 10.90 3.68 4.57
CA ASP A 51 10.52 2.87 5.74
C ASP A 51 9.01 2.82 5.94
N LYS A 52 8.34 3.94 5.69
CA LYS A 52 6.88 4.01 5.86
C LYS A 52 6.18 3.21 4.77
N ALA A 53 6.83 3.08 3.62
CA ALA A 53 6.28 2.33 2.49
C ALA A 53 6.50 0.83 2.67
N ARG A 54 7.76 0.47 2.97
CA ARG A 54 8.11 -0.93 3.17
C ARG A 54 7.11 -1.62 4.09
N VAL A 55 6.72 -0.96 5.16
CA VAL A 55 5.77 -1.51 6.11
C VAL A 55 4.34 -1.46 5.57
N LEU A 56 3.93 -0.30 5.08
CA LEU A 56 2.58 -0.13 4.55
C LEU A 56 2.23 -1.25 3.58
N ILE A 57 3.07 -1.44 2.56
CA ILE A 57 2.84 -2.47 1.56
C ILE A 57 2.89 -3.87 2.18
N ASP A 58 3.76 -4.05 3.18
CA ASP A 58 3.90 -5.34 3.84
C ASP A 58 2.61 -5.73 4.58
N LEU A 59 2.10 -4.80 5.39
CA LEU A 59 0.88 -5.05 6.14
C LEU A 59 -0.25 -5.56 5.24
N VAL A 60 -0.50 -4.84 4.14
CA VAL A 60 -1.55 -5.22 3.21
C VAL A 60 -1.48 -6.69 2.86
N THR A 61 -0.33 -7.12 2.33
CA THR A 61 -0.14 -8.52 1.95
C THR A 61 -0.36 -9.45 3.14
N GLY A 62 -0.41 -8.88 4.33
CA GLY A 62 -0.61 -9.67 5.53
C GLY A 62 -1.99 -10.28 5.61
N LYS A 63 -3.01 -9.47 5.33
CA LYS A 63 -4.40 -9.94 5.38
C LYS A 63 -4.72 -10.75 4.12
N GLY A 64 -3.71 -11.40 3.57
CA GLY A 64 -3.90 -12.20 2.37
C GLY A 64 -4.01 -11.37 1.12
N PRO A 65 -4.15 -12.00 -0.05
CA PRO A 65 -4.26 -11.31 -1.33
C PRO A 65 -5.63 -10.65 -1.52
N LYS A 66 -6.54 -10.90 -0.58
CA LYS A 66 -7.88 -10.34 -0.64
C LYS A 66 -7.82 -8.82 -0.57
N SER A 67 -6.78 -8.31 0.09
CA SER A 67 -6.59 -6.86 0.24
C SER A 67 -6.00 -6.25 -1.02
N CYS A 68 -5.09 -6.98 -1.65
CA CYS A 68 -4.44 -6.50 -2.87
C CYS A 68 -5.43 -5.86 -3.82
N CYS A 69 -6.65 -6.40 -3.87
CA CYS A 69 -7.69 -5.88 -4.74
C CYS A 69 -7.97 -4.41 -4.45
N LYS A 70 -8.48 -4.14 -3.26
CA LYS A 70 -8.79 -2.77 -2.86
C LYS A 70 -7.55 -1.88 -2.90
N PHE A 71 -6.40 -2.48 -2.66
CA PHE A 71 -5.13 -1.74 -2.67
C PHE A 71 -4.84 -1.19 -4.07
N ILE A 72 -4.72 -2.09 -5.04
CA ILE A 72 -4.45 -1.70 -6.41
C ILE A 72 -5.47 -0.69 -6.92
N LYS A 73 -6.71 -0.84 -6.49
CA LYS A 73 -7.79 0.05 -6.91
C LYS A 73 -7.65 1.42 -6.26
N HIS A 74 -7.43 1.44 -4.96
CA HIS A 74 -7.28 2.69 -4.23
C HIS A 74 -6.06 3.47 -4.70
N LEU A 75 -4.95 2.76 -4.90
CA LEU A 75 -3.72 3.38 -5.36
C LEU A 75 -3.90 4.04 -6.72
N CYS A 76 -4.73 3.44 -7.56
CA CYS A 76 -4.99 3.96 -8.90
C CYS A 76 -5.57 5.37 -8.86
N GLU A 77 -6.66 5.52 -8.10
CA GLU A 77 -7.32 6.82 -7.97
C GLU A 77 -6.48 7.82 -7.20
N GLU A 78 -5.51 7.31 -6.43
CA GLU A 78 -4.62 8.17 -5.62
C GLU A 78 -3.38 8.57 -6.40
N ASP A 79 -2.93 7.68 -7.31
CA ASP A 79 -1.75 7.94 -8.13
C ASP A 79 -1.85 7.23 -9.49
N PRO A 80 -2.20 7.94 -10.60
CA PRO A 80 -2.33 7.30 -11.91
C PRO A 80 -0.97 7.15 -12.61
N GLN A 81 0.02 7.91 -12.15
CA GLN A 81 1.36 7.84 -12.72
C GLN A 81 2.03 6.54 -12.35
N LEU A 82 2.14 6.28 -11.05
CA LEU A 82 2.76 5.05 -10.56
C LEU A 82 1.89 3.86 -10.91
N ALA A 83 0.61 3.95 -10.57
CA ALA A 83 -0.33 2.87 -10.85
C ALA A 83 -0.32 2.51 -12.33
N SER A 84 0.31 3.36 -13.13
CA SER A 84 0.41 3.11 -14.56
C SER A 84 1.04 1.75 -14.81
N LYS A 85 1.95 1.37 -13.93
CA LYS A 85 2.65 0.09 -14.01
C LYS A 85 1.79 -1.00 -13.38
N MET A 86 1.13 -0.65 -12.27
CA MET A 86 0.26 -1.58 -11.54
C MET A 86 -1.18 -1.47 -12.03
N GLY A 87 -1.35 -0.86 -13.20
CA GLY A 87 -2.67 -0.67 -13.80
C GLY A 87 -3.05 -1.80 -14.73
N LEU A 88 -2.63 -3.02 -14.38
CA LEU A 88 -2.90 -4.21 -15.19
C LEU A 88 -4.27 -4.14 -15.86
N HIS A 89 -5.24 -3.55 -15.17
CA HIS A 89 -6.59 -3.41 -15.70
C HIS A 89 -7.41 -2.47 -14.84
N ALA A 1 -0.46 -18.54 -7.81
CA ALA A 1 -0.29 -17.46 -8.78
C ALA A 1 -0.95 -16.17 -8.30
N ASP A 2 -0.43 -15.61 -7.21
CA ASP A 2 -0.96 -14.39 -6.64
C ASP A 2 0.04 -13.73 -5.71
N GLN A 3 1.01 -13.02 -6.28
CA GLN A 3 2.06 -12.33 -5.51
C GLN A 3 2.47 -11.04 -6.22
N LEU A 4 1.48 -10.23 -6.59
CA LEU A 4 1.74 -8.97 -7.28
C LEU A 4 2.66 -8.09 -6.44
N LEU A 5 2.31 -7.87 -5.18
CA LEU A 5 3.10 -7.04 -4.29
C LEU A 5 4.54 -7.53 -4.21
N ARG A 6 4.72 -8.78 -3.77
CA ARG A 6 6.04 -9.38 -3.64
C ARG A 6 6.99 -8.93 -4.75
N LYS A 7 6.61 -9.21 -6.00
CA LYS A 7 7.43 -8.84 -7.15
C LYS A 7 7.43 -7.33 -7.36
N LYS A 8 6.25 -6.71 -7.23
CA LYS A 8 6.09 -5.27 -7.40
C LYS A 8 6.46 -4.52 -6.12
N ARG A 9 7.16 -5.20 -5.22
CA ARG A 9 7.56 -4.61 -3.95
C ARG A 9 8.65 -3.57 -4.15
N ARG A 10 9.54 -3.82 -5.11
CA ARG A 10 10.63 -2.89 -5.41
C ARG A 10 10.14 -1.69 -6.20
N ILE A 11 9.05 -1.86 -6.93
CA ILE A 11 8.48 -0.79 -7.73
C ILE A 11 7.71 0.21 -6.85
N PHE A 12 6.60 -0.24 -6.30
CA PHE A 12 5.77 0.61 -5.45
C PHE A 12 6.60 1.33 -4.39
N ILE A 13 7.44 0.57 -3.68
CA ILE A 13 8.27 1.14 -2.64
C ILE A 13 9.19 2.24 -3.16
N HIS A 14 9.90 1.95 -4.26
CA HIS A 14 10.82 2.92 -4.87
C HIS A 14 10.11 3.80 -5.88
N SER A 15 9.03 4.44 -5.45
CA SER A 15 8.27 5.32 -6.34
C SER A 15 7.19 6.08 -5.56
N VAL A 16 6.39 5.34 -4.81
CA VAL A 16 5.31 5.93 -4.02
C VAL A 16 5.76 7.22 -3.35
N GLY A 17 4.95 8.28 -3.50
CA GLY A 17 5.26 9.56 -2.90
C GLY A 17 4.74 9.67 -1.47
N ALA A 18 5.35 10.55 -0.69
CA ALA A 18 4.95 10.74 0.70
C ALA A 18 3.45 10.99 0.81
N GLY A 19 2.94 11.94 0.02
CA GLY A 19 1.53 12.26 0.04
C GLY A 19 0.66 11.03 -0.11
N THR A 20 0.85 10.30 -1.21
CA THR A 20 0.09 9.09 -1.47
C THR A 20 -0.07 8.24 -0.21
N ILE A 21 1.07 7.81 0.35
CA ILE A 21 1.08 6.99 1.55
C ILE A 21 -0.02 7.37 2.53
N ASN A 22 -0.25 8.68 2.66
CA ASN A 22 -1.28 9.17 3.57
C ASN A 22 -2.68 8.86 3.03
N ALA A 23 -2.85 9.03 1.73
CA ALA A 23 -4.13 8.78 1.08
C ALA A 23 -4.39 7.28 0.92
N LEU A 24 -3.32 6.50 0.90
CA LEU A 24 -3.42 5.05 0.73
C LEU A 24 -3.87 4.39 2.04
N LEU A 25 -3.09 4.58 3.10
CA LEU A 25 -3.42 3.98 4.39
C LEU A 25 -4.79 4.44 4.86
N ASP A 26 -5.17 5.65 4.47
CA ASP A 26 -6.47 6.19 4.84
C ASP A 26 -7.59 5.39 4.21
N CYS A 27 -7.42 5.02 2.95
CA CYS A 27 -8.41 4.24 2.23
C CYS A 27 -8.52 2.83 2.81
N LEU A 28 -7.40 2.29 3.27
CA LEU A 28 -7.39 0.95 3.86
C LEU A 28 -8.38 0.86 5.02
N LEU A 29 -8.27 1.80 5.95
CA LEU A 29 -9.16 1.82 7.10
C LEU A 29 -10.62 1.83 6.64
N GLU A 30 -10.91 2.63 5.62
CA GLU A 30 -12.26 2.72 5.09
C GLU A 30 -12.84 1.33 4.89
N ASP A 31 -12.03 0.44 4.30
CA ASP A 31 -12.46 -0.93 4.04
C ASP A 31 -12.37 -1.76 5.33
N GLU A 32 -11.62 -1.26 6.30
CA GLU A 32 -11.44 -1.94 7.58
C GLU A 32 -10.69 -3.26 7.40
N VAL A 33 -9.79 -3.30 6.43
CA VAL A 33 -9.01 -4.51 6.15
C VAL A 33 -7.91 -4.70 7.19
N ILE A 34 -7.28 -3.59 7.61
CA ILE A 34 -6.21 -3.64 8.62
C ILE A 34 -6.80 -3.56 10.02
N SER A 35 -6.04 -4.06 11.01
CA SER A 35 -6.48 -4.05 12.42
C SER A 35 -5.85 -2.88 13.17
N GLN A 36 -6.55 -2.37 14.17
CA GLN A 36 -6.07 -1.26 14.97
C GLN A 36 -4.58 -1.43 15.31
N GLU A 37 -4.15 -2.69 15.43
CA GLU A 37 -2.76 -3.00 15.74
C GLU A 37 -1.87 -2.67 14.56
N ASP A 38 -2.34 -2.98 13.36
CA ASP A 38 -1.58 -2.71 12.14
C ASP A 38 -1.56 -1.21 11.86
N MET A 39 -2.72 -0.58 11.97
CA MET A 39 -2.82 0.86 11.75
C MET A 39 -1.79 1.59 12.59
N ASN A 40 -1.49 1.01 13.75
CA ASN A 40 -0.52 1.60 14.66
C ASN A 40 0.90 1.45 14.12
N LYS A 41 1.19 0.31 13.49
CA LYS A 41 2.50 0.06 12.93
C LYS A 41 2.94 1.19 12.00
N VAL A 42 2.05 1.56 11.08
CA VAL A 42 2.35 2.63 10.12
C VAL A 42 2.32 4.02 10.77
N ARG A 43 1.38 4.22 11.69
CA ARG A 43 1.25 5.50 12.37
C ARG A 43 2.49 5.81 13.19
N ASP A 44 3.17 4.77 13.64
CA ASP A 44 4.38 4.90 14.44
C ASP A 44 5.46 5.64 13.64
N GLU A 45 5.16 5.91 12.36
CA GLU A 45 6.09 6.62 11.48
C GLU A 45 7.54 6.23 11.76
N ASN A 46 8.07 5.31 10.96
CA ASN A 46 9.44 4.86 11.11
C ASN A 46 10.42 5.95 10.69
N ASP A 47 10.49 6.21 9.39
CA ASP A 47 11.38 7.23 8.85
C ASP A 47 10.95 7.64 7.45
N THR A 48 11.92 7.87 6.58
CA THR A 48 11.65 8.27 5.21
C THR A 48 10.53 7.43 4.60
N VAL A 49 10.03 7.86 3.45
CA VAL A 49 8.96 7.14 2.77
C VAL A 49 9.35 5.69 2.51
N MET A 50 10.64 5.47 2.24
CA MET A 50 11.14 4.14 1.96
C MET A 50 10.68 3.15 3.03
N ASP A 51 10.69 3.60 4.29
CA ASP A 51 10.27 2.76 5.41
C ASP A 51 8.74 2.72 5.53
N LYS A 52 8.12 3.89 5.51
CA LYS A 52 6.67 3.98 5.62
C LYS A 52 5.99 3.11 4.56
N ALA A 53 6.64 3.00 3.40
CA ALA A 53 6.12 2.21 2.29
C ALA A 53 6.40 0.74 2.50
N ARG A 54 7.61 0.43 2.95
CA ARG A 54 8.01 -0.95 3.18
C ARG A 54 7.06 -1.64 4.15
N VAL A 55 6.67 -0.95 5.21
CA VAL A 55 5.76 -1.49 6.21
C VAL A 55 4.32 -1.49 5.70
N LEU A 56 3.91 -0.38 5.11
CA LEU A 56 2.56 -0.24 4.59
C LEU A 56 2.22 -1.38 3.61
N ILE A 57 3.10 -1.59 2.64
CA ILE A 57 2.91 -2.64 1.64
C ILE A 57 3.02 -4.02 2.27
N ASP A 58 3.80 -4.12 3.35
CA ASP A 58 3.99 -5.39 4.03
C ASP A 58 2.73 -5.80 4.80
N LEU A 59 2.15 -4.85 5.52
CA LEU A 59 0.94 -5.11 6.29
C LEU A 59 -0.17 -5.66 5.39
N VAL A 60 -0.41 -4.97 4.28
CA VAL A 60 -1.43 -5.39 3.33
C VAL A 60 -1.31 -6.86 2.99
N THR A 61 -0.14 -7.25 2.50
CA THR A 61 0.11 -8.64 2.13
C THR A 61 -0.27 -9.59 3.26
N GLY A 62 0.09 -9.19 4.49
CA GLY A 62 -0.22 -10.02 5.64
C GLY A 62 -1.69 -10.37 5.72
N LYS A 63 -2.55 -9.40 5.43
CA LYS A 63 -3.99 -9.61 5.47
C LYS A 63 -4.45 -10.41 4.26
N GLY A 64 -3.55 -11.23 3.72
CA GLY A 64 -3.88 -12.05 2.57
C GLY A 64 -3.90 -11.25 1.28
N PRO A 65 -3.92 -11.92 0.13
CA PRO A 65 -3.95 -11.26 -1.19
C PRO A 65 -5.31 -10.63 -1.48
N LYS A 66 -6.31 -11.03 -0.70
CA LYS A 66 -7.66 -10.51 -0.87
C LYS A 66 -7.67 -8.99 -0.69
N SER A 67 -6.66 -8.49 0.02
CA SER A 67 -6.53 -7.06 0.27
C SER A 67 -5.94 -6.35 -0.94
N CYS A 68 -5.06 -7.04 -1.65
CA CYS A 68 -4.42 -6.47 -2.84
C CYS A 68 -5.43 -5.74 -3.70
N CYS A 69 -6.66 -6.24 -3.73
CA CYS A 69 -7.72 -5.63 -4.53
C CYS A 69 -7.89 -4.16 -4.18
N LYS A 70 -8.18 -3.89 -2.91
CA LYS A 70 -8.38 -2.52 -2.45
C LYS A 70 -7.09 -1.71 -2.58
N PHE A 71 -5.96 -2.39 -2.55
CA PHE A 71 -4.67 -1.73 -2.67
C PHE A 71 -4.47 -1.18 -4.08
N ILE A 72 -4.52 -2.07 -5.07
CA ILE A 72 -4.33 -1.68 -6.46
C ILE A 72 -5.41 -0.69 -6.89
N LYS A 73 -6.66 -1.00 -6.56
CA LYS A 73 -7.78 -0.14 -6.94
C LYS A 73 -7.64 1.25 -6.34
N HIS A 74 -7.43 1.33 -5.03
CA HIS A 74 -7.29 2.61 -4.36
C HIS A 74 -6.09 3.38 -4.90
N LEU A 75 -4.91 2.80 -4.79
CA LEU A 75 -3.69 3.44 -5.26
C LEU A 75 -3.91 4.13 -6.60
N CYS A 76 -4.80 3.59 -7.42
CA CYS A 76 -5.09 4.16 -8.73
C CYS A 76 -5.89 5.45 -8.62
N GLU A 77 -6.83 5.48 -7.67
CA GLU A 77 -7.68 6.66 -7.48
C GLU A 77 -6.91 7.83 -6.85
N GLU A 78 -5.70 7.58 -6.34
CA GLU A 78 -4.87 8.62 -5.69
C GLU A 78 -3.59 8.89 -6.48
N ASP A 79 -2.93 7.82 -6.93
CA ASP A 79 -1.69 7.89 -7.70
C ASP A 79 -1.88 7.30 -9.11
N PRO A 80 -2.24 8.11 -10.13
CA PRO A 80 -2.46 7.60 -11.48
C PRO A 80 -1.15 7.47 -12.27
N GLN A 81 -0.08 8.04 -11.73
CA GLN A 81 1.23 8.00 -12.38
C GLN A 81 1.89 6.65 -12.14
N LEU A 82 2.11 6.32 -10.87
CA LEU A 82 2.72 5.05 -10.49
C LEU A 82 1.79 3.89 -10.82
N ALA A 83 0.51 4.08 -10.54
CA ALA A 83 -0.49 3.05 -10.79
C ALA A 83 -0.56 2.71 -12.27
N SER A 84 -0.03 3.59 -13.10
CA SER A 84 -0.03 3.38 -14.55
C SER A 84 0.61 2.02 -14.87
N LYS A 85 1.56 1.63 -14.03
CA LYS A 85 2.26 0.35 -14.18
C LYS A 85 1.51 -0.77 -13.49
N MET A 86 0.93 -0.45 -12.32
CA MET A 86 0.17 -1.42 -11.52
C MET A 86 -1.32 -1.35 -11.86
N GLY A 87 -1.63 -0.67 -12.97
CA GLY A 87 -3.01 -0.52 -13.43
C GLY A 87 -3.38 -1.52 -14.50
N LEU A 88 -2.91 -2.77 -14.32
CA LEU A 88 -3.16 -3.85 -15.27
C LEU A 88 -4.52 -3.71 -15.96
N HIS A 89 -5.48 -3.13 -15.26
CA HIS A 89 -6.82 -2.92 -15.79
C HIS A 89 -7.65 -2.03 -14.88
N ALA A 1 0.72 -18.65 -7.68
CA ALA A 1 0.56 -17.86 -8.89
C ALA A 1 -0.18 -16.56 -8.60
N ASP A 2 0.16 -15.92 -7.49
CA ASP A 2 -0.48 -14.67 -7.10
C ASP A 2 0.35 -13.94 -6.05
N GLN A 3 1.24 -13.04 -6.53
CA GLN A 3 2.10 -12.26 -5.65
C GLN A 3 2.50 -10.95 -6.32
N LEU A 4 1.50 -10.13 -6.63
CA LEU A 4 1.75 -8.85 -7.29
C LEU A 4 2.65 -7.96 -6.43
N LEU A 5 2.17 -7.60 -5.25
CA LEU A 5 2.94 -6.74 -4.35
C LEU A 5 4.38 -7.23 -4.24
N ARG A 6 4.55 -8.48 -3.85
CA ARG A 6 5.88 -9.08 -3.70
C ARG A 6 6.82 -8.63 -4.82
N LYS A 7 6.45 -8.94 -6.05
CA LYS A 7 7.26 -8.58 -7.21
C LYS A 7 7.35 -7.06 -7.38
N LYS A 8 6.22 -6.38 -7.23
CA LYS A 8 6.17 -4.93 -7.36
C LYS A 8 6.65 -4.24 -6.09
N ARG A 9 7.15 -5.03 -5.15
CA ARG A 9 7.66 -4.52 -3.89
C ARG A 9 8.75 -3.48 -4.12
N ARG A 10 9.60 -3.73 -5.12
CA ARG A 10 10.69 -2.82 -5.44
C ARG A 10 10.19 -1.58 -6.17
N ILE A 11 9.11 -1.73 -6.93
CA ILE A 11 8.54 -0.61 -7.68
C ILE A 11 7.78 0.34 -6.76
N PHE A 12 6.65 -0.13 -6.23
CA PHE A 12 5.83 0.69 -5.34
C PHE A 12 6.67 1.37 -4.26
N ILE A 13 7.46 0.58 -3.54
CA ILE A 13 8.29 1.11 -2.47
C ILE A 13 9.15 2.28 -2.97
N HIS A 14 9.84 2.09 -4.09
CA HIS A 14 10.70 3.12 -4.67
C HIS A 14 9.93 3.97 -5.68
N SER A 15 8.85 4.59 -5.23
CA SER A 15 8.04 5.43 -6.11
C SER A 15 6.99 6.21 -5.31
N VAL A 16 6.14 5.48 -4.59
CA VAL A 16 5.09 6.11 -3.78
C VAL A 16 5.58 7.37 -3.08
N GLY A 17 4.80 8.44 -3.20
CA GLY A 17 5.15 9.71 -2.56
C GLY A 17 4.66 9.78 -1.13
N ALA A 18 5.33 10.60 -0.32
CA ALA A 18 4.95 10.75 1.09
C ALA A 18 3.47 11.11 1.22
N GLY A 19 2.92 11.73 0.19
CA GLY A 19 1.52 12.12 0.21
C GLY A 19 0.59 10.95 -0.01
N THR A 20 0.71 10.32 -1.18
CA THR A 20 -0.13 9.17 -1.52
C THR A 20 -0.27 8.22 -0.34
N ILE A 21 0.80 8.03 0.41
CA ILE A 21 0.79 7.14 1.56
C ILE A 21 -0.37 7.47 2.50
N ASN A 22 -0.38 8.70 3.01
CA ASN A 22 -1.43 9.14 3.93
C ASN A 22 -2.81 8.87 3.36
N ALA A 23 -2.97 9.09 2.06
CA ALA A 23 -4.25 8.87 1.39
C ALA A 23 -4.52 7.39 1.16
N LEU A 24 -3.45 6.62 1.03
CA LEU A 24 -3.56 5.19 0.80
C LEU A 24 -4.00 4.44 2.05
N LEU A 25 -3.22 4.57 3.12
CA LEU A 25 -3.54 3.88 4.37
C LEU A 25 -4.93 4.29 4.86
N ASP A 26 -5.27 5.56 4.65
CA ASP A 26 -6.56 6.08 5.07
C ASP A 26 -7.69 5.26 4.43
N CYS A 27 -7.54 4.98 3.14
CA CYS A 27 -8.53 4.20 2.41
C CYS A 27 -8.62 2.77 2.93
N LEU A 28 -7.48 2.24 3.36
CA LEU A 28 -7.43 0.88 3.89
C LEU A 28 -8.30 0.75 5.14
N LEU A 29 -8.35 1.82 5.93
CA LEU A 29 -9.16 1.81 7.15
C LEU A 29 -10.64 1.77 6.80
N GLU A 30 -11.01 2.51 5.76
CA GLU A 30 -12.40 2.56 5.32
C GLU A 30 -12.90 1.16 4.97
N ASP A 31 -12.03 0.35 4.38
CA ASP A 31 -12.40 -1.01 4.01
C ASP A 31 -12.44 -1.91 5.23
N GLU A 32 -11.73 -1.49 6.28
CA GLU A 32 -11.68 -2.25 7.53
C GLU A 32 -10.89 -3.54 7.35
N VAL A 33 -9.94 -3.53 6.43
CA VAL A 33 -9.12 -4.70 6.16
C VAL A 33 -8.06 -4.87 7.25
N ILE A 34 -7.48 -3.76 7.68
CA ILE A 34 -6.46 -3.77 8.74
C ILE A 34 -7.11 -3.64 10.12
N SER A 35 -6.29 -3.40 11.16
CA SER A 35 -6.79 -3.26 12.53
C SER A 35 -5.95 -2.25 13.31
N GLN A 36 -6.51 -1.77 14.42
CA GLN A 36 -5.81 -0.81 15.26
C GLN A 36 -4.37 -1.24 15.49
N GLU A 37 -4.13 -2.55 15.39
CA GLU A 37 -2.79 -3.09 15.58
C GLU A 37 -1.88 -2.67 14.43
N ASP A 38 -2.26 -3.05 13.22
CA ASP A 38 -1.49 -2.71 12.02
C ASP A 38 -1.48 -1.20 11.80
N MET A 39 -2.66 -0.60 11.85
CA MET A 39 -2.78 0.85 11.66
C MET A 39 -1.71 1.58 12.47
N ASN A 40 -1.41 1.04 13.65
CA ASN A 40 -0.41 1.63 14.52
C ASN A 40 1.00 1.42 13.98
N LYS A 41 1.22 0.27 13.36
CA LYS A 41 2.53 -0.04 12.79
C LYS A 41 3.01 1.06 11.85
N VAL A 42 2.13 1.49 10.93
CA VAL A 42 2.49 2.53 9.98
C VAL A 42 2.56 3.90 10.64
N ARG A 43 1.63 4.16 11.58
CA ARG A 43 1.60 5.44 12.27
C ARG A 43 2.88 5.66 13.07
N ASP A 44 3.48 4.57 13.52
CA ASP A 44 4.71 4.64 14.28
C ASP A 44 5.74 5.54 13.59
N GLU A 45 5.62 5.63 12.26
CA GLU A 45 6.52 6.46 11.48
C GLU A 45 7.98 6.14 11.82
N ASN A 46 8.58 5.25 11.04
CA ASN A 46 9.96 4.86 11.25
C ASN A 46 10.92 5.94 10.77
N ASP A 47 10.90 6.22 9.47
CA ASP A 47 11.77 7.24 8.88
C ASP A 47 11.22 7.71 7.54
N THR A 48 12.13 7.94 6.60
CA THR A 48 11.76 8.40 5.26
C THR A 48 10.65 7.54 4.67
N VAL A 49 10.23 7.88 3.45
CA VAL A 49 9.18 7.14 2.77
C VAL A 49 9.58 5.68 2.55
N MET A 50 10.83 5.47 2.12
CA MET A 50 11.32 4.12 1.87
C MET A 50 10.88 3.16 2.97
N ASP A 51 10.88 3.63 4.21
CA ASP A 51 10.49 2.80 5.35
C ASP A 51 8.97 2.76 5.51
N LYS A 52 8.34 3.94 5.48
CA LYS A 52 6.89 4.02 5.61
C LYS A 52 6.18 3.14 4.59
N ALA A 53 6.81 2.98 3.42
CA ALA A 53 6.25 2.16 2.35
C ALA A 53 6.52 0.68 2.61
N ARG A 54 7.77 0.35 2.88
CA ARG A 54 8.18 -1.02 3.15
C ARG A 54 7.17 -1.73 4.05
N VAL A 55 6.80 -1.08 5.14
CA VAL A 55 5.85 -1.64 6.09
C VAL A 55 4.42 -1.60 5.55
N LEU A 56 4.02 -0.45 5.02
CA LEU A 56 2.68 -0.29 4.48
C LEU A 56 2.32 -1.43 3.53
N ILE A 57 3.14 -1.63 2.51
CA ILE A 57 2.89 -2.69 1.53
C ILE A 57 2.94 -4.06 2.18
N ASP A 58 3.76 -4.19 3.23
CA ASP A 58 3.89 -5.47 3.93
C ASP A 58 2.61 -5.85 4.65
N LEU A 59 2.02 -4.88 5.36
CA LEU A 59 0.78 -5.12 6.11
C LEU A 59 -0.33 -5.60 5.18
N VAL A 60 -0.56 -4.88 4.09
CA VAL A 60 -1.61 -5.22 3.14
C VAL A 60 -1.55 -6.71 2.81
N THR A 61 -0.41 -7.18 2.36
CA THR A 61 -0.24 -8.59 2.00
C THR A 61 -0.55 -9.48 3.20
N GLY A 62 0.04 -9.15 4.35
CA GLY A 62 -0.19 -9.92 5.55
C GLY A 62 -1.65 -10.29 5.73
N LYS A 63 -2.54 -9.32 5.51
CA LYS A 63 -3.97 -9.56 5.65
C LYS A 63 -4.51 -10.30 4.44
N GLY A 64 -3.65 -11.13 3.84
CA GLY A 64 -4.04 -11.90 2.67
C GLY A 64 -4.01 -11.08 1.40
N PRO A 65 -3.99 -11.73 0.23
CA PRO A 65 -3.95 -11.04 -1.06
C PRO A 65 -5.30 -10.43 -1.43
N LYS A 66 -6.34 -10.84 -0.70
CA LYS A 66 -7.68 -10.33 -0.95
C LYS A 66 -7.69 -8.81 -0.81
N SER A 67 -6.69 -8.29 -0.10
CA SER A 67 -6.56 -6.86 0.11
C SER A 67 -5.97 -6.19 -1.12
N CYS A 68 -5.11 -6.92 -1.82
CA CYS A 68 -4.46 -6.40 -3.02
C CYS A 68 -5.48 -5.71 -3.94
N CYS A 69 -6.56 -6.42 -4.24
CA CYS A 69 -7.60 -5.88 -5.12
C CYS A 69 -7.96 -4.45 -4.71
N LYS A 70 -8.25 -4.25 -3.43
CA LYS A 70 -8.61 -2.93 -2.93
C LYS A 70 -7.41 -1.99 -2.91
N PHE A 71 -6.22 -2.56 -2.86
CA PHE A 71 -4.99 -1.77 -2.84
C PHE A 71 -4.71 -1.15 -4.20
N ILE A 72 -4.71 -1.99 -5.24
CA ILE A 72 -4.44 -1.54 -6.60
C ILE A 72 -5.50 -0.53 -7.06
N LYS A 73 -6.71 -0.67 -6.53
CA LYS A 73 -7.80 0.22 -6.90
C LYS A 73 -7.66 1.58 -6.22
N HIS A 74 -7.53 1.56 -4.89
CA HIS A 74 -7.37 2.80 -4.14
C HIS A 74 -6.16 3.58 -4.63
N LEU A 75 -5.19 2.85 -5.17
CA LEU A 75 -3.97 3.47 -5.68
C LEU A 75 -4.23 4.15 -7.03
N CYS A 76 -5.15 3.57 -7.81
CA CYS A 76 -5.48 4.11 -9.12
C CYS A 76 -6.04 5.53 -9.01
N GLU A 77 -6.88 5.76 -8.01
CA GLU A 77 -7.48 7.08 -7.81
C GLU A 77 -6.54 8.04 -7.10
N GLU A 78 -5.63 7.50 -6.29
CA GLU A 78 -4.67 8.32 -5.53
C GLU A 78 -3.48 8.75 -6.41
N ASP A 79 -2.82 7.76 -7.03
CA ASP A 79 -1.64 8.01 -7.89
C ASP A 79 -1.77 7.29 -9.23
N PRO A 80 -2.59 7.84 -10.15
CA PRO A 80 -2.79 7.26 -11.48
C PRO A 80 -1.47 6.97 -12.19
N GLN A 81 -0.45 7.77 -11.89
CA GLN A 81 0.86 7.61 -12.50
C GLN A 81 1.46 6.25 -12.14
N LEU A 82 1.84 6.10 -10.88
CA LEU A 82 2.42 4.85 -10.41
C LEU A 82 1.47 3.69 -10.70
N ALA A 83 0.18 4.00 -10.72
CA ALA A 83 -0.84 3.00 -10.99
C ALA A 83 -0.67 2.39 -12.37
N SER A 84 0.20 3.00 -13.17
CA SER A 84 0.45 2.51 -14.52
C SER A 84 1.19 1.18 -14.47
N LYS A 85 2.27 1.13 -13.68
CA LYS A 85 3.06 -0.08 -13.53
C LYS A 85 2.39 -1.02 -12.53
N MET A 86 1.15 -0.70 -12.18
CA MET A 86 0.36 -1.49 -11.23
C MET A 86 -1.13 -1.48 -11.62
N GLY A 87 -1.41 -1.03 -12.84
CA GLY A 87 -2.79 -0.95 -13.35
C GLY A 87 -3.00 -1.87 -14.54
N LEU A 88 -2.61 -3.13 -14.38
CA LEU A 88 -2.74 -4.14 -15.43
C LEU A 88 -3.98 -3.90 -16.30
N HIS A 89 -5.04 -3.41 -15.68
CA HIS A 89 -6.28 -3.13 -16.39
C HIS A 89 -6.02 -2.31 -17.65
N ALA A 1 -0.39 -18.21 -7.51
CA ALA A 1 -1.22 -17.46 -8.45
C ALA A 1 -1.65 -16.12 -7.85
N ASP A 2 -0.88 -15.63 -6.87
CA ASP A 2 -1.18 -14.37 -6.22
C ASP A 2 0.05 -13.84 -5.47
N GLN A 3 0.83 -13.02 -6.16
CA GLN A 3 2.05 -12.44 -5.58
C GLN A 3 2.42 -11.14 -6.29
N LEU A 4 1.41 -10.32 -6.57
CA LEU A 4 1.62 -9.04 -7.24
C LEU A 4 2.56 -8.15 -6.43
N LEU A 5 2.11 -7.74 -5.25
CA LEU A 5 2.91 -6.88 -4.39
C LEU A 5 4.36 -7.38 -4.33
N ARG A 6 4.54 -8.65 -4.00
CA ARG A 6 5.86 -9.26 -3.91
C ARG A 6 6.80 -8.74 -4.99
N LYS A 7 6.43 -8.97 -6.25
CA LYS A 7 7.24 -8.51 -7.37
C LYS A 7 7.20 -6.99 -7.50
N LYS A 8 6.02 -6.41 -7.29
CA LYS A 8 5.83 -4.97 -7.38
C LYS A 8 6.22 -4.29 -6.07
N ARG A 9 7.07 -4.96 -5.29
CA ARG A 9 7.51 -4.42 -4.01
C ARG A 9 8.55 -3.32 -4.21
N ARG A 10 9.51 -3.58 -5.09
CA ARG A 10 10.57 -2.62 -5.37
C ARG A 10 10.02 -1.39 -6.10
N ILE A 11 8.94 -1.60 -6.84
CA ILE A 11 8.32 -0.51 -7.60
C ILE A 11 7.55 0.45 -6.67
N PHE A 12 6.47 -0.03 -6.09
CA PHE A 12 5.65 0.79 -5.19
C PHE A 12 6.51 1.48 -4.14
N ILE A 13 7.25 0.69 -3.38
CA ILE A 13 8.11 1.23 -2.32
C ILE A 13 8.93 2.42 -2.83
N HIS A 14 9.61 2.23 -3.97
CA HIS A 14 10.43 3.29 -4.57
C HIS A 14 9.63 4.12 -5.57
N SER A 15 8.51 4.67 -5.13
CA SER A 15 7.67 5.49 -5.98
C SER A 15 6.61 6.24 -5.19
N VAL A 16 5.79 5.50 -4.45
CA VAL A 16 4.72 6.10 -3.64
C VAL A 16 5.19 7.39 -2.97
N GLY A 17 4.45 8.47 -3.20
CA GLY A 17 4.79 9.76 -2.61
C GLY A 17 4.28 9.90 -1.19
N ALA A 18 5.03 10.60 -0.36
CA ALA A 18 4.66 10.82 1.03
C ALA A 18 3.17 11.15 1.16
N GLY A 19 2.61 11.75 0.12
CA GLY A 19 1.20 12.12 0.14
C GLY A 19 0.29 10.93 -0.06
N THR A 20 0.38 10.31 -1.24
CA THR A 20 -0.45 9.16 -1.56
C THR A 20 -0.55 8.20 -0.38
N ILE A 21 0.53 8.07 0.37
CA ILE A 21 0.56 7.18 1.52
C ILE A 21 -0.60 7.44 2.48
N ASN A 22 -0.65 8.66 3.01
CA ASN A 22 -1.70 9.03 3.94
C ASN A 22 -3.09 8.76 3.37
N ALA A 23 -3.25 9.00 2.07
CA ALA A 23 -4.53 8.78 1.40
C ALA A 23 -4.77 7.30 1.13
N LEU A 24 -3.69 6.54 1.00
CA LEU A 24 -3.79 5.11 0.73
C LEU A 24 -4.20 4.35 1.98
N LEU A 25 -3.40 4.47 3.04
CA LEU A 25 -3.69 3.77 4.29
C LEU A 25 -5.04 4.21 4.84
N ASP A 26 -5.43 5.43 4.52
CA ASP A 26 -6.70 5.97 4.96
C ASP A 26 -7.85 5.15 4.40
N CYS A 27 -7.78 4.87 3.09
CA CYS A 27 -8.82 4.09 2.43
C CYS A 27 -8.88 2.68 3.01
N LEU A 28 -7.71 2.08 3.25
CA LEU A 28 -7.63 0.74 3.80
C LEU A 28 -8.50 0.63 5.06
N LEU A 29 -8.38 1.62 5.94
CA LEU A 29 -9.15 1.64 7.17
C LEU A 29 -10.65 1.56 6.85
N GLU A 30 -11.07 2.30 5.84
CA GLU A 30 -12.46 2.31 5.43
C GLU A 30 -12.99 0.89 5.26
N ASP A 31 -12.15 0.03 4.67
CA ASP A 31 -12.52 -1.36 4.45
C ASP A 31 -12.43 -2.16 5.75
N GLU A 32 -11.73 -1.60 6.73
CA GLU A 32 -11.56 -2.25 8.02
C GLU A 32 -10.71 -3.51 7.90
N VAL A 33 -9.77 -3.50 6.96
CA VAL A 33 -8.90 -4.65 6.74
C VAL A 33 -7.82 -4.74 7.81
N ILE A 34 -7.17 -3.61 8.12
CA ILE A 34 -6.12 -3.55 9.13
C ILE A 34 -6.71 -3.27 10.51
N SER A 35 -5.98 -3.68 11.55
CA SER A 35 -6.41 -3.49 12.95
C SER A 35 -5.67 -2.30 13.56
N GLN A 36 -6.23 -1.75 14.62
CA GLN A 36 -5.60 -0.62 15.30
C GLN A 36 -4.12 -0.92 15.54
N GLU A 37 -3.80 -2.20 15.64
CA GLU A 37 -2.42 -2.63 15.87
C GLU A 37 -1.57 -2.38 14.62
N ASP A 38 -2.05 -2.84 13.47
CA ASP A 38 -1.33 -2.65 12.22
C ASP A 38 -1.28 -1.17 11.86
N MET A 39 -2.38 -0.47 12.13
CA MET A 39 -2.45 0.95 11.85
C MET A 39 -1.31 1.67 12.57
N ASN A 40 -0.90 1.10 13.70
CA ASN A 40 0.18 1.68 14.50
C ASN A 40 1.53 1.46 13.81
N LYS A 41 1.74 0.26 13.26
CA LYS A 41 3.00 -0.04 12.60
C LYS A 41 3.37 1.07 11.62
N VAL A 42 2.42 1.47 10.78
CA VAL A 42 2.66 2.53 9.81
C VAL A 42 2.72 3.89 10.47
N ARG A 43 1.68 4.22 11.25
CA ARG A 43 1.62 5.50 11.93
C ARG A 43 2.85 5.72 12.82
N ASP A 44 3.60 4.64 13.02
CA ASP A 44 4.81 4.70 13.84
C ASP A 44 5.85 5.63 13.21
N GLU A 45 5.63 5.99 11.95
CA GLU A 45 6.54 6.88 11.24
C GLU A 45 8.00 6.48 11.49
N ASN A 46 8.36 5.28 11.03
CA ASN A 46 9.71 4.77 11.20
C ASN A 46 10.74 5.80 10.73
N ASP A 47 10.74 6.08 9.43
CA ASP A 47 11.67 7.03 8.85
C ASP A 47 11.15 7.55 7.51
N THR A 48 12.07 7.74 6.57
CA THR A 48 11.71 8.22 5.24
C THR A 48 10.66 7.34 4.59
N VAL A 49 10.01 7.85 3.55
CA VAL A 49 8.99 7.09 2.84
C VAL A 49 9.44 5.66 2.58
N MET A 50 10.74 5.48 2.39
CA MET A 50 11.30 4.16 2.12
C MET A 50 10.86 3.17 3.19
N ASP A 51 10.86 3.62 4.45
CA ASP A 51 10.48 2.78 5.59
C ASP A 51 8.96 2.74 5.75
N LYS A 52 8.32 3.90 5.62
CA LYS A 52 6.87 3.99 5.77
C LYS A 52 6.15 3.11 4.75
N ALA A 53 6.71 3.04 3.55
CA ALA A 53 6.12 2.24 2.48
C ALA A 53 6.41 0.75 2.67
N ARG A 54 7.62 0.45 3.13
CA ARG A 54 8.04 -0.94 3.36
C ARG A 54 7.00 -1.71 4.17
N VAL A 55 6.65 -1.16 5.33
CA VAL A 55 5.67 -1.81 6.20
C VAL A 55 4.26 -1.75 5.63
N LEU A 56 3.91 -0.62 5.02
CA LEU A 56 2.57 -0.44 4.45
C LEU A 56 2.24 -1.56 3.48
N ILE A 57 3.04 -1.70 2.42
CA ILE A 57 2.79 -2.72 1.42
C ILE A 57 2.76 -4.12 2.03
N ASP A 58 3.68 -4.39 2.96
CA ASP A 58 3.75 -5.69 3.60
C ASP A 58 2.46 -5.97 4.39
N LEU A 59 2.16 -5.12 5.35
CA LEU A 59 0.97 -5.27 6.18
C LEU A 59 -0.24 -5.70 5.36
N VAL A 60 -0.43 -5.04 4.21
CA VAL A 60 -1.55 -5.35 3.33
C VAL A 60 -1.52 -6.82 2.92
N THR A 61 -0.50 -7.19 2.16
CA THR A 61 -0.36 -8.57 1.69
C THR A 61 -0.63 -9.57 2.81
N GLY A 62 0.00 -9.36 3.96
CA GLY A 62 -0.19 -10.25 5.09
C GLY A 62 -1.64 -10.63 5.29
N LYS A 63 -2.53 -9.64 5.14
CA LYS A 63 -3.97 -9.88 5.31
C LYS A 63 -4.56 -10.58 4.10
N GLY A 64 -3.73 -11.36 3.41
CA GLY A 64 -4.19 -12.08 2.23
C GLY A 64 -4.27 -11.20 1.00
N PRO A 65 -4.53 -11.79 -0.17
CA PRO A 65 -4.63 -11.05 -1.43
C PRO A 65 -5.97 -10.32 -1.56
N LYS A 66 -6.92 -10.68 -0.72
CA LYS A 66 -8.23 -10.05 -0.74
C LYS A 66 -8.12 -8.55 -0.53
N SER A 67 -7.05 -8.15 0.16
CA SER A 67 -6.80 -6.74 0.44
C SER A 67 -6.17 -6.04 -0.76
N CYS A 68 -5.41 -6.79 -1.55
CA CYS A 68 -4.74 -6.24 -2.72
C CYS A 68 -5.73 -5.53 -3.64
N CYS A 69 -6.84 -6.20 -3.95
CA CYS A 69 -7.87 -5.64 -4.82
C CYS A 69 -8.13 -4.18 -4.49
N LYS A 70 -8.26 -3.87 -3.21
CA LYS A 70 -8.51 -2.50 -2.76
C LYS A 70 -7.25 -1.66 -2.82
N PHE A 71 -6.10 -2.32 -2.70
CA PHE A 71 -4.81 -1.63 -2.73
C PHE A 71 -4.51 -1.09 -4.12
N ILE A 72 -4.56 -1.97 -5.12
CA ILE A 72 -4.28 -1.59 -6.50
C ILE A 72 -5.29 -0.56 -7.02
N LYS A 73 -6.53 -0.70 -6.59
CA LYS A 73 -7.60 0.22 -7.01
C LYS A 73 -7.45 1.58 -6.34
N HIS A 74 -7.64 1.60 -5.02
CA HIS A 74 -7.53 2.84 -4.26
C HIS A 74 -6.31 3.64 -4.69
N LEU A 75 -5.30 2.94 -5.20
CA LEU A 75 -4.07 3.59 -5.65
C LEU A 75 -4.27 4.27 -7.00
N CYS A 76 -4.72 3.51 -7.98
CA CYS A 76 -4.95 4.04 -9.32
C CYS A 76 -5.61 5.41 -9.28
N GLU A 77 -6.45 5.63 -8.26
CA GLU A 77 -7.14 6.90 -8.11
C GLU A 77 -6.24 7.98 -7.51
N GLU A 78 -5.51 7.62 -6.47
CA GLU A 78 -4.61 8.56 -5.80
C GLU A 78 -3.39 8.88 -6.66
N ASP A 79 -2.68 7.83 -7.10
CA ASP A 79 -1.47 7.97 -7.93
C ASP A 79 -1.63 7.26 -9.28
N PRO A 80 -2.00 7.97 -10.38
CA PRO A 80 -2.18 7.34 -11.68
C PRO A 80 -0.86 7.18 -12.42
N GLN A 81 0.18 7.85 -11.93
CA GLN A 81 1.50 7.78 -12.54
C GLN A 81 2.16 6.45 -12.19
N LEU A 82 2.32 6.19 -10.90
CA LEU A 82 2.93 4.95 -10.43
C LEU A 82 2.04 3.77 -10.81
N ALA A 83 0.75 3.91 -10.53
CA ALA A 83 -0.21 2.86 -10.85
C ALA A 83 -0.06 2.41 -12.29
N SER A 84 0.71 3.17 -13.06
CA SER A 84 0.94 2.85 -14.46
C SER A 84 1.52 1.45 -14.59
N LYS A 85 2.42 1.12 -13.66
CA LYS A 85 3.05 -0.19 -13.64
C LYS A 85 2.12 -1.21 -13.00
N MET A 86 1.33 -0.75 -12.02
CA MET A 86 0.37 -1.61 -11.32
C MET A 86 -0.99 -1.58 -12.01
N GLY A 87 -1.02 -0.95 -13.19
CA GLY A 87 -2.25 -0.84 -13.97
C GLY A 87 -2.37 -1.97 -14.96
N LEU A 88 -2.00 -3.17 -14.53
CA LEU A 88 -2.04 -4.37 -15.36
C LEU A 88 -3.26 -4.35 -16.30
N HIS A 89 -4.42 -4.01 -15.73
CA HIS A 89 -5.67 -3.93 -16.50
C HIS A 89 -5.84 -2.55 -17.12
#